data_3OP5
#
_entry.id   3OP5
#
_cell.length_a   92.970
_cell.length_b   97.190
_cell.length_c   191.990
_cell.angle_alpha   90.00
_cell.angle_beta   90.00
_cell.angle_gamma   90.00
#
_symmetry.space_group_name_H-M   'P 21 21 21'
#
loop_
_entity.id
_entity.type
_entity.pdbx_description
1 polymer 'Serine/threonine-protein kinase VRK1'
2 non-polymer [4-({4-[(5-cyclopropyl-1H-pyrazol-3-yl)amino]pyrimidin-2-yl}amino)phenyl]acetonitrile
3 non-polymer 1,2-ETHANEDIOL
4 non-polymer GLYCEROL
5 water water
#
_entity_poly.entity_id   1
_entity_poly.type   'polypeptide(L)'
_entity_poly.pdbx_seq_one_letter_code
;SMRVKAAQAGRQSSAKRHLAEQFAVGEIITDMAAAAWKVGLPIGQGGFGCIYLADMNSSESVGSDAPCVVKVEPSDNGPL
FTELKFYQRAAKPEQIQKWIRTRKLKYLGVPKYWGSGLHDKNGKSYRFMIMDRFGSDLQKIYEANAKRFSRKTVLQLSLR
ILDILEYIHEHEYVHGDIKASNLLLNYKNPDQVYLVDYGLAYRYCPEGVHKAYAADPKRCHDGTIEFTSIDAHNGVAPSR
RGDLEILGYCMIQWLTGHLPWEDNLKDPKYVRDSKIRYRENIASLMDKCFPAANAPGEIAKYMETVKLLDYTEKPLYENL
RDILLQGLKAIGSKDDGKLDLSVVENGGLKAKTITKKRAAEIEE
;
_entity_poly.pdbx_strand_id   A,B,C,D
#
loop_
_chem_comp.id
_chem_comp.type
_chem_comp.name
_chem_comp.formula
EDO non-polymer 1,2-ETHANEDIOL 'C2 H6 O2'
GOL non-polymer GLYCEROL 'C3 H8 O3'
REB non-polymer [4-({4-[(5-cyclopropyl-1H-pyrazol-3-yl)amino]pyrimidin-2-yl}amino)phenyl]acetonitrile 'C18 H17 N7'
#
# COMPACT_ATOMS: atom_id res chain seq x y z
N GLU A 21 16.03 -52.57 31.43
CA GLU A 21 17.30 -52.56 30.71
C GLU A 21 17.41 -53.81 29.83
N GLN A 22 17.16 -53.60 28.53
CA GLN A 22 17.09 -54.58 27.46
C GLN A 22 18.26 -55.57 27.42
N PHE A 23 19.52 -55.12 27.61
CA PHE A 23 20.68 -56.01 27.53
C PHE A 23 21.63 -55.94 28.71
N ALA A 24 22.56 -56.90 28.74
CA ALA A 24 23.67 -57.02 29.67
C ALA A 24 24.97 -56.65 28.93
N VAL A 25 25.95 -56.05 29.63
CA VAL A 25 27.24 -55.69 29.02
C VAL A 25 27.99 -57.00 28.77
N GLY A 26 28.16 -57.33 27.49
CA GLY A 26 28.82 -58.57 27.07
C GLY A 26 27.86 -59.57 26.44
N GLU A 27 26.54 -59.25 26.41
CA GLU A 27 25.50 -60.10 25.83
C GLU A 27 25.70 -60.20 24.31
N ILE A 28 25.52 -61.42 23.78
CA ILE A 28 25.64 -61.67 22.34
C ILE A 28 24.24 -61.73 21.72
N ILE A 29 24.00 -60.85 20.75
CA ILE A 29 22.74 -60.76 20.00
C ILE A 29 22.99 -61.12 18.53
N THR A 30 22.01 -61.80 17.90
CA THR A 30 22.10 -62.25 16.50
C THR A 30 21.00 -61.57 15.70
N ASP A 31 21.38 -60.97 14.55
CA ASP A 31 20.44 -60.24 13.70
C ASP A 31 19.74 -61.18 12.69
N MET A 32 18.88 -60.63 11.82
CA MET A 32 18.14 -61.41 10.81
C MET A 32 19.04 -62.07 9.75
N ALA A 33 20.24 -61.53 9.52
CA ALA A 33 21.23 -62.07 8.58
C ALA A 33 22.17 -63.09 9.28
N ALA A 34 21.85 -63.46 10.54
CA ALA A 34 22.55 -64.41 11.41
C ALA A 34 23.96 -63.89 11.82
N ALA A 35 24.18 -62.57 11.72
CA ALA A 35 25.43 -61.92 12.15
C ALA A 35 25.40 -61.72 13.66
N ALA A 36 26.47 -62.13 14.35
CA ALA A 36 26.56 -62.02 15.80
C ALA A 36 27.20 -60.68 16.23
N TRP A 37 26.61 -60.05 17.24
CA TRP A 37 27.06 -58.78 17.79
C TRP A 37 27.17 -58.87 19.29
N LYS A 38 28.17 -58.19 19.87
CA LYS A 38 28.39 -58.14 21.31
C LYS A 38 28.01 -56.75 21.79
N VAL A 39 27.21 -56.70 22.86
CA VAL A 39 26.71 -55.47 23.45
C VAL A 39 27.72 -54.97 24.51
N GLY A 40 27.97 -53.65 24.48
CA GLY A 40 28.84 -52.97 25.41
C GLY A 40 28.08 -52.12 26.42
N LEU A 41 28.68 -50.99 26.83
CA LEU A 41 28.12 -50.07 27.81
C LEU A 41 26.99 -49.20 27.25
N PRO A 42 25.95 -48.87 28.09
CA PRO A 42 24.90 -47.95 27.61
C PRO A 42 25.45 -46.54 27.47
N ILE A 43 25.06 -45.85 26.40
CA ILE A 43 25.51 -44.48 26.12
C ILE A 43 24.30 -43.56 25.82
N GLY A 44 23.08 -44.14 25.82
CA GLY A 44 21.82 -43.43 25.61
C GLY A 44 21.58 -42.41 26.71
N GLN A 45 21.59 -41.12 26.34
CA GLN A 45 21.47 -39.99 27.28
C GLN A 45 20.01 -39.68 27.65
N GLY A 46 19.69 -39.83 28.94
CA GLY A 46 18.38 -39.57 29.53
C GLY A 46 17.22 -40.33 28.92
N PHE A 48 16.14 -39.19 25.48
CA PHE A 48 16.50 -39.88 24.24
C PHE A 48 16.27 -41.41 24.36
N GLY A 49 16.61 -42.15 23.30
CA GLY A 49 16.41 -43.60 23.21
C GLY A 49 17.35 -44.51 23.98
N CYS A 50 17.12 -45.84 23.86
CA CYS A 50 17.88 -46.91 24.50
C CYS A 50 19.03 -47.35 23.55
N ILE A 51 20.25 -46.85 23.82
CA ILE A 51 21.42 -47.07 22.96
C ILE A 51 22.61 -47.57 23.78
N TYR A 52 23.29 -48.61 23.28
CA TYR A 52 24.50 -49.23 23.86
C TYR A 52 25.62 -49.22 22.83
N LEU A 53 26.88 -49.32 23.29
CA LEU A 53 28.01 -49.49 22.39
C LEU A 53 27.96 -50.94 21.89
N ALA A 54 28.42 -51.17 20.66
CA ALA A 54 28.39 -52.51 20.09
C ALA A 54 29.56 -52.75 19.16
N ASP A 55 29.84 -54.03 18.90
CA ASP A 55 30.88 -54.48 17.98
C ASP A 55 30.56 -55.89 17.55
N MET A 56 31.34 -56.38 16.57
CA MET A 56 31.31 -57.74 16.05
C MET A 56 31.69 -58.66 17.21
N ASN A 57 30.97 -59.80 17.36
CA ASN A 57 31.20 -60.81 18.41
C ASN A 57 32.63 -61.37 18.34
N SER A 58 33.33 -61.35 19.48
CA SER A 58 34.70 -61.84 19.64
C SER A 58 34.96 -62.23 21.10
N SER A 59 36.16 -62.80 21.37
CA SER A 59 36.61 -63.21 22.70
C SER A 59 36.78 -62.00 23.63
N GLU A 60 37.18 -60.85 23.04
CA GLU A 60 37.39 -59.58 23.74
C GLU A 60 36.06 -58.86 24.02
N SER A 61 35.99 -58.14 25.15
CA SER A 61 34.82 -57.35 25.53
C SER A 61 34.69 -56.12 24.63
N VAL A 62 33.50 -55.49 24.60
CA VAL A 62 33.29 -54.30 23.78
C VAL A 62 33.87 -53.10 24.54
N GLY A 63 34.84 -52.43 23.90
CA GLY A 63 35.57 -51.31 24.47
C GLY A 63 34.91 -49.95 24.30
N SER A 64 35.58 -48.91 24.82
CA SER A 64 35.13 -47.52 24.73
C SER A 64 35.31 -46.99 23.30
N ASP A 65 36.20 -47.64 22.51
CA ASP A 65 36.53 -47.31 21.12
C ASP A 65 35.64 -48.09 20.11
N ALA A 66 34.52 -48.71 20.59
CA ALA A 66 33.56 -49.50 19.79
C ALA A 66 33.14 -48.80 18.49
N PRO A 67 33.17 -49.50 17.33
CA PRO A 67 32.82 -48.84 16.06
C PRO A 67 31.32 -48.78 15.76
N CYS A 68 30.50 -49.51 16.54
CA CYS A 68 29.05 -49.56 16.34
C CYS A 68 28.28 -49.19 17.59
N VAL A 69 26.98 -48.95 17.39
CA VAL A 69 25.99 -48.77 18.45
C VAL A 69 24.80 -49.69 18.15
N VAL A 70 24.10 -50.12 19.22
CA VAL A 70 22.87 -50.88 19.05
C VAL A 70 21.74 -50.00 19.63
N LYS A 71 20.71 -49.75 18.81
CA LYS A 71 19.52 -49.01 19.21
C LYS A 71 18.40 -50.02 19.46
N VAL A 72 17.73 -49.95 20.62
CA VAL A 72 16.67 -50.88 21.04
C VAL A 72 15.39 -50.16 21.42
N GLU A 73 14.25 -50.70 20.97
CA GLU A 73 12.92 -50.21 21.29
C GLU A 73 11.94 -51.41 21.29
N PRO A 74 10.77 -51.34 21.95
CA PRO A 74 9.80 -52.44 21.81
C PRO A 74 9.37 -52.60 20.33
N SER A 75 9.06 -53.83 19.91
CA SER A 75 8.64 -54.17 18.54
C SER A 75 7.50 -53.26 18.01
N ASP A 76 6.59 -52.81 18.89
CA ASP A 76 5.43 -51.99 18.52
C ASP A 76 5.77 -50.50 18.33
N ASN A 77 7.05 -50.11 18.49
CA ASN A 77 7.47 -48.72 18.34
C ASN A 77 7.42 -48.29 16.86
N GLY A 78 6.65 -47.22 16.62
CA GLY A 78 6.46 -46.61 15.32
C GLY A 78 7.73 -45.99 14.76
N PRO A 79 8.39 -45.02 15.47
CA PRO A 79 9.60 -44.39 14.91
C PRO A 79 10.75 -45.35 14.64
N LEU A 80 10.94 -46.43 15.44
CA LEU A 80 12.04 -47.36 15.17
C LEU A 80 11.77 -48.13 13.86
N PHE A 81 10.49 -48.43 13.56
CA PHE A 81 10.10 -49.09 12.31
C PHE A 81 10.35 -48.16 11.11
N THR A 82 10.00 -46.85 11.23
CA THR A 82 10.20 -45.83 10.20
C THR A 82 11.70 -45.67 9.96
N GLU A 83 12.50 -45.58 11.04
CA GLU A 83 13.96 -45.41 10.99
C GLU A 83 14.63 -46.63 10.36
N LEU A 84 14.20 -47.84 10.76
CA LEU A 84 14.72 -49.10 10.23
C LEU A 84 14.45 -49.20 8.73
N LYS A 85 13.23 -48.85 8.29
CA LYS A 85 12.83 -48.87 6.88
C LYS A 85 13.69 -47.90 6.06
N PHE A 86 14.00 -46.69 6.58
CA PHE A 86 14.85 -45.73 5.90
C PHE A 86 16.25 -46.33 5.66
N TYR A 87 16.88 -46.84 6.74
CA TYR A 87 18.23 -47.41 6.74
C TYR A 87 18.33 -48.66 5.84
N GLN A 88 17.30 -49.52 5.85
CA GLN A 88 17.26 -50.71 5.00
C GLN A 88 17.15 -50.36 3.54
N ARG A 89 16.35 -49.32 3.21
CA ARG A 89 16.10 -48.88 1.85
C ARG A 89 17.18 -47.99 1.25
N ALA A 90 17.71 -47.04 2.06
CA ALA A 90 18.60 -46.00 1.56
C ALA A 90 20.02 -45.99 2.17
N ALA A 91 20.30 -46.74 3.26
CA ALA A 91 21.62 -46.64 3.89
C ALA A 91 22.39 -47.98 3.99
N LYS A 92 22.26 -48.83 2.96
CA LYS A 92 23.04 -50.08 2.92
C LYS A 92 24.50 -49.71 2.65
N PRO A 93 25.52 -50.29 3.36
CA PRO A 93 26.92 -49.85 3.15
C PRO A 93 27.38 -49.75 1.69
N GLU A 94 27.04 -50.74 0.83
CA GLU A 94 27.44 -50.75 -0.58
C GLU A 94 26.71 -49.66 -1.39
N GLN A 95 25.46 -49.33 -1.01
CA GLN A 95 24.63 -48.27 -1.61
C GLN A 95 25.31 -46.91 -1.45
N ILE A 96 25.82 -46.62 -0.23
CA ILE A 96 26.48 -45.38 0.15
C ILE A 96 27.84 -45.28 -0.56
N GLN A 97 28.63 -46.37 -0.54
CA GLN A 97 29.96 -46.41 -1.16
C GLN A 97 29.90 -46.21 -2.67
N LYS A 98 28.89 -46.81 -3.35
CA LYS A 98 28.70 -46.65 -4.79
C LYS A 98 28.43 -45.17 -5.12
N TRP A 99 27.60 -44.49 -4.31
CA TRP A 99 27.27 -43.06 -4.44
C TRP A 99 28.51 -42.19 -4.21
N ILE A 100 29.29 -42.47 -3.14
CA ILE A 100 30.51 -41.74 -2.80
C ILE A 100 31.46 -41.77 -4.00
N ARG A 101 31.67 -42.97 -4.58
CA ARG A 101 32.53 -43.23 -5.73
C ARG A 101 32.08 -42.47 -6.98
N THR A 102 30.81 -42.66 -7.38
CA THR A 102 30.19 -42.06 -8.58
C THR A 102 30.15 -40.52 -8.50
N ARG A 103 29.77 -39.95 -7.33
CA ARG A 103 29.69 -38.49 -7.09
C ARG A 103 31.06 -37.88 -6.73
N LYS A 104 32.12 -38.72 -6.63
CA LYS A 104 33.51 -38.34 -6.32
C LYS A 104 33.59 -37.54 -4.98
N LEU A 105 32.88 -38.01 -3.94
CA LEU A 105 32.86 -37.39 -2.61
C LEU A 105 33.96 -37.97 -1.73
N LYS A 106 34.41 -37.21 -0.71
CA LYS A 106 35.42 -37.70 0.23
C LYS A 106 34.76 -38.68 1.20
N TYR A 107 33.50 -38.41 1.56
CA TYR A 107 32.65 -39.21 2.44
C TYR A 107 31.19 -38.77 2.23
N LEU A 108 30.24 -39.46 2.89
CA LEU A 108 28.82 -39.10 2.87
C LEU A 108 28.29 -39.24 4.30
N GLY A 109 27.75 -38.15 4.82
CA GLY A 109 27.25 -38.10 6.18
C GLY A 109 25.94 -38.80 6.49
N VAL A 110 25.71 -39.94 5.85
CA VAL A 110 24.55 -40.80 6.10
C VAL A 110 25.09 -41.99 6.92
N PRO A 111 24.58 -42.25 8.15
CA PRO A 111 25.11 -43.37 8.94
C PRO A 111 24.85 -44.71 8.28
N LYS A 112 25.80 -45.64 8.34
CA LYS A 112 25.63 -46.93 7.69
C LYS A 112 24.81 -47.89 8.56
N TYR A 113 23.99 -48.72 7.88
CA TYR A 113 23.12 -49.74 8.46
C TYR A 113 23.89 -51.08 8.47
N TRP A 114 24.05 -51.72 9.65
CA TRP A 114 24.84 -52.96 9.73
C TRP A 114 24.02 -54.18 10.05
N GLY A 115 22.78 -54.00 10.46
CA GLY A 115 21.96 -55.15 10.77
C GLY A 115 20.85 -54.84 11.72
N SER A 116 19.88 -55.74 11.75
CA SER A 116 18.70 -55.58 12.57
C SER A 116 18.16 -56.92 12.96
N GLY A 117 17.48 -56.96 14.08
CA GLY A 117 16.88 -58.21 14.55
C GLY A 117 15.84 -58.04 15.62
N LEU A 118 15.54 -59.15 16.29
CA LEU A 118 14.57 -59.20 17.36
C LEU A 118 15.19 -59.82 18.58
N HIS A 119 14.83 -59.28 19.73
CA HIS A 119 15.34 -59.71 21.03
C HIS A 119 14.20 -59.73 22.04
N ASP A 120 14.16 -60.78 22.86
CA ASP A 120 13.14 -60.91 23.91
C ASP A 120 13.74 -60.68 25.29
N LYS A 121 12.99 -59.96 26.15
CA LYS A 121 13.34 -59.69 27.54
C LYS A 121 12.07 -59.69 28.37
N ASN A 122 11.95 -60.68 29.30
CA ASN A 122 10.83 -60.91 30.24
C ASN A 122 9.49 -61.08 29.48
N GLY A 123 9.50 -61.88 28.42
CA GLY A 123 8.32 -62.15 27.62
C GLY A 123 8.05 -61.18 26.50
N LYS A 124 8.32 -59.87 26.72
CA LYS A 124 8.13 -58.80 25.72
C LYS A 124 9.17 -58.89 24.59
N SER A 125 8.76 -58.50 23.35
CA SER A 125 9.61 -58.51 22.16
C SER A 125 10.13 -57.10 21.83
N TYR A 126 11.43 -57.01 21.50
CA TYR A 126 12.14 -55.77 21.19
C TYR A 126 12.85 -55.84 19.85
N ARG A 127 12.86 -54.72 19.15
CA ARG A 127 13.52 -54.52 17.87
C ARG A 127 14.86 -53.80 18.08
N PHE A 128 15.94 -54.30 17.47
CA PHE A 128 17.24 -53.64 17.55
C PHE A 128 17.84 -53.37 16.15
N MET A 129 18.68 -52.32 16.05
CA MET A 129 19.39 -51.90 14.84
C MET A 129 20.84 -51.67 15.15
N ILE A 130 21.74 -52.16 14.30
CA ILE A 130 23.17 -51.90 14.45
C ILE A 130 23.54 -50.78 13.48
N MET A 131 24.16 -49.72 13.99
CA MET A 131 24.56 -48.58 13.18
C MET A 131 25.93 -48.10 13.60
N ASP A 132 26.51 -47.16 12.83
CA ASP A 132 27.80 -46.54 13.08
C ASP A 132 27.82 -45.79 14.41
N ARG A 133 28.95 -45.86 15.12
CA ARG A 133 29.18 -45.12 16.35
C ARG A 133 29.76 -43.75 15.96
N PHE A 134 29.29 -42.70 16.62
CA PHE A 134 29.77 -41.35 16.36
C PHE A 134 30.32 -40.70 17.63
N GLY A 135 30.99 -39.56 17.43
CA GLY A 135 31.53 -38.73 18.49
C GLY A 135 30.48 -37.76 19.00
N SER A 136 30.90 -36.54 19.32
CA SER A 136 30.02 -35.50 19.84
C SER A 136 29.04 -34.97 18.80
N ASP A 137 27.87 -34.50 19.28
CA ASP A 137 26.88 -33.84 18.45
C ASP A 137 27.31 -32.38 18.37
N LEU A 138 26.84 -31.65 17.34
CA LEU A 138 27.24 -30.26 17.14
C LEU A 138 26.66 -29.30 18.16
N GLN A 139 25.51 -29.62 18.78
CA GLN A 139 24.87 -28.74 19.80
C GLN A 139 25.78 -28.53 21.00
N LYS A 140 26.46 -29.60 21.47
CA LYS A 140 27.40 -29.55 22.60
C LYS A 140 28.58 -28.65 22.25
N ILE A 141 29.16 -28.81 21.04
CA ILE A 141 30.32 -28.05 20.54
C ILE A 141 29.92 -26.57 20.36
N TYR A 142 28.70 -26.34 19.82
CA TYR A 142 28.12 -25.01 19.58
C TYR A 142 27.98 -24.24 20.89
N GLU A 143 27.39 -24.89 21.92
CA GLU A 143 27.18 -24.32 23.25
C GLU A 143 28.53 -24.03 23.94
N ALA A 144 29.53 -24.92 23.73
CA ALA A 144 30.88 -24.79 24.28
C ALA A 144 31.67 -23.65 23.61
N ASN A 145 31.27 -23.25 22.38
CA ASN A 145 31.90 -22.18 21.62
C ASN A 145 31.09 -20.88 21.72
N ALA A 146 30.39 -20.69 22.87
CA ALA A 146 29.57 -19.53 23.24
C ALA A 146 28.43 -19.26 22.22
N LYS A 147 27.78 -20.34 21.76
CA LYS A 147 26.65 -20.36 20.80
C LYS A 147 27.01 -19.65 19.48
N ARG A 148 28.20 -19.95 18.94
CA ARG A 148 28.67 -19.40 17.65
C ARG A 148 29.54 -20.41 16.90
N PHE A 149 29.41 -20.40 15.58
CA PHE A 149 30.23 -21.14 14.62
C PHE A 149 30.73 -20.12 13.62
N SER A 150 31.99 -20.23 13.20
CA SER A 150 32.57 -19.31 12.22
C SER A 150 31.94 -19.50 10.84
N ARG A 151 32.07 -18.48 9.97
CA ARG A 151 31.59 -18.49 8.59
C ARG A 151 32.18 -19.71 7.85
N LYS A 152 33.47 -20.00 8.09
CA LYS A 152 34.20 -21.14 7.54
C LYS A 152 33.53 -22.45 7.99
N THR A 153 33.27 -22.60 9.31
CA THR A 153 32.63 -23.79 9.89
C THR A 153 31.22 -24.01 9.30
N VAL A 154 30.38 -22.95 9.29
CA VAL A 154 29.00 -23.00 8.80
C VAL A 154 28.97 -23.39 7.31
N LEU A 155 29.85 -22.81 6.48
CA LEU A 155 29.90 -23.11 5.05
C LEU A 155 30.36 -24.55 4.79
N GLN A 156 31.39 -25.02 5.54
CA GLN A 156 31.90 -26.38 5.42
C GLN A 156 30.86 -27.41 5.89
N LEU A 157 30.13 -27.12 7.00
CA LEU A 157 29.06 -27.99 7.50
C LEU A 157 27.94 -28.09 6.48
N SER A 158 27.49 -26.93 5.95
CA SER A 158 26.38 -26.82 5.00
C SER A 158 26.65 -27.51 3.69
N LEU A 159 27.91 -27.49 3.19
CA LEU A 159 28.27 -28.20 1.96
C LEU A 159 28.07 -29.69 2.14
N ARG A 160 28.38 -30.20 3.34
CA ARG A 160 28.25 -31.63 3.63
C ARG A 160 26.81 -32.03 3.87
N ILE A 161 26.02 -31.13 4.48
CA ILE A 161 24.59 -31.35 4.71
C ILE A 161 23.87 -31.38 3.35
N LEU A 162 24.29 -30.51 2.39
CA LEU A 162 23.72 -30.51 1.03
C LEU A 162 23.97 -31.86 0.32
N ASP A 163 25.13 -32.50 0.58
CA ASP A 163 25.47 -33.81 0.05
C ASP A 163 24.53 -34.87 0.61
N ILE A 164 24.29 -34.83 1.95
CA ILE A 164 23.40 -35.75 2.68
C ILE A 164 21.98 -35.60 2.15
N LEU A 165 21.49 -34.35 2.08
CA LEU A 165 20.13 -34.03 1.65
C LEU A 165 19.90 -34.46 0.21
N GLU A 166 20.84 -34.18 -0.71
CA GLU A 166 20.72 -34.65 -2.10
C GLU A 166 20.56 -36.18 -2.17
N TYR A 167 21.41 -36.92 -1.42
CA TYR A 167 21.39 -38.38 -1.37
C TYR A 167 20.03 -38.91 -0.89
N ILE A 168 19.55 -38.47 0.29
CA ILE A 168 18.29 -38.97 0.88
C ILE A 168 17.08 -38.58 0.02
N HIS A 169 17.09 -37.37 -0.57
CA HIS A 169 16.03 -36.89 -1.47
C HIS A 169 15.96 -37.75 -2.73
N GLU A 170 17.14 -38.15 -3.27
CA GLU A 170 17.23 -39.04 -4.44
C GLU A 170 16.80 -40.47 -4.09
N HIS A 171 16.74 -40.80 -2.78
CA HIS A 171 16.33 -42.11 -2.28
C HIS A 171 14.92 -42.02 -1.65
N GLU A 172 14.08 -41.06 -2.15
CA GLU A 172 12.65 -40.80 -1.85
C GLU A 172 12.35 -40.29 -0.43
N TYR A 173 13.35 -39.84 0.32
CA TYR A 173 13.13 -39.39 1.70
C TYR A 173 13.53 -37.95 1.96
N VAL A 174 12.85 -37.33 2.94
CA VAL A 174 13.16 -36.01 3.48
C VAL A 174 13.37 -36.21 5.01
N HIS A 175 14.28 -35.46 5.60
CA HIS A 175 14.58 -35.56 7.03
C HIS A 175 13.55 -34.77 7.89
N GLY A 176 13.35 -33.49 7.52
CA GLY A 176 12.41 -32.58 8.16
C GLY A 176 12.77 -32.10 9.56
N ASP A 177 13.96 -32.47 10.07
CA ASP A 177 14.37 -32.08 11.41
C ASP A 177 15.90 -31.91 11.53
N ILE A 178 16.49 -31.20 10.56
CA ILE A 178 17.93 -30.89 10.56
C ILE A 178 18.18 -29.83 11.66
N LYS A 179 19.15 -30.11 12.55
CA LYS A 179 19.59 -29.25 13.66
C LYS A 179 20.92 -29.78 14.19
N ALA A 180 21.65 -28.95 14.97
CA ALA A 180 22.97 -29.27 15.53
C ALA A 180 22.96 -30.54 16.42
N SER A 181 21.86 -30.81 17.16
CA SER A 181 21.77 -32.00 18.01
C SER A 181 21.60 -33.30 17.19
N ASN A 182 21.22 -33.19 15.90
CA ASN A 182 21.06 -34.34 14.99
C ASN A 182 22.27 -34.48 14.06
N LEU A 183 23.32 -33.70 14.32
CA LEU A 183 24.56 -33.72 13.55
C LEU A 183 25.70 -34.16 14.46
N LEU A 184 26.20 -35.37 14.20
CA LEU A 184 27.25 -35.99 15.00
C LEU A 184 28.54 -36.14 14.20
N LEU A 185 29.69 -35.92 14.85
CA LEU A 185 30.98 -36.04 14.19
C LEU A 185 31.45 -37.47 14.17
N ASN A 186 32.24 -37.82 13.14
CA ASN A 186 32.85 -39.15 13.03
C ASN A 186 33.76 -39.33 14.24
N TYR A 187 33.64 -40.47 14.94
CA TYR A 187 34.40 -40.75 16.15
C TYR A 187 35.92 -40.67 15.90
N LYS A 188 36.37 -41.11 14.71
CA LYS A 188 37.78 -41.12 14.29
C LYS A 188 38.20 -39.84 13.53
N ASN A 189 37.24 -39.13 12.87
CA ASN A 189 37.54 -37.92 12.09
C ASN A 189 36.63 -36.75 12.50
N PRO A 190 37.17 -35.71 13.20
CA PRO A 190 36.32 -34.57 13.61
C PRO A 190 35.99 -33.61 12.46
N ASP A 191 36.39 -33.93 11.21
CA ASP A 191 36.09 -33.11 10.03
C ASP A 191 34.96 -33.73 9.20
N GLN A 192 34.38 -34.85 9.67
CA GLN A 192 33.28 -35.54 9.00
C GLN A 192 32.02 -35.49 9.87
N VAL A 193 30.98 -34.79 9.38
CA VAL A 193 29.70 -34.64 10.09
C VAL A 193 28.65 -35.57 9.43
N TYR A 194 27.81 -36.17 10.27
CA TYR A 194 26.76 -37.12 9.89
C TYR A 194 25.40 -36.66 10.40
N LEU A 195 24.34 -36.84 9.60
CA LEU A 195 22.96 -36.50 9.98
C LEU A 195 22.26 -37.75 10.51
N VAL A 196 21.74 -37.69 11.75
CA VAL A 196 21.08 -38.81 12.41
C VAL A 196 19.59 -38.51 12.63
N ASP A 197 18.84 -39.50 13.16
CA ASP A 197 17.42 -39.50 13.52
C ASP A 197 16.51 -39.49 12.28
N TYR A 198 16.05 -40.68 11.89
CA TYR A 198 15.17 -40.88 10.76
C TYR A 198 13.86 -41.53 11.24
N GLY A 199 13.60 -41.45 12.55
CA GLY A 199 12.39 -41.98 13.18
C GLY A 199 11.13 -41.29 12.72
N LEU A 200 11.27 -40.01 12.32
CA LEU A 200 10.17 -39.22 11.81
C LEU A 200 10.50 -38.70 10.39
N ALA A 201 11.43 -39.39 9.67
CA ALA A 201 11.77 -39.09 8.28
C ALA A 201 10.53 -39.36 7.42
N TYR A 202 10.46 -38.73 6.26
CA TYR A 202 9.25 -38.86 5.46
C TYR A 202 9.58 -39.27 4.03
N ARG A 203 8.88 -40.30 3.55
CA ARG A 203 9.00 -40.79 2.20
C ARG A 203 8.04 -39.96 1.33
N TYR A 204 8.54 -38.81 0.82
CA TYR A 204 7.80 -37.81 0.04
C TYR A 204 7.47 -38.28 -1.39
N CYS A 205 8.24 -39.24 -1.96
CA CYS A 205 7.84 -39.74 -3.28
C CYS A 205 8.05 -41.26 -3.40
N PRO A 206 7.15 -42.03 -2.75
CA PRO A 206 7.22 -43.49 -2.86
C PRO A 206 7.00 -43.92 -4.31
N GLU A 207 7.93 -44.75 -4.84
CA GLU A 207 7.93 -45.30 -6.20
C GLU A 207 7.95 -44.19 -7.26
N GLY A 208 8.62 -43.09 -6.95
CA GLY A 208 8.76 -41.92 -7.84
C GLY A 208 7.53 -41.05 -7.96
N VAL A 209 6.52 -41.26 -7.10
CA VAL A 209 5.27 -40.48 -7.13
C VAL A 209 5.28 -39.49 -5.96
N HIS A 210 5.45 -38.18 -6.25
CA HIS A 210 5.50 -37.11 -5.25
C HIS A 210 4.15 -36.95 -4.56
N LYS A 211 4.20 -36.79 -3.24
CA LYS A 211 3.05 -36.57 -2.39
C LYS A 211 2.47 -35.20 -2.72
N ALA A 212 1.14 -35.14 -2.87
CA ALA A 212 0.41 -33.93 -3.24
C ALA A 212 0.46 -32.89 -2.12
N TYR A 213 0.38 -31.59 -2.49
CA TYR A 213 0.39 -30.48 -1.55
C TYR A 213 -0.87 -30.56 -0.68
N ALA A 214 -0.68 -31.13 0.52
CA ALA A 214 -1.70 -31.42 1.53
C ALA A 214 -1.10 -32.18 2.71
N ALA A 215 -1.88 -32.28 3.79
CA ALA A 215 -1.55 -32.96 5.03
C ALA A 215 -1.50 -34.46 4.84
N ASP A 216 -0.59 -35.12 5.58
CA ASP A 216 -0.48 -36.57 5.58
C ASP A 216 -1.13 -37.07 6.89
N PRO A 217 -2.20 -37.91 6.82
CA PRO A 217 -2.89 -38.33 8.06
C PRO A 217 -2.04 -39.21 8.98
N LYS A 218 -1.12 -40.01 8.41
CA LYS A 218 -0.23 -40.89 9.17
C LYS A 218 0.87 -40.10 9.90
N ARG A 219 1.27 -38.92 9.36
CA ARG A 219 2.32 -38.06 9.92
C ARG A 219 1.74 -37.06 10.92
N CYS A 220 2.37 -36.99 12.10
CA CYS A 220 1.96 -36.11 13.20
C CYS A 220 3.02 -35.04 13.48
N HIS A 221 4.31 -35.34 13.22
CA HIS A 221 5.43 -34.46 13.48
C HIS A 221 5.49 -33.22 12.56
N ASP A 222 5.89 -32.07 13.15
CA ASP A 222 6.06 -30.78 12.48
C ASP A 222 7.52 -30.26 12.61
N GLY A 223 8.46 -31.14 12.94
CA GLY A 223 9.87 -30.81 13.14
C GLY A 223 10.11 -30.11 14.47
N THR A 224 11.19 -29.29 14.52
CA THR A 224 11.59 -28.46 15.66
C THR A 224 11.15 -27.05 15.30
N ILE A 225 10.22 -26.49 16.11
CA ILE A 225 9.54 -25.21 15.91
C ILE A 225 10.43 -24.05 15.39
N GLU A 226 11.61 -23.79 15.99
CA GLU A 226 12.46 -22.67 15.58
C GLU A 226 13.10 -22.87 14.20
N PHE A 227 13.32 -24.14 13.77
CA PHE A 227 13.97 -24.43 12.50
C PHE A 227 13.04 -24.98 11.43
N THR A 228 11.81 -25.42 11.79
CA THR A 228 10.91 -26.09 10.84
C THR A 228 10.50 -25.18 9.66
N SER A 229 10.10 -25.82 8.54
CA SER A 229 9.73 -25.13 7.31
C SER A 229 8.33 -24.50 7.40
N ILE A 230 8.05 -23.52 6.51
CA ILE A 230 6.74 -22.85 6.38
C ILE A 230 5.70 -23.92 5.99
N ASP A 231 6.07 -24.86 5.08
CA ASP A 231 5.23 -25.98 4.66
C ASP A 231 4.72 -26.78 5.88
N ALA A 232 5.66 -27.17 6.80
CA ALA A 232 5.32 -27.89 8.04
C ALA A 232 4.40 -27.07 8.92
N HIS A 233 4.67 -25.75 9.05
CA HIS A 233 3.81 -24.82 9.81
C HIS A 233 2.40 -24.73 9.21
N ASN A 234 2.30 -24.91 7.88
CA ASN A 234 1.03 -24.86 7.16
C ASN A 234 0.28 -26.20 7.19
N GLY A 235 0.84 -27.16 7.93
CA GLY A 235 0.26 -28.48 8.10
C GLY A 235 0.37 -29.38 6.89
N VAL A 236 1.32 -29.08 6.01
CA VAL A 236 1.56 -29.85 4.78
C VAL A 236 2.72 -30.81 5.06
N ALA A 237 2.72 -31.99 4.41
CA ALA A 237 3.76 -33.00 4.51
C ALA A 237 5.13 -32.41 4.06
N PRO A 238 6.26 -32.73 4.73
CA PRO A 238 7.54 -32.12 4.32
C PRO A 238 8.00 -32.59 2.94
N SER A 239 8.62 -31.69 2.16
CA SER A 239 9.20 -32.00 0.86
C SER A 239 10.65 -31.48 0.84
N ARG A 240 11.30 -31.56 -0.33
CA ARG A 240 12.71 -31.22 -0.49
C ARG A 240 13.02 -29.77 -0.16
N ARG A 241 12.20 -28.80 -0.62
CA ARG A 241 12.41 -27.38 -0.35
C ARG A 241 12.41 -27.09 1.15
N GLY A 242 11.57 -27.80 1.90
CA GLY A 242 11.49 -27.69 3.36
C GLY A 242 12.78 -28.01 4.07
N ASP A 243 13.47 -29.10 3.67
CA ASP A 243 14.77 -29.52 4.24
C ASP A 243 15.84 -28.45 4.02
N LEU A 244 15.82 -27.81 2.84
CA LEU A 244 16.76 -26.76 2.46
C LEU A 244 16.49 -25.47 3.21
N GLU A 245 15.21 -25.20 3.51
CA GLU A 245 14.76 -24.05 4.28
C GLU A 245 15.23 -24.20 5.73
N ILE A 246 15.03 -25.39 6.32
CA ILE A 246 15.47 -25.76 7.68
C ILE A 246 16.98 -25.49 7.82
N LEU A 247 17.79 -25.94 6.82
CA LEU A 247 19.24 -25.71 6.80
C LEU A 247 19.56 -24.19 6.80
N GLY A 248 18.80 -23.41 6.03
CA GLY A 248 18.92 -21.95 5.99
C GLY A 248 18.82 -21.32 7.37
N TYR A 249 17.79 -21.70 8.13
CA TYR A 249 17.57 -21.21 9.50
C TYR A 249 18.68 -21.66 10.45
N CYS A 250 19.19 -22.90 10.26
CA CYS A 250 20.32 -23.47 11.01
C CYS A 250 21.56 -22.61 10.82
N MET A 251 21.87 -22.24 9.55
CA MET A 251 23.01 -21.42 9.17
C MET A 251 23.01 -20.09 9.89
N ILE A 252 21.85 -19.39 9.94
CA ILE A 252 21.69 -18.09 10.60
C ILE A 252 21.92 -18.27 12.11
N GLN A 253 21.27 -19.26 12.72
CA GLN A 253 21.38 -19.60 14.15
C GLN A 253 22.84 -19.87 14.54
N TRP A 254 23.59 -20.61 13.71
CA TRP A 254 24.98 -20.97 13.98
C TRP A 254 25.90 -19.76 13.84
N LEU A 255 25.63 -18.89 12.85
CA LEU A 255 26.42 -17.70 12.58
C LEU A 255 26.20 -16.59 13.60
N THR A 256 24.95 -16.38 14.05
CA THR A 256 24.58 -15.26 14.92
C THR A 256 24.25 -15.63 16.38
N GLY A 257 23.98 -16.89 16.64
CA GLY A 257 23.59 -17.37 17.96
C GLY A 257 22.13 -17.11 18.28
N HIS A 258 21.35 -16.61 17.28
CA HIS A 258 19.94 -16.28 17.45
C HIS A 258 19.11 -16.48 16.17
N LEU A 259 17.79 -16.45 16.32
CA LEU A 259 16.77 -16.45 15.26
C LEU A 259 15.75 -15.39 15.65
N PRO A 260 15.20 -14.58 14.71
CA PRO A 260 14.29 -13.47 15.11
C PRO A 260 13.08 -13.86 15.97
N TRP A 261 12.53 -15.06 15.75
CA TRP A 261 11.32 -15.58 16.41
C TRP A 261 11.58 -16.44 17.66
N GLU A 262 12.83 -16.52 18.14
CA GLU A 262 13.21 -17.38 19.29
C GLU A 262 12.58 -16.98 20.65
N ASP A 263 12.09 -15.75 20.78
CA ASP A 263 11.49 -15.30 22.04
C ASP A 263 10.01 -15.71 22.18
N ASN A 264 9.41 -16.33 21.12
CA ASN A 264 8.00 -16.71 21.09
C ASN A 264 7.77 -18.10 20.49
N LEU A 265 8.58 -19.10 20.90
CA LEU A 265 8.50 -20.46 20.38
C LEU A 265 7.30 -21.25 20.93
N LYS A 266 6.67 -20.79 22.01
CA LYS A 266 5.46 -21.41 22.58
C LYS A 266 4.25 -21.13 21.66
N ASP A 267 4.36 -20.12 20.75
CA ASP A 267 3.30 -19.72 19.81
C ASP A 267 3.70 -20.06 18.34
N PRO A 268 3.23 -21.21 17.80
CA PRO A 268 3.58 -21.56 16.40
C PRO A 268 3.05 -20.56 15.35
N LYS A 269 1.94 -19.87 15.64
CA LYS A 269 1.34 -18.85 14.74
C LYS A 269 2.29 -17.71 14.52
N TYR A 270 3.00 -17.30 15.60
CA TYR A 270 3.98 -16.22 15.59
C TYR A 270 5.22 -16.64 14.77
N VAL A 271 5.72 -17.86 15.02
CA VAL A 271 6.90 -18.42 14.37
C VAL A 271 6.66 -18.52 12.85
N ARG A 272 5.46 -18.99 12.44
CA ARG A 272 5.08 -19.08 11.02
C ARG A 272 4.96 -17.65 10.43
N ASP A 273 4.33 -16.73 11.16
CA ASP A 273 4.16 -15.35 10.70
C ASP A 273 5.52 -14.67 10.41
N SER A 274 6.48 -14.77 11.35
CA SER A 274 7.82 -14.23 11.22
C SER A 274 8.55 -14.87 10.03
N LYS A 275 8.42 -16.20 9.85
CA LYS A 275 9.04 -16.93 8.76
C LYS A 275 8.48 -16.49 7.39
N ILE A 276 7.15 -16.38 7.27
CA ILE A 276 6.47 -16.01 6.01
C ILE A 276 6.86 -14.58 5.61
N ARG A 277 6.90 -13.64 6.58
CA ARG A 277 7.27 -12.23 6.36
C ARG A 277 8.75 -12.08 5.97
N TYR A 278 9.68 -12.79 6.65
CA TYR A 278 11.11 -12.76 6.39
C TYR A 278 11.48 -13.51 5.09
N ARG A 279 10.61 -14.42 4.59
CA ARG A 279 10.78 -15.11 3.30
C ARG A 279 10.44 -14.11 2.18
N GLU A 280 9.36 -13.32 2.39
CA GLU A 280 8.88 -12.30 1.47
C GLU A 280 9.90 -11.16 1.31
N ASN A 281 10.67 -10.88 2.39
CA ASN A 281 11.71 -9.83 2.40
C ASN A 281 12.93 -10.38 3.14
N ILE A 282 13.80 -11.08 2.38
CA ILE A 282 15.03 -11.70 2.86
C ILE A 282 16.06 -10.62 3.30
N ALA A 283 16.06 -9.45 2.65
CA ALA A 283 16.93 -8.32 3.01
C ALA A 283 16.65 -7.82 4.44
N SER A 284 15.36 -7.83 4.87
CA SER A 284 14.98 -7.44 6.22
C SER A 284 15.42 -8.53 7.24
N LEU A 285 15.45 -9.81 6.79
CA LEU A 285 15.94 -10.91 7.63
C LEU A 285 17.44 -10.75 7.86
N MET A 286 18.19 -10.36 6.80
CA MET A 286 19.64 -10.14 6.87
C MET A 286 19.94 -8.94 7.78
N ASP A 287 19.13 -7.87 7.69
CA ASP A 287 19.26 -6.67 8.51
C ASP A 287 18.96 -6.95 9.98
N LYS A 288 18.00 -7.84 10.26
CA LYS A 288 17.61 -8.22 11.62
C LYS A 288 18.68 -9.10 12.30
N CYS A 289 19.21 -10.11 11.56
CA CYS A 289 20.15 -11.09 12.09
C CYS A 289 21.60 -10.64 12.09
N PHE A 290 21.99 -9.82 11.13
CA PHE A 290 23.39 -9.42 11.00
C PHE A 290 23.57 -7.91 11.20
N PRO A 291 24.72 -7.44 11.75
CA PRO A 291 24.94 -5.98 11.89
C PRO A 291 24.96 -5.33 10.51
N ALA A 292 24.47 -4.09 10.41
CA ALA A 292 24.34 -3.37 9.14
C ALA A 292 25.59 -3.49 8.28
N ALA A 293 25.40 -3.88 6.99
CA ALA A 293 26.39 -4.09 5.93
C ALA A 293 27.41 -5.22 6.24
N ASN A 294 27.20 -6.02 7.32
CA ASN A 294 28.12 -7.11 7.68
C ASN A 294 27.52 -8.52 7.42
N ALA A 295 26.37 -8.58 6.72
CA ALA A 295 25.68 -9.83 6.36
C ALA A 295 26.42 -10.65 5.28
N PRO A 296 26.58 -12.01 5.44
CA PRO A 296 27.25 -12.80 4.39
C PRO A 296 26.32 -13.00 3.20
N GLY A 297 26.76 -12.51 2.04
CA GLY A 297 26.01 -12.54 0.79
C GLY A 297 25.50 -13.90 0.34
N GLU A 298 26.27 -14.96 0.61
CA GLU A 298 25.90 -16.33 0.23
C GLU A 298 24.66 -16.80 0.99
N ILE A 299 24.44 -16.33 2.23
CA ILE A 299 23.29 -16.72 3.04
C ILE A 299 22.01 -16.18 2.38
N ALA A 300 22.02 -14.89 1.98
CA ALA A 300 20.90 -14.24 1.30
C ALA A 300 20.62 -14.91 -0.06
N LYS A 301 21.69 -15.19 -0.84
CA LYS A 301 21.59 -15.85 -2.13
C LYS A 301 21.00 -17.27 -1.98
N TYR A 302 21.44 -18.00 -0.94
CA TYR A 302 20.94 -19.34 -0.62
C TYR A 302 19.42 -19.28 -0.32
N MET A 303 19.00 -18.33 0.56
CA MET A 303 17.60 -18.15 0.96
C MET A 303 16.73 -17.79 -0.23
N GLU A 304 17.23 -16.92 -1.14
CA GLU A 304 16.54 -16.48 -2.36
C GLU A 304 16.34 -17.63 -3.35
N THR A 305 17.32 -18.56 -3.42
CA THR A 305 17.27 -19.70 -4.33
C THR A 305 16.23 -20.73 -3.84
N VAL A 306 16.22 -21.01 -2.51
CA VAL A 306 15.29 -21.95 -1.87
C VAL A 306 13.86 -21.40 -1.99
N LYS A 307 13.70 -20.05 -1.89
CA LYS A 307 12.43 -19.33 -2.00
C LYS A 307 11.77 -19.59 -3.37
N LEU A 308 12.59 -19.75 -4.42
CA LEU A 308 12.14 -19.99 -5.79
C LEU A 308 11.65 -21.43 -6.05
N LEU A 309 11.90 -22.34 -5.12
CA LEU A 309 11.50 -23.73 -5.26
C LEU A 309 10.01 -23.93 -5.04
N ASP A 310 9.40 -24.73 -5.91
CA ASP A 310 8.01 -25.16 -5.80
C ASP A 310 7.98 -26.38 -4.88
N TYR A 311 6.80 -26.73 -4.35
CA TYR A 311 6.63 -27.82 -3.39
C TYR A 311 7.15 -29.17 -3.92
N THR A 312 6.88 -29.51 -5.21
CA THR A 312 7.27 -30.80 -5.80
C THR A 312 8.56 -30.69 -6.64
N GLU A 313 9.14 -29.48 -6.77
CA GLU A 313 10.33 -29.20 -7.57
C GLU A 313 11.62 -29.85 -7.02
N LYS A 314 12.40 -30.42 -7.94
CA LYS A 314 13.70 -30.98 -7.63
C LYS A 314 14.71 -29.83 -7.51
N PRO A 315 15.37 -29.67 -6.35
CA PRO A 315 16.36 -28.59 -6.23
C PRO A 315 17.59 -28.79 -7.11
N LEU A 316 18.22 -27.68 -7.49
CA LEU A 316 19.47 -27.67 -8.23
C LEU A 316 20.57 -27.55 -7.19
N TYR A 317 20.89 -28.70 -6.58
CA TYR A 317 21.87 -28.88 -5.49
C TYR A 317 23.26 -28.31 -5.83
N GLU A 318 23.72 -28.47 -7.09
CA GLU A 318 25.03 -27.98 -7.52
C GLU A 318 25.09 -26.45 -7.46
N ASN A 319 23.98 -25.78 -7.84
CA ASN A 319 23.84 -24.33 -7.83
C ASN A 319 23.92 -23.81 -6.39
N LEU A 320 23.30 -24.54 -5.43
CA LEU A 320 23.32 -24.18 -4.00
C LEU A 320 24.73 -24.34 -3.43
N ARG A 321 25.47 -25.36 -3.89
CA ARG A 321 26.85 -25.62 -3.50
C ARG A 321 27.76 -24.49 -3.99
N ASP A 322 27.57 -24.01 -5.24
CA ASP A 322 28.35 -22.92 -5.83
C ASP A 322 28.18 -21.62 -5.04
N ILE A 323 26.95 -21.37 -4.56
CA ILE A 323 26.60 -20.22 -3.73
C ILE A 323 27.46 -20.25 -2.45
N LEU A 324 27.51 -21.41 -1.76
CA LEU A 324 28.29 -21.58 -0.53
C LEU A 324 29.80 -21.53 -0.80
N LEU A 325 30.25 -22.07 -1.95
CA LEU A 325 31.65 -22.06 -2.38
C LEU A 325 32.13 -20.63 -2.63
N GLN A 326 31.24 -19.74 -3.12
CA GLN A 326 31.52 -18.31 -3.36
C GLN A 326 31.81 -17.61 -2.02
N GLY A 327 31.11 -18.03 -0.96
CA GLY A 327 31.27 -17.55 0.41
C GLY A 327 32.62 -17.91 0.99
N LEU A 328 33.17 -19.12 0.65
CA LEU A 328 34.49 -19.57 1.09
C LEU A 328 35.58 -18.80 0.37
N LYS A 329 35.36 -18.50 -0.93
CA LYS A 329 36.29 -17.72 -1.75
C LYS A 329 36.37 -16.29 -1.22
N ALA A 330 35.22 -15.75 -0.77
CA ALA A 330 35.10 -14.39 -0.22
C ALA A 330 35.92 -14.21 1.08
N ILE A 331 36.03 -15.28 1.91
CA ILE A 331 36.79 -15.27 3.17
C ILE A 331 38.25 -15.76 2.96
N GLY A 332 38.66 -15.89 1.70
CA GLY A 332 40.02 -16.29 1.32
C GLY A 332 40.34 -17.76 1.54
N SER A 333 39.30 -18.59 1.69
CA SER A 333 39.43 -20.03 1.90
C SER A 333 38.97 -20.80 0.65
N LYS A 334 38.81 -22.13 0.79
CA LYS A 334 38.33 -23.05 -0.23
C LYS A 334 37.71 -24.27 0.45
N ASP A 335 37.04 -25.14 -0.31
CA ASP A 335 36.47 -26.35 0.26
C ASP A 335 37.60 -27.39 0.43
N ASP A 336 38.25 -27.35 1.60
CA ASP A 336 39.35 -28.24 1.97
C ASP A 336 38.83 -29.32 2.94
N GLY A 337 37.52 -29.29 3.21
CA GLY A 337 36.84 -30.21 4.10
C GLY A 337 37.20 -30.03 5.56
N LYS A 338 37.78 -28.87 5.94
CA LYS A 338 38.16 -28.59 7.33
C LYS A 338 37.03 -27.88 8.05
N LEU A 339 36.43 -28.54 9.05
CA LEU A 339 35.29 -28.01 9.80
C LEU A 339 35.68 -26.95 10.82
N ASP A 340 36.95 -26.91 11.28
CA ASP A 340 37.48 -25.95 12.26
C ASP A 340 36.59 -25.85 13.53
N LEU A 341 35.94 -26.98 13.93
CA LEU A 341 35.01 -27.17 15.06
C LEU A 341 34.47 -28.62 15.08
N GLU B 21 -22.77 -20.13 7.88
CA GLU B 21 -23.25 -19.69 6.57
C GLU B 21 -22.08 -19.51 5.59
N GLN B 22 -21.11 -18.66 5.98
CA GLN B 22 -19.92 -18.34 5.18
C GLN B 22 -19.02 -19.55 4.97
N PHE B 23 -18.71 -20.27 6.05
CA PHE B 23 -17.85 -21.45 5.93
C PHE B 23 -18.45 -22.69 6.58
N ALA B 24 -17.92 -23.83 6.18
CA ALA B 24 -18.18 -25.15 6.75
C ALA B 24 -17.25 -25.34 7.95
N VAL B 25 -17.71 -26.05 8.99
CA VAL B 25 -16.89 -26.34 10.17
C VAL B 25 -15.86 -27.38 9.73
N GLY B 26 -14.60 -26.96 9.66
CA GLY B 26 -13.50 -27.80 9.20
C GLY B 26 -12.94 -27.37 7.85
N GLU B 27 -13.51 -26.31 7.25
CA GLU B 27 -13.08 -25.76 5.96
C GLU B 27 -11.68 -25.16 6.09
N ILE B 28 -10.81 -25.41 5.11
CA ILE B 28 -9.45 -24.88 5.08
C ILE B 28 -9.42 -23.65 4.18
N ILE B 29 -9.04 -22.51 4.77
CA ILE B 29 -8.93 -21.24 4.07
C ILE B 29 -7.45 -20.81 4.04
N THR B 30 -7.03 -20.20 2.92
CA THR B 30 -5.67 -19.71 2.72
C THR B 30 -5.74 -18.17 2.58
N ASP B 31 -4.92 -17.46 3.37
CA ASP B 31 -4.90 -16.00 3.34
C ASP B 31 -4.00 -15.48 2.19
N MET B 32 -3.88 -14.15 2.05
CA MET B 32 -3.08 -13.48 1.01
C MET B 32 -1.59 -13.86 1.05
N ALA B 33 -1.06 -14.16 2.27
CA ALA B 33 0.33 -14.56 2.53
C ALA B 33 0.54 -16.07 2.36
N ALA B 34 -0.49 -16.78 1.85
CA ALA B 34 -0.53 -18.22 1.59
C ALA B 34 -0.47 -19.07 2.88
N ALA B 35 -0.81 -18.47 4.04
CA ALA B 35 -0.88 -19.19 5.32
C ALA B 35 -2.24 -19.92 5.42
N ALA B 36 -2.20 -21.24 5.77
CA ALA B 36 -3.41 -22.07 5.86
C ALA B 36 -4.06 -22.03 7.25
N TRP B 37 -5.39 -21.88 7.27
CA TRP B 37 -6.20 -21.83 8.49
C TRP B 37 -7.39 -22.77 8.40
N LYS B 38 -7.78 -23.37 9.53
CA LYS B 38 -8.94 -24.26 9.60
C LYS B 38 -10.08 -23.53 10.36
N VAL B 39 -11.29 -23.55 9.79
CA VAL B 39 -12.47 -22.86 10.35
C VAL B 39 -13.21 -23.81 11.32
N GLY B 40 -13.64 -23.27 12.44
CA GLY B 40 -14.40 -23.96 13.47
C GLY B 40 -15.86 -23.52 13.52
N LEU B 41 -16.45 -23.54 14.73
CA LEU B 41 -17.85 -23.20 14.97
C LEU B 41 -18.12 -21.69 14.93
N PRO B 42 -19.32 -21.26 14.46
CA PRO B 42 -19.66 -19.83 14.50
C PRO B 42 -19.89 -19.37 15.94
N ILE B 43 -19.39 -18.18 16.28
CA ILE B 43 -19.53 -17.61 17.64
C ILE B 43 -20.03 -16.15 17.58
N GLY B 44 -20.15 -15.61 16.37
CA GLY B 44 -20.61 -14.24 16.12
C GLY B 44 -22.11 -14.09 16.25
N GLN B 45 -22.57 -13.05 16.96
CA GLN B 45 -23.00 -13.15 18.36
C GLN B 45 -23.98 -14.33 18.58
N PHE B 48 -21.30 -7.46 16.36
CA PHE B 48 -22.22 -8.57 16.13
C PHE B 48 -22.23 -8.99 14.64
N GLY B 49 -21.04 -9.23 14.09
CA GLY B 49 -20.85 -9.65 12.70
C GLY B 49 -20.61 -11.14 12.51
N CYS B 50 -20.26 -11.55 11.27
CA CYS B 50 -19.97 -12.94 10.89
C CYS B 50 -18.59 -13.38 11.44
N ILE B 51 -18.58 -14.15 12.56
CA ILE B 51 -17.36 -14.62 13.24
C ILE B 51 -17.43 -16.13 13.54
N TYR B 52 -16.33 -16.85 13.23
CA TYR B 52 -16.13 -18.26 13.51
C TYR B 52 -14.86 -18.47 14.31
N LEU B 53 -14.76 -19.59 15.04
CA LEU B 53 -13.51 -19.96 15.72
C LEU B 53 -12.53 -20.43 14.65
N ALA B 54 -11.23 -20.24 14.86
CA ALA B 54 -10.23 -20.62 13.88
C ALA B 54 -8.93 -21.04 14.53
N ASP B 55 -8.07 -21.73 13.78
CA ASP B 55 -6.75 -22.18 14.20
C ASP B 55 -5.91 -22.47 12.98
N MET B 56 -4.60 -22.70 13.18
CA MET B 56 -3.67 -23.14 12.13
C MET B 56 -4.15 -24.48 11.59
N ASN B 57 -4.01 -24.71 10.29
CA ASN B 57 -4.41 -25.94 9.63
C ASN B 57 -3.64 -27.15 10.17
N SER B 58 -4.37 -28.19 10.58
CA SER B 58 -3.84 -29.46 11.09
C SER B 58 -4.81 -30.61 10.83
N SER B 59 -4.39 -31.84 11.15
CA SER B 59 -5.17 -33.07 11.01
C SER B 59 -6.38 -33.06 11.95
N GLU B 60 -6.22 -32.42 13.14
CA GLU B 60 -7.26 -32.30 14.16
C GLU B 60 -8.26 -31.19 13.83
N SER B 61 -9.52 -31.37 14.25
CA SER B 61 -10.58 -30.37 14.05
C SER B 61 -10.37 -29.15 14.98
N VAL B 62 -10.99 -28.01 14.66
CA VAL B 62 -10.88 -26.79 15.48
C VAL B 62 -11.81 -26.95 16.69
N GLY B 63 -11.24 -26.91 17.89
CA GLY B 63 -11.97 -27.07 19.14
C GLY B 63 -12.59 -25.82 19.72
N SER B 64 -13.19 -25.97 20.92
CA SER B 64 -13.82 -24.88 21.67
C SER B 64 -12.75 -23.97 22.29
N ASP B 65 -11.51 -24.51 22.45
CA ASP B 65 -10.34 -23.83 23.01
C ASP B 65 -9.49 -23.13 21.91
N ALA B 66 -10.04 -22.94 20.69
CA ALA B 66 -9.38 -22.32 19.53
C ALA B 66 -8.70 -20.99 19.89
N PRO B 67 -7.43 -20.75 19.48
CA PRO B 67 -6.75 -19.50 19.85
C PRO B 67 -7.03 -18.31 18.91
N CYS B 68 -7.71 -18.56 17.78
CA CYS B 68 -8.02 -17.53 16.80
C CYS B 68 -9.51 -17.47 16.47
N VAL B 69 -9.93 -16.35 15.85
CA VAL B 69 -11.27 -16.15 15.31
C VAL B 69 -11.11 -15.60 13.88
N VAL B 70 -12.06 -15.94 12.98
CA VAL B 70 -12.05 -15.43 11.61
C VAL B 70 -13.30 -14.54 11.43
N LYS B 71 -13.07 -13.25 11.12
CA LYS B 71 -14.08 -12.21 10.89
C LYS B 71 -14.31 -12.03 9.38
N VAL B 72 -15.56 -12.26 8.90
CA VAL B 72 -15.96 -12.13 7.50
C VAL B 72 -17.01 -11.03 7.35
N GLU B 73 -16.88 -10.26 6.27
CA GLU B 73 -17.78 -9.19 5.81
C GLU B 73 -17.70 -9.14 4.28
N PRO B 74 -18.71 -8.61 3.56
CA PRO B 74 -18.55 -8.47 2.09
C PRO B 74 -17.33 -7.59 1.79
N SER B 75 -16.59 -7.90 0.72
CA SER B 75 -15.37 -7.19 0.31
C SER B 75 -15.53 -5.64 0.20
N ASP B 76 -16.77 -5.16 -0.05
CA ASP B 76 -17.10 -3.74 -0.20
C ASP B 76 -17.41 -3.02 1.15
N ASN B 77 -17.36 -3.74 2.30
CA ASN B 77 -17.65 -3.19 3.62
C ASN B 77 -16.59 -2.17 4.03
N GLY B 78 -17.05 -0.97 4.36
CA GLY B 78 -16.21 0.15 4.79
C GLY B 78 -15.50 -0.08 6.11
N PRO B 79 -16.22 -0.38 7.24
CA PRO B 79 -15.52 -0.59 8.52
C PRO B 79 -14.52 -1.76 8.52
N LEU B 80 -14.77 -2.87 7.76
CA LEU B 80 -13.80 -3.97 7.72
C LEU B 80 -12.51 -3.52 7.03
N PHE B 81 -12.59 -2.62 6.03
CA PHE B 81 -11.42 -2.05 5.34
C PHE B 81 -10.62 -1.16 6.30
N THR B 82 -11.31 -0.31 7.10
CA THR B 82 -10.71 0.58 8.09
C THR B 82 -10.00 -0.26 9.15
N GLU B 83 -10.68 -1.32 9.65
CA GLU B 83 -10.17 -2.21 10.69
C GLU B 83 -8.98 -3.01 10.18
N LEU B 84 -9.06 -3.55 8.94
CA LEU B 84 -7.99 -4.31 8.32
C LEU B 84 -6.75 -3.44 8.15
N LYS B 85 -6.92 -2.18 7.71
CA LYS B 85 -5.83 -1.23 7.51
C LYS B 85 -5.12 -0.94 8.83
N PHE B 86 -5.88 -0.77 9.93
CA PHE B 86 -5.31 -0.53 11.26
C PHE B 86 -4.42 -1.72 11.68
N TYR B 87 -4.96 -2.94 11.60
CA TYR B 87 -4.28 -4.17 12.00
C TYR B 87 -3.04 -4.45 11.15
N GLN B 88 -3.11 -4.19 9.83
CA GLN B 88 -1.98 -4.38 8.91
C GLN B 88 -0.85 -3.42 9.21
N ARG B 89 -1.19 -2.20 9.57
CA ARG B 89 -0.23 -1.15 9.85
C ARG B 89 0.34 -1.19 11.24
N ALA B 90 -0.51 -1.35 12.24
CA ALA B 90 -0.12 -1.19 13.62
C ALA B 90 -0.14 -2.46 14.48
N ALA B 91 -0.74 -3.57 14.01
CA ALA B 91 -0.84 -4.74 14.88
C ALA B 91 -0.19 -6.02 14.32
N LYS B 92 0.95 -5.87 13.64
CA LYS B 92 1.71 -7.02 13.16
C LYS B 92 2.33 -7.72 14.38
N PRO B 93 2.30 -9.07 14.48
CA PRO B 93 2.79 -9.74 15.70
C PRO B 93 4.19 -9.30 16.18
N GLU B 94 5.17 -9.14 15.26
CA GLU B 94 6.54 -8.75 15.60
C GLU B 94 6.60 -7.28 16.06
N GLN B 95 5.72 -6.41 15.51
CA GLN B 95 5.58 -4.98 15.87
C GLN B 95 5.21 -4.84 17.34
N ILE B 96 4.22 -5.64 17.79
CA ILE B 96 3.69 -5.65 19.15
C ILE B 96 4.75 -6.23 20.12
N GLN B 97 5.39 -7.36 19.76
CA GLN B 97 6.41 -8.03 20.59
C GLN B 97 7.65 -7.16 20.81
N LYS B 98 8.09 -6.42 19.76
CA LYS B 98 9.22 -5.51 19.85
C LYS B 98 8.90 -4.39 20.86
N TRP B 99 7.66 -3.85 20.83
CA TRP B 99 7.17 -2.82 21.75
C TRP B 99 7.11 -3.35 23.19
N ILE B 100 6.57 -4.57 23.40
CA ILE B 100 6.44 -5.19 24.72
C ILE B 100 7.83 -5.30 25.35
N ARG B 101 8.81 -5.79 24.57
CA ARG B 101 10.20 -5.98 24.95
C ARG B 101 10.88 -4.65 25.34
N THR B 102 10.83 -3.65 24.43
CA THR B 102 11.43 -2.32 24.59
C THR B 102 10.84 -1.54 25.77
N ARG B 103 9.50 -1.50 25.91
N ARG B 103 9.50 -1.50 25.90
CA ARG B 103 8.80 -0.79 26.98
CA ARG B 103 8.81 -0.78 26.98
C ARG B 103 8.73 -1.62 28.29
C ARG B 103 8.72 -1.61 28.29
N LYS B 104 9.27 -2.86 28.28
CA LYS B 104 9.32 -3.81 29.42
C LYS B 104 7.91 -4.09 30.02
N LEU B 105 6.93 -4.33 29.13
CA LEU B 105 5.54 -4.64 29.51
C LEU B 105 5.36 -6.15 29.70
N LYS B 106 4.34 -6.54 30.50
CA LYS B 106 4.02 -7.95 30.72
C LYS B 106 3.30 -8.48 29.47
N TYR B 107 2.46 -7.62 28.87
CA TYR B 107 1.68 -7.87 27.66
C TYR B 107 1.21 -6.51 27.09
N LEU B 108 0.55 -6.52 25.93
CA LEU B 108 -0.05 -5.34 25.31
C LEU B 108 -1.43 -5.73 24.80
N GLY B 109 -2.45 -5.02 25.28
CA GLY B 109 -3.85 -5.28 24.95
C GLY B 109 -4.31 -4.89 23.55
N VAL B 110 -3.43 -5.04 22.55
CA VAL B 110 -3.76 -4.80 21.14
C VAL B 110 -3.89 -6.20 20.52
N PRO B 111 -5.06 -6.58 19.94
CA PRO B 111 -5.18 -7.94 19.37
C PRO B 111 -4.23 -8.13 18.17
N LYS B 112 -3.59 -9.27 18.05
CA LYS B 112 -2.64 -9.43 16.95
C LYS B 112 -3.34 -9.75 15.62
N TYR B 113 -2.74 -9.30 14.52
CA TYR B 113 -3.20 -9.53 13.16
C TYR B 113 -2.49 -10.76 12.61
N TRP B 114 -3.27 -11.75 12.24
CA TRP B 114 -2.75 -13.03 11.80
C TRP B 114 -2.90 -13.27 10.31
N GLY B 115 -3.65 -12.43 9.62
CA GLY B 115 -3.82 -12.61 8.19
C GLY B 115 -5.18 -12.19 7.67
N SER B 116 -5.29 -12.22 6.35
CA SER B 116 -6.48 -11.78 5.65
C SER B 116 -6.53 -12.36 4.24
N GLY B 117 -7.73 -12.51 3.71
CA GLY B 117 -7.91 -13.03 2.36
C GLY B 117 -9.30 -12.84 1.81
N LEU B 118 -9.57 -13.50 0.67
CA LEU B 118 -10.86 -13.43 0.01
C LEU B 118 -11.50 -14.81 -0.08
N HIS B 119 -12.83 -14.85 0.04
CA HIS B 119 -13.62 -16.08 0.00
C HIS B 119 -14.96 -15.77 -0.66
N ASP B 120 -15.34 -16.58 -1.65
CA ASP B 120 -16.61 -16.41 -2.38
C ASP B 120 -17.68 -17.32 -1.82
N LYS B 121 -18.92 -16.83 -1.79
CA LYS B 121 -20.09 -17.59 -1.34
C LYS B 121 -21.30 -17.08 -2.10
N ASN B 122 -21.91 -17.97 -2.92
CA ASN B 122 -23.10 -17.73 -3.76
C ASN B 122 -22.87 -16.55 -4.74
N GLY B 123 -21.70 -16.53 -5.38
CA GLY B 123 -21.33 -15.51 -6.36
C GLY B 123 -20.71 -14.25 -5.79
N LYS B 124 -21.17 -13.81 -4.59
CA LYS B 124 -20.67 -12.62 -3.91
C LYS B 124 -19.26 -12.85 -3.33
N SER B 125 -18.44 -11.79 -3.26
CA SER B 125 -17.07 -11.81 -2.72
C SER B 125 -17.02 -11.26 -1.29
N TYR B 126 -16.29 -11.96 -0.41
CA TYR B 126 -16.15 -11.62 1.01
C TYR B 126 -14.68 -11.52 1.41
N ARG B 127 -14.38 -10.56 2.28
CA ARG B 127 -13.05 -10.33 2.84
C ARG B 127 -13.03 -10.92 4.27
N PHE B 128 -12.01 -11.75 4.56
CA PHE B 128 -11.88 -12.37 5.88
C PHE B 128 -10.62 -11.90 6.56
N MET B 129 -10.64 -11.90 7.89
CA MET B 129 -9.56 -11.42 8.76
C MET B 129 -9.36 -12.39 9.90
N ILE B 130 -8.10 -12.77 10.21
CA ILE B 130 -7.79 -13.68 11.32
C ILE B 130 -7.12 -12.86 12.44
N MET B 131 -7.63 -13.00 13.67
CA MET B 131 -7.12 -12.33 14.88
C MET B 131 -7.19 -13.25 16.09
N ASP B 132 -6.73 -12.76 17.25
CA ASP B 132 -6.75 -13.48 18.50
C ASP B 132 -8.19 -13.73 19.00
N ARG B 133 -8.39 -14.89 19.61
CA ARG B 133 -9.65 -15.28 20.25
C ARG B 133 -9.61 -14.75 21.68
N PHE B 134 -10.72 -14.16 22.14
CA PHE B 134 -10.80 -13.65 23.50
C PHE B 134 -11.93 -14.31 24.28
N GLY B 135 -11.90 -14.06 25.59
CA GLY B 135 -12.90 -14.50 26.54
C GLY B 135 -14.03 -13.49 26.62
N SER B 136 -14.56 -13.30 27.81
CA SER B 136 -15.68 -12.40 28.06
C SER B 136 -15.29 -10.92 27.89
N ASP B 137 -16.29 -10.09 27.51
CA ASP B 137 -16.14 -8.65 27.44
C ASP B 137 -16.39 -8.12 28.86
N LEU B 138 -15.90 -6.90 29.18
CA LEU B 138 -16.04 -6.35 30.53
C LEU B 138 -17.47 -5.94 30.87
N GLN B 139 -18.31 -5.61 29.86
CA GLN B 139 -19.71 -5.19 30.08
C GLN B 139 -20.51 -6.30 30.77
N LYS B 140 -20.32 -7.57 30.34
CA LYS B 140 -20.99 -8.74 30.92
C LYS B 140 -20.58 -8.91 32.39
N ILE B 141 -19.27 -8.81 32.68
CA ILE B 141 -18.69 -8.95 34.02
C ILE B 141 -19.16 -7.79 34.92
N TYR B 142 -19.20 -6.58 34.34
CA TYR B 142 -19.66 -5.34 34.98
C TYR B 142 -21.11 -5.48 35.44
N GLU B 143 -22.00 -5.90 34.53
CA GLU B 143 -23.43 -6.11 34.79
C GLU B 143 -23.64 -7.23 35.82
N ALA B 144 -22.80 -8.28 35.79
CA ALA B 144 -22.84 -9.40 36.73
C ALA B 144 -22.38 -8.99 38.14
N ASN B 145 -21.58 -7.91 38.24
CA ASN B 145 -21.08 -7.40 39.51
C ASN B 145 -21.89 -6.18 39.99
N ALA B 146 -23.20 -6.16 39.63
CA ALA B 146 -24.21 -5.13 39.96
C ALA B 146 -23.78 -3.72 39.50
N LYS B 147 -23.23 -3.64 38.27
CA LYS B 147 -22.77 -2.41 37.61
C LYS B 147 -21.73 -1.62 38.47
N ARG B 148 -20.75 -2.35 39.04
CA ARG B 148 -19.65 -1.78 39.82
C ARG B 148 -18.36 -2.54 39.63
N PHE B 149 -17.24 -1.81 39.63
CA PHE B 149 -15.87 -2.32 39.63
C PHE B 149 -15.16 -1.63 40.79
N SER B 150 -14.30 -2.35 41.51
CA SER B 150 -13.55 -1.78 42.63
C SER B 150 -12.49 -0.79 42.14
N ARG B 151 -12.03 0.10 43.05
CA ARG B 151 -10.97 1.09 42.78
C ARG B 151 -9.72 0.38 42.24
N LYS B 152 -9.37 -0.78 42.84
CA LYS B 152 -8.26 -1.63 42.43
C LYS B 152 -8.45 -2.10 40.97
N THR B 153 -9.65 -2.62 40.62
CA THR B 153 -9.99 -3.09 39.28
C THR B 153 -9.90 -1.96 38.25
N VAL B 154 -10.54 -0.81 38.55
CA VAL B 154 -10.58 0.36 37.65
C VAL B 154 -9.16 0.89 37.39
N LEU B 155 -8.32 1.00 38.44
CA LEU B 155 -6.94 1.50 38.30
C LEU B 155 -6.09 0.52 37.48
N GLN B 156 -6.25 -0.80 37.74
CA GLN B 156 -5.53 -1.85 37.03
C GLN B 156 -5.93 -1.90 35.57
N LEU B 157 -7.24 -1.76 35.27
CA LEU B 157 -7.76 -1.73 33.88
C LEU B 157 -7.22 -0.52 33.15
N SER B 158 -7.29 0.67 33.77
CA SER B 158 -6.89 1.95 33.20
C SER B 158 -5.40 2.02 32.91
N LEU B 159 -4.54 1.39 33.75
CA LEU B 159 -3.09 1.35 33.49
C LEU B 159 -2.82 0.59 32.19
N ARG B 160 -3.55 -0.51 31.93
CA ARG B 160 -3.43 -1.33 30.72
C ARG B 160 -4.00 -0.62 29.51
N ILE B 161 -5.11 0.12 29.67
CA ILE B 161 -5.74 0.88 28.59
C ILE B 161 -4.77 2.01 28.18
N LEU B 162 -4.08 2.65 29.16
CA LEU B 162 -3.08 3.69 28.87
C LEU B 162 -1.95 3.14 28.01
N ASP B 163 -1.55 1.86 28.24
CA ASP B 163 -0.52 1.17 27.46
C ASP B 163 -0.99 0.98 26.02
N ILE B 164 -2.25 0.52 25.84
CA ILE B 164 -2.89 0.30 24.54
C ILE B 164 -2.97 1.62 23.77
N LEU B 165 -3.50 2.67 24.44
CA LEU B 165 -3.71 3.99 23.85
C LEU B 165 -2.39 4.61 23.46
N GLU B 166 -1.35 4.56 24.32
CA GLU B 166 -0.02 5.08 23.94
C GLU B 166 0.50 4.39 22.66
N TYR B 167 0.40 3.05 22.59
CA TYR B 167 0.85 2.26 21.46
C TYR B 167 0.14 2.68 20.16
N ILE B 168 -1.20 2.67 20.13
CA ILE B 168 -1.99 2.98 18.92
C ILE B 168 -1.80 4.45 18.50
N HIS B 169 -1.70 5.38 19.47
CA HIS B 169 -1.45 6.80 19.22
C HIS B 169 -0.08 6.99 18.57
N GLU B 170 0.95 6.23 19.04
CA GLU B 170 2.30 6.29 18.48
C GLU B 170 2.35 5.66 17.08
N HIS B 171 1.31 4.89 16.71
CA HIS B 171 1.17 4.23 15.42
C HIS B 171 0.07 4.91 14.58
N GLU B 172 -0.10 6.25 14.79
CA GLU B 172 -0.96 7.21 14.07
C GLU B 172 -2.49 7.01 14.21
N TYR B 173 -2.95 6.19 15.16
CA TYR B 173 -4.38 5.94 15.33
C TYR B 173 -4.95 6.30 16.66
N VAL B 174 -6.26 6.64 16.67
CA VAL B 174 -7.06 6.88 17.86
C VAL B 174 -8.26 5.92 17.76
N HIS B 175 -8.72 5.41 18.90
CA HIS B 175 -9.84 4.45 18.93
C HIS B 175 -11.20 5.19 18.86
N GLY B 176 -11.39 6.17 19.74
CA GLY B 176 -12.59 7.01 19.82
C GLY B 176 -13.84 6.34 20.34
N ASP B 177 -13.76 5.07 20.78
CA ASP B 177 -14.93 4.35 21.27
C ASP B 177 -14.56 3.33 22.36
N ILE B 178 -13.75 3.77 23.33
CA ILE B 178 -13.35 2.94 24.48
C ILE B 178 -14.57 2.81 25.41
N LYS B 179 -14.92 1.56 25.75
CA LYS B 179 -16.02 1.17 26.64
C LYS B 179 -15.83 -0.29 27.05
N ALA B 180 -16.54 -0.73 28.11
CA ALA B 180 -16.46 -2.09 28.67
C ALA B 180 -16.82 -3.18 27.65
N SER B 181 -17.75 -2.92 26.71
CA SER B 181 -18.13 -3.90 25.68
C SER B 181 -17.03 -4.09 24.59
N ASN B 182 -16.08 -3.15 24.50
CA ASN B 182 -14.96 -3.21 23.55
C ASN B 182 -13.67 -3.67 24.25
N LEU B 183 -13.80 -4.11 25.51
CA LEU B 183 -12.68 -4.60 26.31
C LEU B 183 -12.93 -6.07 26.63
N LEU B 184 -12.12 -6.94 26.02
CA LEU B 184 -12.26 -8.39 26.15
C LEU B 184 -11.05 -8.98 26.88
N LEU B 185 -11.30 -9.96 27.75
CA LEU B 185 -10.23 -10.61 28.51
C LEU B 185 -9.57 -11.68 27.67
N ASN B 186 -8.28 -11.94 27.95
CA ASN B 186 -7.52 -13.01 27.32
C ASN B 186 -8.21 -14.32 27.69
N TYR B 187 -8.49 -15.17 26.70
CA TYR B 187 -9.19 -16.44 26.89
C TYR B 187 -8.47 -17.33 27.94
N LYS B 188 -7.12 -17.31 27.96
CA LYS B 188 -6.28 -18.09 28.86
C LYS B 188 -5.91 -17.33 30.16
N ASN B 189 -5.89 -15.98 30.12
CA ASN B 189 -5.52 -15.16 31.29
C ASN B 189 -6.59 -14.10 31.59
N PRO B 190 -7.34 -14.26 32.72
CA PRO B 190 -8.38 -13.26 33.04
C PRO B 190 -7.82 -11.95 33.63
N ASP B 191 -6.47 -11.80 33.70
CA ASP B 191 -5.82 -10.60 34.20
C ASP B 191 -5.27 -9.75 33.05
N GLN B 192 -5.51 -10.17 31.79
CA GLN B 192 -5.06 -9.44 30.61
C GLN B 192 -6.27 -8.96 29.79
N VAL B 193 -6.44 -7.63 29.71
CA VAL B 193 -7.55 -7.00 28.98
C VAL B 193 -7.03 -6.45 27.63
N TYR B 194 -7.86 -6.60 26.58
CA TYR B 194 -7.56 -6.20 25.22
C TYR B 194 -8.65 -5.26 24.69
N LEU B 195 -8.25 -4.24 23.90
CA LEU B 195 -9.19 -3.29 23.30
C LEU B 195 -9.49 -3.73 21.86
N VAL B 196 -10.77 -3.94 21.55
CA VAL B 196 -11.20 -4.40 20.21
C VAL B 196 -12.02 -3.31 19.49
N ASP B 197 -12.40 -3.59 18.22
CA ASP B 197 -13.21 -2.77 17.31
C ASP B 197 -12.46 -1.53 16.81
N TYR B 198 -11.87 -1.67 15.62
CA TYR B 198 -11.12 -0.59 14.97
C TYR B 198 -11.78 -0.25 13.63
N GLY B 199 -13.05 -0.67 13.47
CA GLY B 199 -13.86 -0.43 12.28
C GLY B 199 -14.14 1.05 12.05
N LEU B 200 -14.18 1.82 13.15
CA LEU B 200 -14.38 3.26 13.12
C LEU B 200 -13.20 3.98 13.81
N ALA B 201 -12.00 3.32 13.88
CA ALA B 201 -10.77 3.92 14.39
C ALA B 201 -10.36 5.05 13.44
N TYR B 202 -9.55 5.99 13.92
CA TYR B 202 -9.21 7.13 13.10
C TYR B 202 -7.70 7.37 13.05
N ARG B 203 -7.18 7.54 11.84
CA ARG B 203 -5.79 7.82 11.58
C ARG B 203 -5.63 9.34 11.64
N TYR B 204 -5.40 9.85 12.88
CA TYR B 204 -5.32 11.29 13.21
C TYR B 204 -4.00 11.92 12.74
N CYS B 205 -2.96 11.10 12.52
CA CYS B 205 -1.62 11.53 12.19
C CYS B 205 -1.03 10.80 10.96
N PRO B 206 -1.64 10.80 9.74
CA PRO B 206 -1.01 10.04 8.63
C PRO B 206 0.34 10.64 8.24
N GLU B 207 1.38 9.78 8.20
CA GLU B 207 2.77 10.13 7.85
C GLU B 207 3.34 11.22 8.77
N GLY B 208 2.92 11.20 10.04
CA GLY B 208 3.36 12.14 11.06
C GLY B 208 2.77 13.54 10.97
N VAL B 209 1.74 13.73 10.12
CA VAL B 209 1.07 15.02 9.97
C VAL B 209 -0.29 14.97 10.68
N HIS B 210 -0.44 15.71 11.80
CA HIS B 210 -1.67 15.76 12.58
C HIS B 210 -2.81 16.44 11.79
N LYS B 211 -3.99 15.84 11.87
CA LYS B 211 -5.20 16.37 11.27
C LYS B 211 -5.60 17.65 11.97
N ALA B 212 -5.94 18.69 11.19
CA ALA B 212 -6.32 20.02 11.69
C ALA B 212 -7.64 19.98 12.44
N TYR B 213 -7.81 20.91 13.41
CA TYR B 213 -9.03 21.01 14.21
C TYR B 213 -10.22 21.33 13.30
N ALA B 214 -10.99 20.28 12.95
CA ALA B 214 -12.16 20.26 12.06
C ALA B 214 -12.68 18.83 11.81
N ALA B 215 -13.84 18.73 11.14
CA ALA B 215 -14.48 17.47 10.78
C ALA B 215 -13.73 16.78 9.64
N ASP B 216 -13.74 15.43 9.66
CA ASP B 216 -13.18 14.66 8.56
C ASP B 216 -14.37 14.25 7.69
N PRO B 217 -14.38 14.61 6.38
CA PRO B 217 -15.56 14.30 5.55
C PRO B 217 -15.80 12.80 5.32
N LYS B 218 -14.72 11.99 5.35
CA LYS B 218 -14.79 10.54 5.16
C LYS B 218 -15.37 9.83 6.41
N ARG B 219 -15.15 10.42 7.60
CA ARG B 219 -15.63 9.89 8.88
C ARG B 219 -17.02 10.47 9.24
N CYS B 220 -17.88 9.65 9.86
CA CYS B 220 -19.25 10.03 10.24
C CYS B 220 -19.53 9.72 11.72
N HIS B 221 -18.87 8.69 12.28
CA HIS B 221 -19.04 8.22 13.65
C HIS B 221 -18.66 9.26 14.72
N ASP B 222 -19.46 9.28 15.82
CA ASP B 222 -19.29 10.18 16.96
C ASP B 222 -19.04 9.41 18.27
N GLY B 223 -18.70 8.13 18.17
CA GLY B 223 -18.47 7.26 19.32
C GLY B 223 -19.77 6.88 20.01
N THR B 224 -19.70 6.53 21.31
CA THR B 224 -20.84 6.17 22.15
C THR B 224 -21.17 7.41 22.98
N ILE B 225 -22.37 7.97 22.79
CA ILE B 225 -22.87 9.23 23.36
C ILE B 225 -22.50 9.47 24.86
N GLU B 226 -22.70 8.49 25.76
CA GLU B 226 -22.41 8.70 27.19
C GLU B 226 -20.91 8.81 27.50
N PHE B 227 -20.04 8.20 26.68
CA PHE B 227 -18.59 8.20 26.92
C PHE B 227 -17.79 9.06 25.96
N THR B 228 -18.39 9.49 24.82
CA THR B 228 -17.65 10.22 23.78
C THR B 228 -17.06 11.55 24.28
N SER B 229 -16.02 12.03 23.60
CA SER B 229 -15.30 13.25 23.94
C SER B 229 -16.07 14.51 23.54
N ILE B 230 -15.72 15.66 24.16
CA ILE B 230 -16.30 16.98 23.86
C ILE B 230 -15.97 17.31 22.37
N ASP B 231 -14.74 16.97 21.92
CA ASP B 231 -14.29 17.15 20.52
C ASP B 231 -15.26 16.47 19.56
N ALA B 232 -15.58 15.18 19.80
CA ALA B 232 -16.54 14.40 18.99
C ALA B 232 -17.92 15.05 19.01
N HIS B 233 -18.39 15.49 20.20
CA HIS B 233 -19.66 16.23 20.32
C HIS B 233 -19.65 17.50 19.48
N ASN B 234 -18.50 18.17 19.39
CA ASN B 234 -18.34 19.42 18.65
C ASN B 234 -18.17 19.21 17.13
N GLY B 235 -18.25 17.95 16.69
CA GLY B 235 -18.21 17.56 15.30
C GLY B 235 -16.85 17.60 14.65
N VAL B 236 -15.78 17.48 15.46
CA VAL B 236 -14.45 17.46 14.88
C VAL B 236 -13.94 16.01 14.94
N ALA B 237 -12.93 15.69 14.10
CA ALA B 237 -12.30 14.37 14.06
C ALA B 237 -11.65 14.04 15.42
N PRO B 238 -11.68 12.77 15.89
CA PRO B 238 -11.08 12.46 17.21
C PRO B 238 -9.55 12.54 17.23
N SER B 239 -8.98 12.97 18.37
CA SER B 239 -7.52 13.02 18.54
C SER B 239 -7.16 12.32 19.87
N ARG B 240 -5.88 12.36 20.27
CA ARG B 240 -5.37 11.66 21.45
C ARG B 240 -6.04 12.08 22.75
N ARG B 241 -6.24 13.40 22.98
CA ARG B 241 -6.88 13.90 24.21
C ARG B 241 -8.32 13.33 24.37
N GLY B 242 -9.02 13.16 23.25
CA GLY B 242 -10.36 12.58 23.21
C GLY B 242 -10.41 11.16 23.78
N ASP B 243 -9.47 10.29 23.37
CA ASP B 243 -9.35 8.90 23.85
C ASP B 243 -9.15 8.84 25.37
N LEU B 244 -8.34 9.75 25.90
CA LEU B 244 -8.02 9.85 27.32
C LEU B 244 -9.21 10.40 28.13
N GLU B 245 -10.01 11.27 27.50
CA GLU B 245 -11.21 11.83 28.09
C GLU B 245 -12.29 10.72 28.20
N ILE B 246 -12.47 9.94 27.12
CA ILE B 246 -13.39 8.79 27.05
C ILE B 246 -13.06 7.80 28.20
N LEU B 247 -11.77 7.48 28.41
CA LEU B 247 -11.31 6.62 29.49
C LEU B 247 -11.71 7.20 30.87
N GLY B 248 -11.56 8.52 31.03
CA GLY B 248 -11.96 9.23 32.24
C GLY B 248 -13.41 8.98 32.61
N TYR B 249 -14.32 9.12 31.64
CA TYR B 249 -15.77 8.87 31.81
C TYR B 249 -16.05 7.41 32.13
N CYS B 250 -15.30 6.48 31.49
CA CYS B 250 -15.38 5.03 31.72
C CYS B 250 -15.06 4.72 33.18
N MET B 251 -13.96 5.32 33.70
CA MET B 251 -13.50 5.15 35.08
C MET B 251 -14.59 5.52 36.09
N ILE B 252 -15.26 6.67 35.89
CA ILE B 252 -16.33 7.17 36.77
C ILE B 252 -17.53 6.18 36.72
N GLN B 253 -17.95 5.79 35.49
CA GLN B 253 -19.05 4.86 35.24
C GLN B 253 -18.79 3.51 35.94
N TRP B 254 -17.55 3.00 35.87
CA TRP B 254 -17.19 1.71 36.47
C TRP B 254 -17.16 1.80 37.99
N LEU B 255 -16.67 2.92 38.53
CA LEU B 255 -16.56 3.13 39.97
C LEU B 255 -17.91 3.40 40.65
N THR B 256 -18.80 4.17 40.01
CA THR B 256 -20.06 4.61 40.61
C THR B 256 -21.33 3.93 40.05
N GLY B 257 -21.22 3.31 38.88
CA GLY B 257 -22.36 2.69 38.21
C GLY B 257 -23.21 3.69 37.42
N HIS B 258 -22.80 4.98 37.40
CA HIS B 258 -23.54 6.05 36.74
C HIS B 258 -22.65 7.14 36.14
N LEU B 259 -23.26 8.01 35.33
CA LEU B 259 -22.69 9.22 34.74
C LEU B 259 -23.75 10.31 34.90
N PRO B 260 -23.38 11.58 35.22
CA PRO B 260 -24.42 12.60 35.50
C PRO B 260 -25.45 12.81 34.38
N TRP B 261 -25.05 12.66 33.11
CA TRP B 261 -25.87 12.91 31.92
C TRP B 261 -26.62 11.66 31.37
N GLU B 262 -26.55 10.51 32.06
CA GLU B 262 -27.13 9.24 31.58
C GLU B 262 -28.68 9.23 31.45
N ASP B 263 -29.39 10.15 32.10
CA ASP B 263 -30.85 10.14 32.03
C ASP B 263 -31.41 10.89 30.79
N ASN B 264 -30.55 11.46 29.93
CA ASN B 264 -31.03 12.14 28.72
C ASN B 264 -30.02 11.98 27.59
N LEU B 265 -29.71 10.72 27.28
CA LEU B 265 -28.75 10.39 26.22
C LEU B 265 -29.36 10.60 24.83
N LYS B 266 -30.70 10.79 24.73
CA LYS B 266 -31.39 11.08 23.48
C LYS B 266 -31.34 12.61 23.18
N ASP B 267 -30.67 13.39 24.07
CA ASP B 267 -30.44 14.82 23.95
C ASP B 267 -28.92 15.11 23.93
N PRO B 268 -28.26 15.06 22.74
CA PRO B 268 -26.80 15.24 22.69
C PRO B 268 -26.29 16.63 23.10
N LYS B 269 -27.02 17.74 22.78
CA LYS B 269 -26.60 19.10 23.18
C LYS B 269 -26.54 19.21 24.71
N TYR B 270 -27.43 18.49 25.41
CA TYR B 270 -27.45 18.41 26.87
C TYR B 270 -26.22 17.64 27.36
N VAL B 271 -25.93 16.46 26.74
CA VAL B 271 -24.78 15.60 27.07
C VAL B 271 -23.48 16.42 26.92
N ARG B 272 -23.33 17.16 25.78
CA ARG B 272 -22.17 18.02 25.55
C ARG B 272 -22.07 19.15 26.60
N ASP B 273 -23.17 19.87 26.85
CA ASP B 273 -23.23 20.97 27.82
C ASP B 273 -22.78 20.49 29.21
N SER B 274 -23.24 19.30 29.65
CA SER B 274 -22.83 18.71 30.94
C SER B 274 -21.34 18.43 30.97
N LYS B 275 -20.81 17.83 29.90
CA LYS B 275 -19.39 17.48 29.82
C LYS B 275 -18.51 18.73 29.81
N ILE B 276 -18.93 19.80 29.10
CA ILE B 276 -18.20 21.07 29.04
C ILE B 276 -18.14 21.71 30.43
N ARG B 277 -19.28 21.78 31.11
CA ARG B 277 -19.44 22.33 32.46
C ARG B 277 -18.64 21.52 33.49
N TYR B 278 -18.68 20.17 33.40
CA TYR B 278 -17.97 19.32 34.32
C TYR B 278 -16.45 19.29 34.04
N ARG B 279 -16.01 19.65 32.82
CA ARG B 279 -14.60 19.80 32.47
C ARG B 279 -14.08 21.13 33.06
N GLU B 280 -14.91 22.19 32.96
CA GLU B 280 -14.64 23.53 33.47
C GLU B 280 -14.55 23.50 35.01
N ASN B 281 -15.33 22.61 35.67
CA ASN B 281 -15.35 22.46 37.12
C ASN B 281 -15.37 20.96 37.46
N ILE B 282 -14.17 20.36 37.52
CA ILE B 282 -13.95 18.93 37.81
C ILE B 282 -14.35 18.61 39.28
N ALA B 283 -14.18 19.57 40.20
CA ALA B 283 -14.56 19.42 41.61
C ALA B 283 -16.08 19.18 41.74
N SER B 284 -16.91 19.84 40.91
CA SER B 284 -18.36 19.66 40.90
C SER B 284 -18.71 18.30 40.30
N LEU B 285 -17.88 17.78 39.36
CA LEU B 285 -18.08 16.45 38.78
C LEU B 285 -17.82 15.39 39.86
N MET B 286 -16.75 15.59 40.68
CA MET B 286 -16.40 14.68 41.76
C MET B 286 -17.49 14.69 42.84
N ASP B 287 -18.05 15.88 43.14
CA ASP B 287 -19.11 16.05 44.13
C ASP B 287 -20.41 15.39 43.67
N LYS B 288 -20.69 15.44 42.36
CA LYS B 288 -21.89 14.87 41.76
C LYS B 288 -21.84 13.33 41.72
N CYS B 289 -20.69 12.76 41.35
CA CYS B 289 -20.50 11.32 41.14
C CYS B 289 -20.15 10.56 42.40
N PHE B 290 -19.43 11.20 43.33
CA PHE B 290 -18.99 10.51 44.53
C PHE B 290 -19.56 11.12 45.82
N PRO B 291 -19.90 10.27 46.82
CA PRO B 291 -20.37 10.84 48.10
C PRO B 291 -19.22 11.57 48.80
N ALA B 292 -19.53 12.57 49.63
CA ALA B 292 -18.53 13.36 50.36
C ALA B 292 -17.47 12.45 51.04
N ALA B 293 -16.18 12.82 50.84
CA ALA B 293 -14.97 12.14 51.34
C ALA B 293 -14.70 10.79 50.65
N ASN B 294 -15.52 10.39 49.66
CA ASN B 294 -15.33 9.13 48.94
C ASN B 294 -14.76 9.35 47.54
N ALA B 295 -14.47 10.61 47.13
CA ALA B 295 -13.96 10.84 45.77
C ALA B 295 -12.48 10.47 45.64
N PRO B 296 -12.12 9.56 44.70
CA PRO B 296 -10.70 9.17 44.58
C PRO B 296 -9.90 10.28 43.90
N GLY B 297 -8.91 10.80 44.62
CA GLY B 297 -8.05 11.90 44.20
C GLY B 297 -7.36 11.74 42.86
N GLU B 298 -6.97 10.50 42.51
CA GLU B 298 -6.30 10.21 41.25
C GLU B 298 -7.24 10.44 40.04
N ILE B 299 -8.57 10.24 40.21
CA ILE B 299 -9.55 10.45 39.14
C ILE B 299 -9.60 11.95 38.79
N ALA B 300 -9.67 12.82 39.80
CA ALA B 300 -9.67 14.27 39.64
C ALA B 300 -8.36 14.75 39.02
N LYS B 301 -7.21 14.25 39.50
CA LYS B 301 -5.88 14.58 39.01
C LYS B 301 -5.73 14.17 37.53
N TYR B 302 -6.25 12.95 37.18
CA TYR B 302 -6.27 12.44 35.81
C TYR B 302 -7.09 13.38 34.90
N MET B 303 -8.31 13.75 35.32
CA MET B 303 -9.21 14.63 34.56
C MET B 303 -8.57 16.01 34.35
N GLU B 304 -7.89 16.56 35.39
CA GLU B 304 -7.21 17.86 35.35
C GLU B 304 -6.03 17.84 34.38
N THR B 305 -5.32 16.71 34.27
CA THR B 305 -4.18 16.57 33.38
C THR B 305 -4.64 16.49 31.91
N VAL B 306 -5.70 15.72 31.63
CA VAL B 306 -6.28 15.56 30.29
C VAL B 306 -6.87 16.91 29.83
N LYS B 307 -7.44 17.69 30.78
CA LYS B 307 -8.02 19.02 30.55
C LYS B 307 -6.95 19.99 29.98
N LEU B 308 -5.70 19.83 30.42
CA LEU B 308 -4.57 20.67 30.00
C LEU B 308 -4.08 20.35 28.58
N LEU B 309 -4.51 19.23 27.99
CA LEU B 309 -4.11 18.83 26.65
C LEU B 309 -4.77 19.65 25.56
N ASP B 310 -3.95 20.06 24.58
CA ASP B 310 -4.41 20.75 23.38
C ASP B 310 -4.81 19.67 22.37
N TYR B 311 -5.58 20.05 21.33
CA TYR B 311 -6.11 19.11 20.33
C TYR B 311 -5.02 18.27 19.66
N THR B 312 -3.88 18.90 19.27
CA THR B 312 -2.79 18.22 18.57
C THR B 312 -1.64 17.77 19.51
N GLU B 313 -1.73 18.09 20.81
CA GLU B 313 -0.71 17.79 21.79
C GLU B 313 -0.50 16.31 22.07
N LYS B 314 0.77 15.90 22.15
CA LYS B 314 1.15 14.55 22.53
C LYS B 314 1.05 14.41 24.07
N PRO B 315 0.20 13.49 24.57
CA PRO B 315 0.08 13.33 26.03
C PRO B 315 1.35 12.80 26.68
N LEU B 316 1.55 13.15 27.96
CA LEU B 316 2.65 12.62 28.78
C LEU B 316 2.08 11.41 29.52
N TYR B 317 2.03 10.28 28.81
CA TYR B 317 1.47 9.01 29.24
C TYR B 317 2.07 8.49 30.57
N GLU B 318 3.39 8.68 30.79
CA GLU B 318 4.05 8.25 32.01
C GLU B 318 3.52 9.00 33.23
N ASN B 319 3.25 10.31 33.07
CA ASN B 319 2.71 11.18 34.11
C ASN B 319 1.29 10.72 34.49
N LEU B 320 0.48 10.30 33.50
CA LEU B 320 -0.88 9.80 33.72
C LEU B 320 -0.85 8.46 34.47
N ARG B 321 0.15 7.62 34.16
CA ARG B 321 0.37 6.33 34.82
C ARG B 321 0.74 6.54 36.30
N ASP B 322 1.63 7.53 36.59
CA ASP B 322 2.06 7.85 37.96
C ASP B 322 0.87 8.30 38.82
N ILE B 323 -0.07 9.05 38.20
CA ILE B 323 -1.29 9.52 38.87
C ILE B 323 -2.11 8.30 39.32
N LEU B 324 -2.31 7.32 38.43
CA LEU B 324 -3.07 6.10 38.73
C LEU B 324 -2.33 5.19 39.73
N LEU B 325 -0.98 5.16 39.65
CA LEU B 325 -0.13 4.39 40.56
C LEU B 325 -0.21 4.95 42.00
N GLN B 326 -0.39 6.29 42.13
CA GLN B 326 -0.55 6.96 43.42
C GLN B 326 -1.87 6.50 44.08
N GLY B 327 -2.88 6.22 43.24
CA GLY B 327 -4.18 5.70 43.67
C GLY B 327 -4.08 4.30 44.24
N LEU B 328 -3.22 3.45 43.66
CA LEU B 328 -3.01 2.08 44.16
C LEU B 328 -2.25 2.11 45.48
N LYS B 329 -1.29 3.05 45.61
CA LYS B 329 -0.50 3.23 46.84
C LYS B 329 -1.44 3.70 47.97
N ALA B 330 -2.41 4.57 47.63
CA ALA B 330 -3.40 5.12 48.57
C ALA B 330 -4.30 4.03 49.17
N ILE B 331 -4.63 2.98 48.39
CA ILE B 331 -5.49 1.87 48.83
C ILE B 331 -4.65 0.69 49.39
N GLY B 332 -3.35 0.93 49.60
CA GLY B 332 -2.42 -0.05 50.15
C GLY B 332 -2.01 -1.16 49.21
N SER B 333 -2.24 -0.97 47.89
CA SER B 333 -1.90 -1.94 46.85
C SER B 333 -0.71 -1.45 46.00
N LYS B 334 -0.45 -2.14 44.88
CA LYS B 334 0.61 -1.85 43.92
C LYS B 334 0.20 -2.39 42.55
N ASP B 335 0.94 -2.02 41.50
CA ASP B 335 0.65 -2.54 40.17
C ASP B 335 1.23 -3.95 40.06
N ASP B 336 0.40 -4.95 40.43
CA ASP B 336 0.76 -6.37 40.39
C ASP B 336 0.08 -7.04 39.16
N GLY B 337 -0.61 -6.23 38.36
CA GLY B 337 -1.32 -6.67 37.17
C GLY B 337 -2.54 -7.52 37.46
N LYS B 338 -3.05 -7.50 38.71
CA LYS B 338 -4.23 -8.27 39.10
C LYS B 338 -5.49 -7.44 38.91
N LEU B 339 -6.37 -7.87 37.98
CA LEU B 339 -7.60 -7.15 37.64
C LEU B 339 -8.70 -7.35 38.69
N ASP B 340 -8.66 -8.44 39.47
CA ASP B 340 -9.62 -8.77 40.54
C ASP B 340 -11.08 -8.80 40.04
N LEU B 341 -11.29 -9.54 38.92
CA LEU B 341 -12.61 -9.72 38.29
C LEU B 341 -13.16 -11.11 38.61
N GLN C 22 -36.20 20.60 -13.45
CA GLN C 22 -37.03 19.91 -12.47
C GLN C 22 -38.07 20.85 -11.86
N PHE C 23 -37.66 22.05 -11.37
CA PHE C 23 -38.52 23.08 -10.77
C PHE C 23 -39.64 23.46 -11.74
N ALA C 24 -40.89 23.54 -11.24
CA ALA C 24 -42.04 23.78 -12.10
C ALA C 24 -42.11 25.21 -12.57
N VAL C 25 -42.54 25.42 -13.83
CA VAL C 25 -42.68 26.76 -14.39
C VAL C 25 -43.91 27.39 -13.72
N GLY C 26 -43.67 28.39 -12.88
CA GLY C 26 -44.71 29.05 -12.10
C GLY C 26 -44.61 28.78 -10.61
N GLU C 27 -43.63 27.94 -10.19
CA GLU C 27 -43.39 27.58 -8.79
C GLU C 27 -42.92 28.81 -8.00
N ILE C 28 -43.45 28.98 -6.78
CA ILE C 28 -43.09 30.09 -5.92
C ILE C 28 -42.04 29.63 -4.88
N ILE C 29 -40.88 30.30 -4.88
CA ILE C 29 -39.77 30.05 -3.94
C ILE C 29 -39.59 31.29 -3.04
N THR C 30 -39.24 31.06 -1.77
CA THR C 30 -39.03 32.13 -0.76
C THR C 30 -37.57 32.14 -0.30
N ASP C 31 -36.93 33.31 -0.31
CA ASP C 31 -35.52 33.47 0.07
C ASP C 31 -35.37 33.68 1.59
N MET C 32 -34.11 33.89 2.06
CA MET C 32 -33.74 34.12 3.47
C MET C 32 -34.41 35.37 4.08
N ALA C 33 -34.67 36.40 3.24
CA ALA C 33 -35.31 37.66 3.64
C ALA C 33 -36.85 37.57 3.56
N ALA C 34 -37.39 36.34 3.33
CA ALA C 34 -38.81 36.00 3.19
C ALA C 34 -39.46 36.64 1.93
N ALA C 35 -38.64 37.05 0.93
CA ALA C 35 -39.10 37.60 -0.34
C ALA C 35 -39.52 36.46 -1.27
N ALA C 36 -40.72 36.56 -1.85
CA ALA C 36 -41.26 35.55 -2.75
C ALA C 36 -40.84 35.79 -4.22
N TRP C 37 -40.44 34.72 -4.90
CA TRP C 37 -40.01 34.73 -6.30
C TRP C 37 -40.74 33.67 -7.09
N LYS C 38 -41.06 33.97 -8.35
CA LYS C 38 -41.73 33.03 -9.25
C LYS C 38 -40.74 32.53 -10.28
N VAL C 39 -40.69 31.20 -10.45
CA VAL C 39 -39.79 30.50 -11.37
C VAL C 39 -40.42 30.41 -12.77
N GLY C 40 -39.60 30.67 -13.79
CA GLY C 40 -39.98 30.57 -15.19
C GLY C 40 -39.35 29.37 -15.88
N LEU C 41 -39.03 29.51 -17.16
CA LEU C 41 -38.45 28.44 -17.99
C LEU C 41 -36.95 28.21 -17.71
N PRO C 42 -36.46 26.94 -17.80
CA PRO C 42 -35.01 26.70 -17.65
C PRO C 42 -34.24 27.25 -18.85
N ILE C 43 -33.09 27.89 -18.60
CA ILE C 43 -32.25 28.49 -19.64
C ILE C 43 -30.78 28.03 -19.53
N GLY C 44 -30.50 27.13 -18.59
CA GLY C 44 -29.17 26.58 -18.37
C GLY C 44 -29.15 25.35 -17.49
N GLN C 45 -28.24 24.39 -17.80
CA GLN C 45 -28.09 23.12 -17.07
C GLN C 45 -26.62 22.63 -17.10
N GLY C 46 -26.19 21.98 -16.02
CA GLY C 46 -24.85 21.45 -15.86
C GLY C 46 -24.51 21.09 -14.43
N GLY C 49 -25.05 24.06 -11.69
CA GLY C 49 -26.26 23.24 -11.53
C GLY C 49 -27.31 23.46 -12.61
N CYS C 50 -28.37 24.23 -12.29
CA CYS C 50 -29.46 24.54 -13.23
C CYS C 50 -29.96 25.98 -13.04
N ILE C 51 -30.11 26.71 -14.15
CA ILE C 51 -30.54 28.12 -14.15
C ILE C 51 -31.91 28.23 -14.84
N TYR C 52 -32.85 28.95 -14.18
CA TYR C 52 -34.20 29.23 -14.69
C TYR C 52 -34.42 30.72 -14.76
N LEU C 53 -35.38 31.17 -15.57
CA LEU C 53 -35.78 32.58 -15.59
C LEU C 53 -36.59 32.84 -14.33
N ALA C 54 -36.51 34.06 -13.78
CA ALA C 54 -37.21 34.38 -12.55
C ALA C 54 -37.62 35.84 -12.50
N ASP C 55 -38.56 36.14 -11.59
CA ASP C 55 -39.10 37.47 -11.32
C ASP C 55 -39.80 37.47 -9.95
N MET C 56 -40.16 38.66 -9.45
CA MET C 56 -40.93 38.83 -8.22
C MET C 56 -42.27 38.13 -8.38
N ASN C 57 -42.78 37.51 -7.30
CA ASN C 57 -44.06 36.78 -7.30
C ASN C 57 -45.23 37.73 -7.61
N SER C 58 -46.05 37.35 -8.60
CA SER C 58 -47.21 38.12 -9.05
C SER C 58 -48.24 37.19 -9.72
N SER C 59 -49.41 37.75 -10.12
CA SER C 59 -50.48 37.04 -10.81
C SER C 59 -50.04 36.62 -12.21
N GLU C 60 -49.16 37.42 -12.85
CA GLU C 60 -48.62 37.16 -14.18
C GLU C 60 -47.51 36.12 -14.14
N SER C 64 -39.63 35.64 -23.31
CA SER C 64 -38.96 35.65 -22.01
C SER C 64 -39.17 37.02 -21.30
N ASP C 65 -38.19 37.95 -21.45
CA ASP C 65 -38.09 39.33 -20.92
C ASP C 65 -37.88 39.43 -19.38
N ALA C 66 -37.92 38.28 -18.62
CA ALA C 66 -37.71 38.20 -17.17
C ALA C 66 -36.41 38.93 -16.74
N PRO C 67 -36.45 39.77 -15.68
CA PRO C 67 -35.26 40.54 -15.30
C PRO C 67 -34.26 39.78 -14.41
N CYS C 68 -34.67 38.61 -13.89
CA CYS C 68 -33.84 37.80 -13.00
C CYS C 68 -33.70 36.38 -13.49
N VAL C 69 -32.79 35.65 -12.84
CA VAL C 69 -32.50 34.24 -13.05
C VAL C 69 -32.37 33.58 -11.67
N VAL C 70 -32.62 32.27 -11.60
CA VAL C 70 -32.47 31.52 -10.35
C VAL C 70 -31.44 30.40 -10.62
N LYS C 71 -30.26 30.51 -9.96
CA LYS C 71 -29.15 29.54 -10.06
C LYS C 71 -29.33 28.47 -8.98
N VAL C 72 -29.90 27.31 -9.37
CA VAL C 72 -30.17 26.17 -8.49
C VAL C 72 -28.99 25.16 -8.53
N GLU C 73 -28.57 24.64 -7.36
CA GLU C 73 -27.51 23.64 -7.23
C GLU C 73 -27.98 22.43 -6.39
N LEU C 80 -21.18 27.31 -4.35
CA LEU C 80 -22.29 28.25 -4.13
C LEU C 80 -22.07 29.08 -2.86
N PHE C 81 -21.46 28.47 -1.81
CA PHE C 81 -21.13 29.16 -0.55
C PHE C 81 -20.06 30.24 -0.77
N THR C 82 -19.03 29.90 -1.58
CA THR C 82 -17.91 30.79 -1.96
C THR C 82 -18.48 31.98 -2.77
N GLU C 83 -19.36 31.67 -3.75
CA GLU C 83 -20.00 32.64 -4.63
C GLU C 83 -20.93 33.57 -3.85
N LEU C 84 -21.73 33.01 -2.93
CA LEU C 84 -22.64 33.77 -2.08
C LEU C 84 -21.87 34.76 -1.21
N LYS C 85 -20.74 34.30 -0.61
CA LYS C 85 -19.90 35.11 0.26
C LYS C 85 -19.32 36.29 -0.52
N PHE C 86 -18.86 36.06 -1.79
CA PHE C 86 -18.33 37.12 -2.66
C PHE C 86 -19.38 38.21 -2.91
N TYR C 87 -20.58 37.80 -3.36
CA TYR C 87 -21.69 38.70 -3.70
C TYR C 87 -22.16 39.49 -2.49
N GLN C 88 -22.26 38.84 -1.32
CA GLN C 88 -22.68 39.49 -0.08
C GLN C 88 -21.65 40.52 0.40
N ARG C 89 -20.34 40.21 0.25
CA ARG C 89 -19.25 41.07 0.71
C ARG C 89 -18.78 42.15 -0.29
N ALA C 90 -18.84 41.91 -1.63
CA ALA C 90 -18.33 42.85 -2.63
C ALA C 90 -19.33 43.30 -3.71
N ALA C 91 -20.51 42.67 -3.82
CA ALA C 91 -21.43 43.05 -4.90
C ALA C 91 -22.80 43.56 -4.41
N LYS C 92 -22.83 44.30 -3.29
CA LYS C 92 -24.05 44.91 -2.77
C LYS C 92 -24.41 46.06 -3.72
N PRO C 93 -25.69 46.22 -4.13
CA PRO C 93 -26.02 47.26 -5.12
C PRO C 93 -25.46 48.67 -4.84
N GLU C 94 -25.48 49.14 -3.57
CA GLU C 94 -24.98 50.47 -3.19
C GLU C 94 -23.44 50.56 -3.30
N GLN C 95 -22.76 49.45 -3.02
CA GLN C 95 -21.31 49.30 -3.10
C GLN C 95 -20.82 49.52 -4.55
N ILE C 96 -21.55 48.91 -5.53
CA ILE C 96 -21.27 48.99 -6.97
C ILE C 96 -21.58 50.40 -7.48
N GLN C 97 -22.74 50.97 -7.10
CA GLN C 97 -23.18 52.32 -7.53
C GLN C 97 -22.24 53.42 -7.04
N LYS C 98 -21.70 53.30 -5.81
CA LYS C 98 -20.74 54.26 -5.25
C LYS C 98 -19.47 54.26 -6.12
N TRP C 99 -19.01 53.06 -6.51
CA TRP C 99 -17.86 52.89 -7.38
C TRP C 99 -18.08 53.44 -8.79
N ILE C 100 -19.26 53.14 -9.42
CA ILE C 100 -19.63 53.63 -10.77
C ILE C 100 -19.56 55.17 -10.79
N ARG C 101 -20.08 55.80 -9.73
CA ARG C 101 -20.12 57.25 -9.52
C ARG C 101 -18.72 57.87 -9.40
N THR C 102 -17.91 57.41 -8.40
CA THR C 102 -16.57 57.91 -8.10
C THR C 102 -15.57 57.66 -9.24
N ARG C 103 -15.67 56.50 -9.91
CA ARG C 103 -14.72 56.21 -10.99
C ARG C 103 -15.21 56.74 -12.34
N LYS C 104 -16.39 57.41 -12.35
CA LYS C 104 -17.04 58.04 -13.52
C LYS C 104 -17.16 57.04 -14.70
N LEU C 105 -17.63 55.82 -14.38
CA LEU C 105 -17.84 54.73 -15.33
C LEU C 105 -19.23 54.82 -15.92
N LYS C 106 -19.42 54.31 -17.16
CA LYS C 106 -20.74 54.25 -17.78
C LYS C 106 -21.55 53.15 -17.09
N TYR C 107 -20.86 52.05 -16.71
CA TYR C 107 -21.40 50.89 -16.02
C TYR C 107 -20.23 50.09 -15.39
N LEU C 108 -20.56 49.04 -14.62
CA LEU C 108 -19.58 48.13 -14.03
C LEU C 108 -20.08 46.71 -14.25
N GLY C 109 -19.28 45.89 -14.92
CA GLY C 109 -19.62 44.52 -15.27
C GLY C 109 -19.61 43.50 -14.15
N VAL C 110 -20.02 43.92 -12.94
CA VAL C 110 -20.16 43.03 -11.78
C VAL C 110 -21.67 42.81 -11.61
N PRO C 111 -22.19 41.55 -11.67
CA PRO C 111 -23.63 41.34 -11.53
C PRO C 111 -24.15 41.65 -10.13
N LYS C 112 -25.47 41.91 -10.08
CA LYS C 112 -26.23 42.21 -8.87
C LYS C 112 -26.79 40.94 -8.25
N TYR C 113 -26.61 40.84 -6.93
CA TYR C 113 -27.11 39.77 -6.09
C TYR C 113 -28.42 40.27 -5.44
N TRP C 114 -29.53 39.58 -5.77
CA TRP C 114 -30.88 39.91 -5.32
C TRP C 114 -31.27 39.17 -4.02
N GLY C 115 -30.86 37.91 -3.90
CA GLY C 115 -31.18 37.09 -2.74
C GLY C 115 -30.85 35.62 -2.91
N SER C 116 -30.88 34.87 -1.81
CA SER C 116 -30.57 33.44 -1.79
C SER C 116 -31.47 32.70 -0.78
N GLY C 117 -31.46 31.36 -0.85
CA GLY C 117 -32.24 30.50 0.04
C GLY C 117 -32.16 29.04 -0.33
N LEU C 118 -33.03 28.23 0.30
CA LEU C 118 -33.13 26.79 0.06
C LEU C 118 -34.53 26.40 -0.40
N HIS C 119 -34.62 25.34 -1.23
CA HIS C 119 -35.89 24.81 -1.74
C HIS C 119 -35.85 23.28 -1.78
N ASP C 120 -36.77 22.63 -1.06
CA ASP C 120 -36.83 21.18 -1.03
C ASP C 120 -37.80 20.66 -2.09
N LYS C 121 -37.35 19.65 -2.86
CA LYS C 121 -38.13 18.99 -3.91
C LYS C 121 -37.86 17.48 -3.85
N ASN C 122 -38.94 16.68 -3.63
CA ASN C 122 -38.93 15.22 -3.50
C ASN C 122 -37.99 14.77 -2.38
N LYS C 124 -35.04 15.85 -1.43
CA LYS C 124 -33.74 16.43 -1.75
C LYS C 124 -33.72 17.94 -1.52
N SER C 125 -32.56 18.49 -1.07
CA SER C 125 -32.37 19.92 -0.80
C SER C 125 -31.64 20.61 -1.95
N TYR C 126 -32.12 21.80 -2.35
CA TYR C 126 -31.57 22.60 -3.44
C TYR C 126 -31.28 24.03 -2.97
N ARG C 127 -30.06 24.50 -3.18
CA ARG C 127 -29.70 25.88 -2.81
C ARG C 127 -29.91 26.77 -4.02
N PHE C 128 -30.36 28.02 -3.83
CA PHE C 128 -30.58 28.91 -4.95
C PHE C 128 -30.02 30.32 -4.72
N MET C 129 -29.81 31.06 -5.82
CA MET C 129 -29.33 32.44 -5.85
C MET C 129 -30.08 33.21 -6.93
N ILE C 130 -30.69 34.34 -6.57
CA ILE C 130 -31.41 35.19 -7.52
C ILE C 130 -30.43 36.26 -7.97
N MET C 131 -30.19 36.32 -9.28
CA MET C 131 -29.22 37.21 -9.93
C MET C 131 -29.83 38.00 -11.08
N ASP C 132 -29.07 38.95 -11.64
CA ASP C 132 -29.46 39.72 -12.82
C ASP C 132 -29.52 38.80 -14.03
N ARG C 133 -30.52 39.01 -14.89
CA ARG C 133 -30.65 38.24 -16.12
C ARG C 133 -29.74 38.90 -17.18
N PHE C 134 -29.01 38.07 -17.91
CA PHE C 134 -28.13 38.54 -18.99
C PHE C 134 -28.52 37.92 -20.33
N GLY C 135 -27.91 38.45 -21.38
CA GLY C 135 -28.08 37.96 -22.74
C GLY C 135 -27.08 36.86 -23.03
N SER C 136 -26.56 36.84 -24.26
CA SER C 136 -25.61 35.82 -24.71
C SER C 136 -24.25 35.93 -24.03
N ASP C 137 -23.55 34.79 -23.90
CA ASP C 137 -22.19 34.74 -23.40
C ASP C 137 -21.29 35.01 -24.63
N LEU C 138 -20.04 35.44 -24.40
CA LEU C 138 -19.14 35.76 -25.50
C LEU C 138 -18.65 34.54 -26.27
N GLN C 139 -18.61 33.34 -25.66
CA GLN C 139 -18.15 32.11 -26.31
C GLN C 139 -19.03 31.77 -27.51
N LYS C 140 -20.37 31.92 -27.38
CA LYS C 140 -21.34 31.67 -28.45
C LYS C 140 -21.12 32.63 -29.62
N ILE C 141 -20.91 33.93 -29.32
CA ILE C 141 -20.68 34.99 -30.30
C ILE C 141 -19.32 34.76 -31.01
N TYR C 142 -18.30 34.35 -30.23
CA TYR C 142 -16.95 34.06 -30.67
C TYR C 142 -16.96 32.91 -31.68
N GLU C 143 -17.64 31.79 -31.34
CA GLU C 143 -17.78 30.61 -32.19
C GLU C 143 -18.57 30.93 -33.47
N ALA C 144 -19.58 31.82 -33.37
CA ALA C 144 -20.40 32.27 -34.49
C ALA C 144 -19.62 33.19 -35.44
N ASN C 145 -18.54 33.83 -34.94
CA ASN C 145 -17.70 34.74 -35.71
C ASN C 145 -16.40 34.04 -36.16
N ALA C 146 -16.48 32.70 -36.37
CA ALA C 146 -15.41 31.80 -36.82
C ALA C 146 -14.18 31.82 -35.89
N LYS C 147 -14.43 31.85 -34.56
CA LYS C 147 -13.44 31.85 -33.47
C LYS C 147 -12.45 33.02 -33.60
N ARG C 148 -12.98 34.23 -33.89
CA ARG C 148 -12.18 35.47 -33.98
C ARG C 148 -12.97 36.67 -33.48
N PHE C 149 -12.26 37.60 -32.84
CA PHE C 149 -12.73 38.90 -32.41
C PHE C 149 -11.76 39.93 -32.97
N SER C 150 -12.26 41.06 -33.45
CA SER C 150 -11.41 42.12 -33.99
C SER C 150 -10.56 42.78 -32.91
N ARG C 151 -9.46 43.43 -33.29
CA ARG C 151 -8.57 44.18 -32.40
C ARG C 151 -9.38 45.21 -31.60
N LYS C 152 -10.34 45.90 -32.26
CA LYS C 152 -11.26 46.87 -31.68
C LYS C 152 -12.11 46.19 -30.58
N THR C 153 -12.72 45.02 -30.89
CA THR C 153 -13.56 44.25 -29.95
C THR C 153 -12.75 43.80 -28.73
N VAL C 154 -11.56 43.20 -28.96
CA VAL C 154 -10.69 42.69 -27.90
C VAL C 154 -10.26 43.83 -26.95
N LEU C 155 -9.86 45.00 -27.51
CA LEU C 155 -9.41 46.14 -26.71
C LEU C 155 -10.55 46.72 -25.90
N GLN C 156 -11.77 46.82 -26.49
CA GLN C 156 -12.96 47.35 -25.82
C GLN C 156 -13.42 46.40 -24.71
N LEU C 157 -13.39 45.08 -24.96
CA LEU C 157 -13.73 44.07 -23.95
C LEU C 157 -12.77 44.14 -22.78
N SER C 158 -11.46 44.17 -23.06
CA SER C 158 -10.37 44.19 -22.08
C SER C 158 -10.39 45.42 -21.20
N LEU C 159 -10.75 46.60 -21.75
CA LEU C 159 -10.85 47.83 -20.95
C LEU C 159 -11.92 47.70 -19.88
N ARG C 160 -13.06 47.05 -20.21
CA ARG C 160 -14.20 46.78 -19.31
C ARG C 160 -13.84 45.73 -18.29
N ILE C 161 -13.10 44.69 -18.70
CA ILE C 161 -12.66 43.63 -17.81
C ILE C 161 -11.66 44.23 -16.80
N LEU C 162 -10.77 45.15 -17.23
CA LEU C 162 -9.84 45.84 -16.33
C LEU C 162 -10.58 46.62 -15.24
N ASP C 163 -11.75 47.21 -15.59
CA ASP C 163 -12.60 47.93 -14.64
C ASP C 163 -13.19 46.96 -13.60
N ILE C 164 -13.68 45.79 -14.06
CA ILE C 164 -14.25 44.70 -13.22
C ILE C 164 -13.17 44.18 -12.27
N LEU C 165 -11.98 43.85 -12.83
CA LEU C 165 -10.86 43.30 -12.08
C LEU C 165 -10.34 44.29 -11.06
N GLU C 166 -10.15 45.57 -11.42
CA GLU C 166 -9.73 46.59 -10.45
C GLU C 166 -10.72 46.65 -9.26
N TYR C 167 -12.04 46.66 -9.54
CA TYR C 167 -13.10 46.69 -8.54
C TYR C 167 -13.02 45.51 -7.57
N ILE C 168 -13.06 44.27 -8.08
CA ILE C 168 -13.06 43.06 -7.24
C ILE C 168 -11.74 42.95 -6.45
N HIS C 169 -10.59 43.33 -7.07
CA HIS C 169 -9.27 43.32 -6.42
C HIS C 169 -9.24 44.32 -5.26
N GLU C 170 -9.86 45.49 -5.43
CA GLU C 170 -9.94 46.53 -4.40
C GLU C 170 -10.92 46.13 -3.30
N HIS C 171 -11.75 45.10 -3.55
CA HIS C 171 -12.70 44.53 -2.59
C HIS C 171 -12.23 43.15 -2.09
N GLU C 172 -10.89 42.95 -2.09
CA GLU C 172 -10.14 41.81 -1.54
C GLU C 172 -10.34 40.48 -2.30
N TYR C 173 -10.89 40.49 -3.50
CA TYR C 173 -11.13 39.26 -4.26
C TYR C 173 -10.44 39.19 -5.60
N VAL C 174 -10.17 37.96 -6.05
CA VAL C 174 -9.66 37.65 -7.40
C VAL C 174 -10.64 36.63 -8.02
N HIS C 175 -10.85 36.69 -9.35
CA HIS C 175 -11.77 35.80 -10.06
C HIS C 175 -11.11 34.45 -10.37
N GLY C 176 -9.93 34.46 -10.99
CA GLY C 176 -9.15 33.27 -11.32
C GLY C 176 -9.68 32.39 -12.44
N ASP C 177 -10.77 32.81 -13.12
CA ASP C 177 -11.35 32.01 -14.20
C ASP C 177 -12.03 32.88 -15.29
N ILE C 178 -11.34 33.95 -15.71
CA ILE C 178 -11.81 34.85 -16.78
C ILE C 178 -11.71 34.09 -18.13
N LYS C 179 -12.82 34.05 -18.89
CA LYS C 179 -12.95 33.42 -20.20
C LYS C 179 -14.24 33.92 -20.85
N ALA C 180 -14.38 33.74 -22.18
CA ALA C 180 -15.54 34.18 -22.98
C ALA C 180 -16.88 33.58 -22.49
N SER C 181 -16.88 32.33 -21.99
CA SER C 181 -18.10 31.68 -21.49
C SER C 181 -18.58 32.29 -20.14
N ASN C 182 -17.70 33.02 -19.42
CA ASN C 182 -18.01 33.69 -18.14
C ASN C 182 -18.27 35.17 -18.35
N LEU C 183 -18.34 35.60 -19.62
CA LEU C 183 -18.61 36.98 -19.99
C LEU C 183 -19.92 37.05 -20.73
N LEU C 184 -20.94 37.62 -20.08
CA LEU C 184 -22.31 37.72 -20.60
C LEU C 184 -22.68 39.17 -20.88
N LEU C 185 -23.37 39.39 -21.99
CA LEU C 185 -23.80 40.73 -22.37
C LEU C 185 -25.07 41.12 -21.63
N ASN C 186 -25.24 42.43 -21.40
CA ASN C 186 -26.44 42.99 -20.79
C ASN C 186 -27.61 42.67 -21.73
N TYR C 187 -28.71 42.11 -21.17
CA TYR C 187 -29.89 41.70 -21.92
C TYR C 187 -30.46 42.87 -22.76
N LYS C 188 -30.42 44.10 -22.22
CA LYS C 188 -30.91 45.32 -22.87
C LYS C 188 -29.83 46.08 -23.66
N ASN C 189 -28.53 45.93 -23.29
CA ASN C 189 -27.43 46.63 -23.97
C ASN C 189 -26.32 45.65 -24.43
N PRO C 190 -26.16 45.43 -25.76
CA PRO C 190 -25.12 44.51 -26.23
C PRO C 190 -23.70 45.10 -26.21
N ASP C 191 -23.52 46.33 -25.67
CA ASP C 191 -22.21 46.98 -25.56
C ASP C 191 -21.70 46.94 -24.11
N GLN C 192 -22.46 46.27 -23.20
CA GLN C 192 -22.10 46.11 -21.80
C GLN C 192 -21.85 44.65 -21.47
N VAL C 193 -20.59 44.32 -21.11
CA VAL C 193 -20.19 42.95 -20.78
C VAL C 193 -20.03 42.82 -19.24
N TYR C 194 -20.47 41.68 -18.71
CA TYR C 194 -20.46 41.35 -17.28
C TYR C 194 -19.67 40.07 -17.05
N LEU C 195 -18.87 40.03 -15.96
CA LEU C 195 -18.11 38.84 -15.57
C LEU C 195 -18.91 38.06 -14.52
N VAL C 196 -19.20 36.78 -14.82
CA VAL C 196 -19.99 35.91 -13.92
C VAL C 196 -19.10 34.77 -13.38
N ASP C 197 -19.67 33.94 -12.47
CA ASP C 197 -19.08 32.75 -11.83
C ASP C 197 -17.98 33.12 -10.80
N TYR C 198 -18.36 33.18 -9.54
CA TYR C 198 -17.46 33.48 -8.43
C TYR C 198 -17.41 32.29 -7.46
N GLY C 199 -17.80 31.12 -7.96
CA GLY C 199 -17.79 29.87 -7.21
C GLY C 199 -16.40 29.42 -6.81
N LEU C 200 -15.37 29.84 -7.59
CA LEU C 200 -13.97 29.56 -7.31
C LEU C 200 -13.18 30.88 -7.04
N ALA C 201 -13.93 32.00 -6.78
CA ALA C 201 -13.31 33.29 -6.47
C ALA C 201 -12.51 33.20 -5.18
N TYR C 202 -11.48 34.02 -5.03
CA TYR C 202 -10.63 33.90 -3.87
C TYR C 202 -10.37 35.23 -3.18
N ARG C 203 -10.52 35.24 -1.85
CA ARG C 203 -10.25 36.40 -0.98
C ARG C 203 -8.78 36.39 -0.65
N TYR C 204 -7.98 37.00 -1.56
CA TYR C 204 -6.51 37.04 -1.50
C TYR C 204 -5.98 38.03 -0.43
N CYS C 205 -6.80 39.01 -0.07
CA CYS C 205 -6.43 40.10 0.82
C CYS C 205 -7.43 40.27 1.99
N PRO C 206 -7.71 39.30 2.89
CA PRO C 206 -8.68 39.59 3.97
C PRO C 206 -8.15 40.66 4.93
N GLU C 207 -8.95 41.73 5.12
CA GLU C 207 -8.66 42.88 5.99
C GLU C 207 -7.37 43.62 5.57
N GLY C 208 -7.11 43.63 4.25
CA GLY C 208 -5.94 44.28 3.66
C GLY C 208 -4.63 43.56 3.85
N VAL C 209 -4.66 42.29 4.33
CA VAL C 209 -3.47 41.48 4.55
C VAL C 209 -3.38 40.43 3.45
N HIS C 210 -2.40 40.58 2.54
CA HIS C 210 -2.23 39.69 1.41
C HIS C 210 -1.79 38.29 1.86
N LYS C 211 -2.41 37.27 1.22
CA LYS C 211 -2.10 35.86 1.43
C LYS C 211 -0.65 35.64 0.98
N ALA C 212 0.16 34.97 1.82
CA ALA C 212 1.57 34.72 1.56
C ALA C 212 1.74 33.71 0.43
N TYR C 213 2.82 33.82 -0.35
CA TYR C 213 3.11 32.90 -1.45
C TYR C 213 3.42 31.53 -0.89
N ALA C 214 2.70 30.51 -1.36
CA ALA C 214 2.93 29.11 -0.97
C ALA C 214 2.36 28.18 -2.01
N ALA C 215 3.17 27.25 -2.49
CA ALA C 215 2.77 26.24 -3.45
C ALA C 215 2.13 25.08 -2.68
N ASP C 216 0.82 24.84 -2.92
CA ASP C 216 0.01 23.80 -2.29
C ASP C 216 -0.30 22.72 -3.36
N PRO C 217 0.09 21.42 -3.13
CA PRO C 217 -0.19 20.38 -4.15
C PRO C 217 -1.66 20.15 -4.45
N LYS C 218 -2.55 20.53 -3.52
CA LYS C 218 -4.00 20.38 -3.65
C LYS C 218 -4.58 21.44 -4.59
N ARG C 219 -3.91 22.61 -4.71
CA ARG C 219 -4.33 23.77 -5.53
C ARG C 219 -3.85 23.73 -6.99
N CYS C 220 -2.93 22.80 -7.34
CA CYS C 220 -2.30 22.71 -8.66
C CYS C 220 -3.30 22.59 -9.78
N HIS C 221 -3.11 23.45 -10.79
CA HIS C 221 -3.87 23.54 -12.05
C HIS C 221 -5.36 23.89 -11.83
N ASP C 222 -5.65 24.79 -10.89
CA ASP C 222 -7.00 25.31 -10.68
C ASP C 222 -7.32 26.25 -11.84
N GLY C 223 -8.62 26.50 -12.07
CA GLY C 223 -9.09 27.36 -13.16
C GLY C 223 -9.28 26.56 -14.44
N THR C 224 -9.42 27.26 -15.57
CA THR C 224 -9.54 26.62 -16.89
C THR C 224 -8.12 26.49 -17.42
N ILE C 225 -7.67 25.25 -17.61
CA ILE C 225 -6.31 24.84 -17.98
C ILE C 225 -5.64 25.71 -19.08
N GLU C 226 -6.32 25.99 -20.21
CA GLU C 226 -5.71 26.78 -21.30
C GLU C 226 -5.49 28.26 -20.95
N PHE C 227 -6.32 28.83 -20.03
CA PHE C 227 -6.24 30.25 -19.66
C PHE C 227 -5.69 30.52 -18.27
N THR C 228 -5.60 29.49 -17.41
CA THR C 228 -5.18 29.68 -16.01
C THR C 228 -3.74 30.24 -15.90
N SER C 229 -3.46 30.88 -14.75
CA SER C 229 -2.17 31.52 -14.49
C SER C 229 -1.09 30.48 -14.13
N ILE C 230 0.20 30.88 -14.26
CA ILE C 230 1.36 30.06 -13.89
C ILE C 230 1.29 29.76 -12.37
N ASP C 231 0.86 30.76 -11.56
CA ASP C 231 0.67 30.64 -10.11
C ASP C 231 -0.29 29.48 -9.81
N ALA C 232 -1.47 29.44 -10.46
CA ALA C 232 -2.45 28.35 -10.31
C ALA C 232 -1.86 27.00 -10.72
N HIS C 233 -1.11 26.96 -11.86
CA HIS C 233 -0.40 25.75 -12.30
C HIS C 233 0.58 25.24 -11.25
N ASN C 234 1.22 26.17 -10.51
CA ASN C 234 2.22 25.89 -9.49
C ASN C 234 1.58 25.53 -8.13
N GLY C 235 0.25 25.55 -8.06
CA GLY C 235 -0.51 25.26 -6.85
C GLY C 235 -0.51 26.38 -5.84
N VAL C 236 -0.28 27.60 -6.33
CA VAL C 236 -0.24 28.83 -5.55
C VAL C 236 -1.61 29.48 -5.62
N ALA C 237 -2.14 29.94 -4.46
CA ALA C 237 -3.44 30.60 -4.34
C ALA C 237 -3.48 31.78 -5.32
N PRO C 238 -4.59 32.02 -6.03
CA PRO C 238 -4.58 33.09 -7.05
C PRO C 238 -4.45 34.49 -6.45
N SER C 239 -3.71 35.37 -7.14
CA SER C 239 -3.58 36.76 -6.73
C SER C 239 -3.90 37.68 -7.94
N ARG C 240 -3.71 38.99 -7.80
CA ARG C 240 -4.07 39.98 -8.81
C ARG C 240 -3.34 39.78 -10.13
N ARG C 241 -2.00 39.51 -10.10
CA ARG C 241 -1.22 39.28 -11.32
C ARG C 241 -1.78 38.11 -12.14
N GLY C 242 -2.27 37.08 -11.45
CA GLY C 242 -2.89 35.90 -12.08
C GLY C 242 -4.07 36.24 -12.95
N ASP C 243 -5.00 37.08 -12.44
CA ASP C 243 -6.19 37.54 -13.15
C ASP C 243 -5.84 38.29 -14.42
N LEU C 244 -4.79 39.11 -14.37
CA LEU C 244 -4.31 39.93 -15.47
C LEU C 244 -3.62 39.06 -16.52
N GLU C 245 -2.95 37.99 -16.07
CA GLU C 245 -2.28 37.01 -16.92
C GLU C 245 -3.34 36.24 -17.70
N ILE C 246 -4.40 35.75 -17.00
CA ILE C 246 -5.53 35.03 -17.59
C ILE C 246 -6.15 35.89 -18.73
N LEU C 247 -6.38 37.20 -18.47
CA LEU C 247 -6.92 38.14 -19.46
C LEU C 247 -5.99 38.23 -20.69
N GLY C 248 -4.68 38.26 -20.46
CA GLY C 248 -3.65 38.27 -21.51
C GLY C 248 -3.82 37.10 -22.46
N TYR C 249 -3.97 35.86 -21.92
CA TYR C 249 -4.18 34.63 -22.71
C TYR C 249 -5.48 34.68 -23.47
N CYS C 250 -6.54 35.25 -22.84
CA CYS C 250 -7.87 35.44 -23.44
C CYS C 250 -7.75 36.34 -24.66
N MET C 251 -7.01 37.47 -24.56
CA MET C 251 -6.79 38.43 -25.63
C MET C 251 -6.15 37.77 -26.84
N ILE C 252 -5.10 36.94 -26.66
CA ILE C 252 -4.40 36.22 -27.73
C ILE C 252 -5.37 35.22 -28.39
N GLN C 253 -6.10 34.43 -27.58
CA GLN C 253 -7.08 33.44 -28.03
C GLN C 253 -8.17 34.12 -28.89
N TRP C 254 -8.67 35.29 -28.46
CA TRP C 254 -9.74 36.01 -29.16
C TRP C 254 -9.23 36.61 -30.47
N LEU C 255 -7.99 37.12 -30.47
CA LEU C 255 -7.38 37.74 -31.65
C LEU C 255 -6.95 36.72 -32.72
N THR C 256 -6.40 35.57 -32.31
CA THR C 256 -5.83 34.57 -33.22
C THR C 256 -6.65 33.28 -33.39
N GLY C 257 -7.57 33.02 -32.48
CA GLY C 257 -8.37 31.81 -32.50
C GLY C 257 -7.66 30.61 -31.89
N HIS C 258 -6.42 30.81 -31.38
CA HIS C 258 -5.59 29.73 -30.82
C HIS C 258 -4.71 30.19 -29.67
N LEU C 259 -4.12 29.19 -28.98
CA LEU C 259 -3.11 29.34 -27.92
C LEU C 259 -2.04 28.28 -28.21
N PRO C 260 -0.73 28.58 -28.03
CA PRO C 260 0.32 27.60 -28.42
C PRO C 260 0.23 26.20 -27.79
N TRP C 261 -0.27 26.11 -26.56
CA TRP C 261 -0.38 24.87 -25.78
C TRP C 261 -1.73 24.14 -25.91
N GLU C 262 -2.65 24.60 -26.78
CA GLU C 262 -4.00 24.04 -26.92
C GLU C 262 -4.07 22.58 -27.43
N ASP C 263 -3.00 22.08 -28.07
CA ASP C 263 -3.02 20.72 -28.60
C ASP C 263 -2.62 19.66 -27.54
N ASN C 264 -2.33 20.07 -26.30
CA ASN C 264 -1.97 19.11 -25.27
C ASN C 264 -2.46 19.59 -23.89
N LEU C 265 -3.77 19.90 -23.79
CA LEU C 265 -4.42 20.37 -22.57
C LEU C 265 -4.66 19.25 -21.55
N LYS C 266 -4.44 17.99 -21.97
CA LYS C 266 -4.58 16.79 -21.14
C LYS C 266 -3.27 16.51 -20.37
N ASP C 267 -2.21 17.29 -20.67
CA ASP C 267 -0.90 17.23 -20.01
C ASP C 267 -0.72 18.57 -19.29
N PRO C 268 -1.16 18.65 -18.00
CA PRO C 268 -1.11 19.93 -17.27
C PRO C 268 0.29 20.53 -17.11
N LYS C 269 1.31 19.67 -16.92
CA LYS C 269 2.72 20.04 -16.77
C LYS C 269 3.26 20.68 -18.05
N TYR C 270 2.89 20.13 -19.23
CA TYR C 270 3.28 20.69 -20.52
C TYR C 270 2.70 22.11 -20.67
N VAL C 271 1.41 22.29 -20.33
CA VAL C 271 0.70 23.57 -20.40
C VAL C 271 1.41 24.59 -19.49
N ARG C 272 1.76 24.20 -18.25
CA ARG C 272 2.49 25.01 -17.27
C ARG C 272 3.86 25.45 -17.81
N ASP C 273 4.73 24.46 -18.19
CA ASP C 273 6.07 24.71 -18.71
C ASP C 273 6.07 25.54 -20.01
N SER C 274 5.01 25.40 -20.84
CA SER C 274 4.81 26.13 -22.08
C SER C 274 4.53 27.60 -21.75
N LYS C 275 3.66 27.89 -20.77
CA LYS C 275 3.35 29.26 -20.33
C LYS C 275 4.57 29.92 -19.66
N ILE C 276 5.40 29.16 -18.90
CA ILE C 276 6.62 29.64 -18.22
C ILE C 276 7.65 30.09 -19.28
N ARG C 277 7.87 29.28 -20.32
CA ARG C 277 8.79 29.54 -21.43
C ARG C 277 8.36 30.79 -22.23
N TYR C 278 7.05 30.92 -22.49
CA TYR C 278 6.53 32.06 -23.25
C TYR C 278 6.47 33.34 -22.40
N ARG C 279 6.49 33.23 -21.05
CA ARG C 279 6.56 34.38 -20.14
C ARG C 279 8.00 34.88 -20.12
N GLU C 280 8.96 33.93 -20.10
CA GLU C 280 10.41 34.17 -20.11
C GLU C 280 10.84 34.82 -21.44
N ASN C 281 10.14 34.50 -22.55
CA ASN C 281 10.41 35.06 -23.86
C ASN C 281 9.07 35.41 -24.54
N ILE C 282 8.55 36.63 -24.26
CA ILE C 282 7.28 37.14 -24.78
C ILE C 282 7.37 37.38 -26.31
N ALA C 283 8.57 37.74 -26.81
CA ALA C 283 8.81 37.94 -28.24
C ALA C 283 8.57 36.64 -29.03
N SER C 284 8.94 35.47 -28.45
CA SER C 284 8.71 34.17 -29.08
C SER C 284 7.22 33.82 -29.05
N LEU C 285 6.48 34.29 -28.01
CA LEU C 285 5.04 34.11 -27.90
C LEU C 285 4.35 34.91 -29.00
N MET C 286 4.80 36.16 -29.24
CA MET C 286 4.25 37.03 -30.27
C MET C 286 4.52 36.44 -31.66
N ASP C 287 5.73 35.89 -31.86
CA ASP C 287 6.14 35.26 -33.12
C ASP C 287 5.34 33.99 -33.41
N LYS C 288 5.00 33.24 -32.36
CA LYS C 288 4.24 31.99 -32.46
C LYS C 288 2.75 32.26 -32.80
N CYS C 289 2.14 33.24 -32.12
CA CYS C 289 0.71 33.55 -32.23
C CYS C 289 0.37 34.48 -33.39
N PHE C 290 1.27 35.41 -33.75
CA PHE C 290 0.97 36.38 -34.79
C PHE C 290 1.94 36.28 -35.98
N PRO C 291 1.49 36.57 -37.24
CA PRO C 291 2.43 36.55 -38.38
C PRO C 291 3.50 37.62 -38.21
N ALA C 292 4.73 37.36 -38.67
CA ALA C 292 5.88 38.26 -38.56
C ALA C 292 5.50 39.72 -38.87
N ALA C 293 5.87 40.65 -37.95
CA ALA C 293 5.65 42.10 -37.99
C ALA C 293 4.14 42.52 -37.99
N ASN C 294 3.22 41.57 -37.75
CA ASN C 294 1.78 41.86 -37.71
C ASN C 294 1.22 41.75 -36.27
N ALA C 295 2.09 41.53 -35.25
CA ALA C 295 1.73 41.41 -33.83
C ALA C 295 1.27 42.77 -33.26
N PRO C 296 0.13 42.85 -32.53
CA PRO C 296 -0.28 44.14 -31.95
C PRO C 296 0.60 44.48 -30.76
N GLY C 297 1.29 45.62 -30.86
CA GLY C 297 2.25 46.11 -29.88
C GLY C 297 1.75 46.22 -28.46
N GLU C 298 0.45 46.57 -28.29
CA GLU C 298 -0.16 46.72 -26.97
C GLU C 298 -0.26 45.37 -26.25
N ILE C 299 -0.41 44.25 -26.98
CA ILE C 299 -0.50 42.91 -26.39
C ILE C 299 0.83 42.55 -25.75
N ALA C 300 1.94 42.77 -26.46
CA ALA C 300 3.30 42.51 -25.98
C ALA C 300 3.62 43.41 -24.77
N LYS C 301 3.27 44.71 -24.85
CA LYS C 301 3.47 45.69 -23.78
C LYS C 301 2.67 45.29 -22.54
N TYR C 302 1.42 44.85 -22.73
CA TYR C 302 0.54 44.38 -21.66
C TYR C 302 1.17 43.14 -20.97
N MET C 303 1.63 42.14 -21.76
CA MET C 303 2.24 40.90 -21.23
C MET C 303 3.54 41.21 -20.47
N GLU C 304 4.35 42.16 -20.98
CA GLU C 304 5.62 42.59 -20.35
C GLU C 304 5.37 43.30 -19.03
N THR C 305 4.27 44.07 -18.93
CA THR C 305 3.90 44.80 -17.71
C THR C 305 3.41 43.82 -16.63
N VAL C 306 2.58 42.83 -17.01
CA VAL C 306 2.03 41.82 -16.11
C VAL C 306 3.19 40.92 -15.61
N LYS C 307 4.20 40.66 -16.47
CA LYS C 307 5.39 39.86 -16.15
C LYS C 307 6.19 40.51 -15.02
N LEU C 308 6.21 41.86 -14.96
CA LEU C 308 6.92 42.62 -13.94
C LEU C 308 6.25 42.57 -12.56
N LEU C 309 4.99 42.12 -12.49
CA LEU C 309 4.26 42.05 -11.24
C LEU C 309 4.73 40.93 -10.35
N ASP C 310 4.92 41.27 -9.08
CA ASP C 310 5.23 40.31 -8.04
C ASP C 310 3.91 39.73 -7.57
N TYR C 311 3.96 38.61 -6.87
CA TYR C 311 2.79 37.88 -6.38
C TYR C 311 1.86 38.77 -5.56
N THR C 312 2.39 39.61 -4.65
CA THR C 312 1.60 40.46 -3.74
C THR C 312 1.45 41.91 -4.24
N GLU C 313 2.08 42.24 -5.37
CA GLU C 313 2.09 43.59 -5.91
C GLU C 313 0.73 44.07 -6.41
N LYS C 314 0.41 45.34 -6.06
CA LYS C 314 -0.78 46.01 -6.55
C LYS C 314 -0.53 46.47 -7.99
N PRO C 315 -1.33 46.01 -8.97
CA PRO C 315 -1.12 46.47 -10.37
C PRO C 315 -1.42 47.94 -10.54
N LEU C 316 -0.71 48.58 -11.47
CA LEU C 316 -0.98 49.97 -11.86
C LEU C 316 -1.97 49.87 -13.01
N TYR C 317 -3.26 49.72 -12.66
CA TYR C 317 -4.41 49.54 -13.57
C TYR C 317 -4.53 50.63 -14.63
N GLU C 318 -4.24 51.89 -14.26
CA GLU C 318 -4.30 53.03 -15.17
C GLU C 318 -3.25 52.90 -16.29
N ASN C 319 -2.04 52.41 -15.95
CA ASN C 319 -0.95 52.19 -16.88
C ASN C 319 -1.32 51.07 -17.88
N LEU C 320 -2.01 50.01 -17.42
CA LEU C 320 -2.49 48.91 -18.27
C LEU C 320 -3.58 49.40 -19.22
N ARG C 321 -4.45 50.32 -18.75
CA ARG C 321 -5.50 50.93 -19.54
C ARG C 321 -4.91 51.79 -20.65
N ASP C 322 -3.85 52.59 -20.34
CA ASP C 322 -3.16 53.45 -21.31
C ASP C 322 -2.54 52.62 -22.43
N ILE C 323 -1.99 51.43 -22.09
CA ILE C 323 -1.39 50.49 -23.05
C ILE C 323 -2.48 50.09 -24.06
N LEU C 324 -3.67 49.69 -23.57
CA LEU C 324 -4.78 49.26 -24.44
C LEU C 324 -5.37 50.43 -25.24
N LEU C 325 -5.42 51.64 -24.62
CA LEU C 325 -5.91 52.86 -25.27
C LEU C 325 -4.97 53.30 -26.42
N GLN C 326 -3.65 53.04 -26.28
CA GLN C 326 -2.65 53.33 -27.31
C GLN C 326 -2.88 52.43 -28.53
N GLY C 327 -3.34 51.19 -28.27
CA GLY C 327 -3.70 50.22 -29.30
C GLY C 327 -4.91 50.65 -30.10
N LEU C 328 -5.90 51.28 -29.42
CA LEU C 328 -7.10 51.81 -30.07
C LEU C 328 -6.74 53.01 -30.97
N LYS C 329 -5.82 53.88 -30.50
CA LYS C 329 -5.33 55.06 -31.23
C LYS C 329 -4.55 54.61 -32.47
N ALA C 330 -3.80 53.50 -32.34
CA ALA C 330 -3.00 52.88 -33.40
C ALA C 330 -3.88 52.41 -34.57
N ILE C 331 -5.11 51.91 -34.28
CA ILE C 331 -6.06 51.43 -35.30
C ILE C 331 -7.02 52.57 -35.77
N GLY C 332 -6.74 53.79 -35.36
CA GLY C 332 -7.54 54.97 -35.73
C GLY C 332 -8.87 55.10 -35.02
N SER C 333 -9.06 54.35 -33.92
CA SER C 333 -10.29 54.38 -33.13
C SER C 333 -10.05 55.05 -31.77
N LYS C 334 -11.02 54.92 -30.85
CA LYS C 334 -10.99 55.48 -29.49
C LYS C 334 -11.89 54.66 -28.60
N ASP C 335 -11.83 54.88 -27.28
CA ASP C 335 -12.70 54.18 -26.35
C ASP C 335 -14.08 54.84 -26.38
N ASP C 336 -14.94 54.36 -27.28
CA ASP C 336 -16.32 54.84 -27.44
C ASP C 336 -17.31 53.85 -26.80
N GLY C 337 -16.77 52.81 -26.17
CA GLY C 337 -17.55 51.77 -25.50
C GLY C 337 -18.32 50.86 -26.45
N LYS C 338 -17.94 50.86 -27.75
CA LYS C 338 -18.61 50.03 -28.76
C LYS C 338 -17.87 48.71 -28.88
N LEU C 339 -18.55 47.61 -28.49
CA LEU C 339 -17.96 46.26 -28.49
C LEU C 339 -17.84 45.67 -29.91
N ASP C 340 -18.67 46.14 -30.86
CA ASP C 340 -18.70 45.70 -32.28
C ASP C 340 -18.88 44.16 -32.39
N LEU C 341 -19.84 43.61 -31.57
CA LEU C 341 -20.23 42.19 -31.42
C LEU C 341 -19.22 41.43 -30.57
N VAL D 25 20.61 8.66 -43.69
CA VAL D 25 20.22 7.28 -43.40
C VAL D 25 21.10 6.30 -44.23
N GLY D 26 22.24 5.87 -43.69
CA GLY D 26 22.70 6.23 -42.35
C GLY D 26 24.20 6.20 -42.16
N GLU D 27 24.68 7.00 -41.20
CA GLU D 27 26.10 7.11 -40.83
C GLU D 27 26.47 6.03 -39.84
N ILE D 28 27.70 5.49 -39.94
CA ILE D 28 28.19 4.45 -39.04
C ILE D 28 28.46 5.05 -37.66
N ILE D 29 27.75 4.56 -36.62
CA ILE D 29 27.91 5.08 -35.25
C ILE D 29 28.63 4.03 -34.37
N THR D 30 29.48 4.51 -33.45
CA THR D 30 30.26 3.67 -32.53
C THR D 30 29.84 3.94 -31.08
N ASP D 31 29.55 2.88 -30.31
CA ASP D 31 29.11 3.01 -28.93
C ASP D 31 30.31 3.06 -27.94
N MET D 32 30.02 3.12 -26.61
CA MET D 32 31.00 3.17 -25.52
C MET D 32 31.93 1.95 -25.48
N ALA D 33 31.42 0.78 -25.93
CA ALA D 33 32.18 -0.48 -25.98
C ALA D 33 32.94 -0.65 -27.31
N ALA D 34 32.99 0.43 -28.12
CA ALA D 34 33.64 0.54 -29.44
C ALA D 34 33.00 -0.37 -30.51
N ALA D 35 31.74 -0.80 -30.28
CA ALA D 35 30.97 -1.62 -31.23
C ALA D 35 30.37 -0.72 -32.30
N ALA D 36 30.56 -1.08 -33.58
CA ALA D 36 30.06 -0.30 -34.71
C ALA D 36 28.64 -0.72 -35.12
N TRP D 37 27.79 0.27 -35.38
CA TRP D 37 26.39 0.08 -35.78
C TRP D 37 26.08 0.90 -37.02
N LYS D 38 25.23 0.35 -37.90
CA LYS D 38 24.79 1.04 -39.11
C LYS D 38 23.34 1.47 -38.93
N VAL D 39 23.06 2.75 -39.23
CA VAL D 39 21.75 3.38 -39.10
C VAL D 39 20.95 3.15 -40.41
N GLY D 40 19.67 2.80 -40.25
CA GLY D 40 18.74 2.57 -41.34
C GLY D 40 17.71 3.68 -41.47
N LEU D 41 16.49 3.33 -41.90
CA LEU D 41 15.39 4.28 -42.10
C LEU D 41 14.74 4.76 -40.80
N PRO D 42 14.27 6.03 -40.75
CA PRO D 42 13.56 6.50 -39.54
C PRO D 42 12.19 5.83 -39.44
N ILE D 43 11.79 5.45 -38.20
CA ILE D 43 10.51 4.78 -37.95
C ILE D 43 9.74 5.44 -36.79
N CYS D 50 14.40 11.14 -32.33
CA CYS D 50 14.09 10.36 -33.53
C CYS D 50 14.61 8.91 -33.38
N ILE D 51 13.75 7.93 -33.73
CA ILE D 51 14.06 6.49 -33.70
C ILE D 51 14.24 5.98 -35.13
N TYR D 52 15.37 5.33 -35.41
CA TYR D 52 15.74 4.75 -36.70
C TYR D 52 15.93 3.25 -36.59
N LEU D 53 15.85 2.52 -37.71
CA LEU D 53 16.16 1.09 -37.73
C LEU D 53 17.69 0.97 -37.64
N ALA D 54 18.20 -0.10 -37.03
CA ALA D 54 19.63 -0.27 -36.87
C ALA D 54 20.02 -1.75 -36.88
N ASP D 55 21.32 -2.00 -37.14
CA ASP D 55 21.94 -3.33 -37.15
C ASP D 55 23.46 -3.18 -37.03
N MET D 56 24.16 -4.31 -36.84
CA MET D 56 25.62 -4.36 -36.78
C MET D 56 26.18 -3.87 -38.10
N ASN D 57 27.30 -3.14 -38.06
CA ASN D 57 27.97 -2.58 -39.24
C ASN D 57 28.40 -3.65 -40.23
N SER D 58 28.00 -3.50 -41.50
CA SER D 58 28.31 -4.41 -42.60
C SER D 58 28.29 -3.66 -43.94
N SER D 64 14.42 -3.83 -43.75
CA SER D 64 13.10 -3.76 -43.13
C SER D 64 12.98 -4.79 -41.98
N ASP D 65 13.81 -5.85 -42.02
CA ASP D 65 13.85 -6.93 -41.03
C ASP D 65 14.95 -6.68 -39.96
N ALA D 66 15.39 -5.40 -39.81
CA ALA D 66 16.43 -4.96 -38.85
C ALA D 66 16.13 -5.44 -37.41
N PRO D 67 17.10 -6.03 -36.69
CA PRO D 67 16.81 -6.53 -35.33
C PRO D 67 16.93 -5.48 -34.23
N CYS D 68 17.49 -4.30 -34.56
CA CYS D 68 17.71 -3.23 -33.60
C CYS D 68 17.09 -1.91 -34.05
N VAL D 69 17.05 -0.94 -33.12
CA VAL D 69 16.59 0.42 -33.33
C VAL D 69 17.56 1.36 -32.61
N VAL D 70 17.79 2.57 -33.15
CA VAL D 70 18.65 3.53 -32.49
C VAL D 70 17.81 4.75 -32.05
N LYS D 71 17.70 4.95 -30.73
CA LYS D 71 17.00 6.08 -30.14
C LYS D 71 18.00 7.22 -30.00
N VAL D 72 17.75 8.37 -30.65
CA VAL D 72 18.65 9.53 -30.64
C VAL D 72 17.93 10.77 -30.09
N GLU D 73 18.66 11.56 -29.28
CA GLU D 73 18.23 12.80 -28.62
C GLU D 73 19.47 13.63 -28.24
N PRO D 74 19.42 15.00 -28.14
CA PRO D 74 20.64 15.75 -27.76
C PRO D 74 21.07 15.49 -26.31
N SER D 75 22.37 15.71 -26.05
CA SER D 75 22.96 15.52 -24.74
C SER D 75 24.44 15.86 -24.70
N PRO D 79 15.46 13.11 -20.20
CA PRO D 79 14.62 11.91 -20.39
C PRO D 79 15.45 10.69 -20.82
N LEU D 80 16.31 10.85 -21.84
CA LEU D 80 17.19 9.82 -22.38
C LEU D 80 18.24 9.39 -21.35
N PHE D 81 18.71 10.33 -20.48
CA PHE D 81 19.66 10.04 -19.40
C PHE D 81 19.00 9.14 -18.34
N THR D 82 17.71 9.43 -17.99
CA THR D 82 16.93 8.65 -17.02
C THR D 82 16.72 7.23 -17.56
N GLU D 83 16.35 7.12 -18.86
CA GLU D 83 16.11 5.86 -19.55
C GLU D 83 17.38 5.03 -19.66
N LEU D 84 18.51 5.67 -20.01
CA LEU D 84 19.81 5.02 -20.12
C LEU D 84 20.25 4.47 -18.76
N LYS D 85 20.07 5.24 -17.67
CA LYS D 85 20.41 4.83 -16.31
C LYS D 85 19.59 3.60 -15.90
N PHE D 86 18.27 3.55 -16.23
CA PHE D 86 17.42 2.40 -15.93
C PHE D 86 17.95 1.13 -16.63
N TYR D 87 18.18 1.22 -17.95
CA TYR D 87 18.62 0.11 -18.78
C TYR D 87 20.01 -0.39 -18.35
N GLN D 88 20.93 0.52 -17.98
CA GLN D 88 22.27 0.16 -17.54
C GLN D 88 22.23 -0.57 -16.19
N ARG D 89 21.33 -0.12 -15.28
CA ARG D 89 21.22 -0.69 -13.94
C ARG D 89 20.34 -1.94 -13.82
N ALA D 90 19.22 -2.00 -14.56
CA ALA D 90 18.24 -3.09 -14.43
C ALA D 90 17.99 -3.92 -15.68
N ALA D 91 18.45 -3.52 -16.88
CA ALA D 91 18.12 -4.29 -18.08
C ALA D 91 19.33 -4.80 -18.86
N LYS D 92 20.38 -5.23 -18.14
CA LYS D 92 21.55 -5.84 -18.77
C LYS D 92 21.12 -7.23 -19.27
N PRO D 93 21.49 -7.65 -20.50
CA PRO D 93 21.01 -8.96 -21.01
C PRO D 93 21.16 -10.13 -20.04
N GLU D 94 22.29 -10.19 -19.29
CA GLU D 94 22.64 -11.24 -18.32
C GLU D 94 21.72 -11.22 -17.11
N GLN D 95 21.32 -10.04 -16.71
CA GLN D 95 20.44 -9.74 -15.59
C GLN D 95 19.03 -10.27 -15.84
N ILE D 96 18.51 -10.03 -17.07
CA ILE D 96 17.18 -10.45 -17.52
C ILE D 96 17.13 -11.98 -17.69
N GLN D 97 18.16 -12.58 -18.34
CA GLN D 97 18.23 -14.01 -18.59
C GLN D 97 18.32 -14.82 -17.29
N LYS D 98 19.05 -14.32 -16.28
CA LYS D 98 19.16 -14.96 -14.96
C LYS D 98 17.78 -15.01 -14.30
N TRP D 99 17.01 -13.92 -14.41
CA TRP D 99 15.64 -13.81 -13.89
C TRP D 99 14.67 -14.76 -14.60
N ILE D 100 14.72 -14.80 -15.95
CA ILE D 100 13.88 -15.69 -16.78
C ILE D 100 14.09 -17.14 -16.34
N ARG D 101 15.36 -17.55 -16.19
CA ARG D 101 15.80 -18.87 -15.77
C ARG D 101 15.28 -19.24 -14.37
N THR D 102 15.61 -18.40 -13.36
CA THR D 102 15.28 -18.59 -11.95
C THR D 102 13.76 -18.60 -11.71
N ARG D 103 13.01 -17.68 -12.36
CA ARG D 103 11.56 -17.55 -12.21
C ARG D 103 10.79 -18.53 -13.11
N LYS D 104 11.53 -19.30 -13.96
CA LYS D 104 11.01 -20.31 -14.91
C LYS D 104 9.96 -19.68 -15.87
N LEU D 105 10.29 -18.50 -16.43
CA LEU D 105 9.44 -17.77 -17.36
C LEU D 105 9.75 -18.18 -18.79
N LYS D 106 8.76 -18.02 -19.69
CA LYS D 106 8.93 -18.29 -21.12
C LYS D 106 9.76 -17.16 -21.73
N TYR D 107 9.54 -15.93 -21.25
CA TYR D 107 10.20 -14.68 -21.65
C TYR D 107 9.94 -13.62 -20.57
N LEU D 108 10.56 -12.43 -20.70
CA LEU D 108 10.33 -11.28 -19.83
C LEU D 108 10.22 -10.06 -20.72
N GLY D 109 9.09 -9.36 -20.61
CA GLY D 109 8.78 -8.18 -21.42
C GLY D 109 9.55 -6.92 -21.11
N VAL D 110 10.83 -7.04 -20.72
CA VAL D 110 11.73 -5.90 -20.49
C VAL D 110 12.67 -5.86 -21.69
N PRO D 111 12.71 -4.74 -22.47
CA PRO D 111 13.59 -4.70 -23.65
C PRO D 111 15.07 -4.77 -23.30
N LYS D 112 15.84 -5.29 -24.29
CA LYS D 112 17.29 -5.49 -24.27
C LYS D 112 18.03 -4.22 -24.69
N TYR D 113 18.97 -3.80 -23.83
CA TYR D 113 19.91 -2.70 -24.06
C TYR D 113 21.15 -3.32 -24.74
N TRP D 114 21.45 -2.90 -25.99
CA TRP D 114 22.58 -3.41 -26.80
C TRP D 114 23.84 -2.55 -26.70
N GLY D 115 23.66 -1.25 -26.44
CA GLY D 115 24.75 -0.29 -26.33
C GLY D 115 24.30 1.15 -26.36
N SER D 116 25.23 2.09 -26.11
CA SER D 116 24.99 3.54 -26.08
C SER D 116 26.28 4.34 -26.33
N GLY D 117 26.13 5.64 -26.60
CA GLY D 117 27.26 6.54 -26.79
C GLY D 117 26.84 7.94 -27.16
N LEU D 118 27.79 8.72 -27.71
CA LEU D 118 27.60 10.07 -28.22
C LEU D 118 28.09 10.16 -29.65
N HIS D 119 27.49 11.05 -30.46
CA HIS D 119 27.87 11.23 -31.86
C HIS D 119 28.03 12.71 -32.21
N ASP D 120 29.02 13.03 -33.06
CA ASP D 120 29.32 14.39 -33.53
C ASP D 120 29.02 14.53 -35.02
N ASN D 122 26.93 16.93 -37.14
CA ASN D 122 27.97 17.94 -37.34
C ASN D 122 27.78 19.09 -36.36
N GLY D 123 28.80 19.33 -35.53
CA GLY D 123 28.81 20.36 -34.50
C GLY D 123 28.20 19.91 -33.19
N LYS D 124 26.94 19.44 -33.25
CA LYS D 124 26.18 18.98 -32.08
C LYS D 124 26.65 17.61 -31.59
N SER D 125 26.50 17.36 -30.28
CA SER D 125 26.85 16.09 -29.63
C SER D 125 25.56 15.36 -29.23
N TYR D 126 25.02 14.52 -30.13
CA TYR D 126 23.78 13.77 -29.95
C TYR D 126 24.02 12.44 -29.20
N ARG D 127 23.16 12.15 -28.21
CA ARG D 127 23.18 10.95 -27.39
C ARG D 127 22.34 9.85 -28.04
N PHE D 128 22.79 8.59 -27.99
CA PHE D 128 22.04 7.50 -28.61
C PHE D 128 22.02 6.24 -27.75
N MET D 129 21.04 5.36 -28.02
CA MET D 129 20.81 4.06 -27.37
C MET D 129 20.45 3.02 -28.43
N ILE D 130 21.12 1.85 -28.39
CA ILE D 130 20.84 0.75 -29.31
C ILE D 130 19.91 -0.20 -28.59
N MET D 131 18.65 -0.25 -29.02
CA MET D 131 17.58 -1.06 -28.43
C MET D 131 17.06 -2.14 -29.40
N ASP D 132 16.27 -3.10 -28.88
CA ASP D 132 15.62 -4.17 -29.63
C ASP D 132 14.56 -3.61 -30.59
N ARG D 133 14.35 -4.27 -31.75
CA ARG D 133 13.30 -3.88 -32.68
C ARG D 133 12.05 -4.68 -32.32
N PHE D 134 10.90 -3.99 -32.26
CA PHE D 134 9.63 -4.61 -31.94
C PHE D 134 8.63 -4.44 -33.08
N GLY D 135 7.49 -5.10 -32.92
CA GLY D 135 6.38 -5.03 -33.87
C GLY D 135 5.43 -3.91 -33.48
N SER D 136 4.14 -4.14 -33.69
CA SER D 136 3.09 -3.17 -33.39
C SER D 136 2.91 -2.92 -31.90
N ASP D 137 2.45 -1.71 -31.56
CA ASP D 137 2.08 -1.35 -30.20
C ASP D 137 0.63 -1.82 -30.01
N LEU D 138 0.20 -2.02 -28.75
CA LEU D 138 -1.16 -2.52 -28.49
C LEU D 138 -2.26 -1.49 -28.79
N GLN D 139 -1.96 -0.18 -28.75
CA GLN D 139 -2.94 0.87 -29.01
C GLN D 139 -3.50 0.77 -30.44
N LYS D 140 -2.63 0.50 -31.43
CA LYS D 140 -3.01 0.32 -32.84
C LYS D 140 -3.95 -0.89 -32.99
N ILE D 141 -3.59 -2.03 -32.35
CA ILE D 141 -4.35 -3.28 -32.39
C ILE D 141 -5.72 -3.09 -31.69
N TYR D 142 -5.73 -2.38 -30.53
CA TYR D 142 -6.90 -2.05 -29.72
C TYR D 142 -7.89 -1.21 -30.54
N GLU D 143 -7.40 -0.14 -31.19
CA GLU D 143 -8.21 0.75 -32.05
C GLU D 143 -8.76 0.00 -33.27
N ALA D 144 -7.98 -0.96 -33.82
CA ALA D 144 -8.37 -1.79 -34.95
C ALA D 144 -9.43 -2.83 -34.57
N ASN D 145 -9.52 -3.16 -33.27
CA ASN D 145 -10.49 -4.14 -32.74
C ASN D 145 -11.69 -3.42 -32.09
N ALA D 146 -12.03 -2.22 -32.61
CA ALA D 146 -13.13 -1.33 -32.19
C ALA D 146 -13.06 -0.94 -30.70
N LYS D 147 -11.84 -0.63 -30.24
CA LYS D 147 -11.52 -0.19 -28.88
C LYS D 147 -11.96 -1.23 -27.82
N ARG D 148 -11.69 -2.53 -28.08
CA ARG D 148 -12.00 -3.63 -27.16
C ARG D 148 -10.97 -4.73 -27.24
N PHE D 149 -10.69 -5.35 -26.09
CA PHE D 149 -9.87 -6.56 -25.93
C PHE D 149 -10.71 -7.55 -25.14
N SER D 150 -10.64 -8.83 -25.50
CA SER D 150 -11.39 -9.87 -24.80
C SER D 150 -10.87 -10.08 -23.37
N ARG D 151 -11.70 -10.68 -22.50
CA ARG D 151 -11.35 -11.02 -21.12
C ARG D 151 -10.07 -11.90 -21.12
N LYS D 152 -9.98 -12.86 -22.06
CA LYS D 152 -8.83 -13.74 -22.27
C LYS D 152 -7.57 -12.91 -22.58
N THR D 153 -7.67 -11.96 -23.54
CA THR D 153 -6.57 -11.08 -23.96
C THR D 153 -6.08 -10.22 -22.79
N VAL D 154 -7.02 -9.55 -22.08
CA VAL D 154 -6.72 -8.66 -20.96
C VAL D 154 -6.03 -9.43 -19.81
N LEU D 155 -6.53 -10.63 -19.48
CA LEU D 155 -5.94 -11.45 -18.41
C LEU D 155 -4.53 -11.95 -18.79
N GLN D 156 -4.35 -12.38 -20.06
CA GLN D 156 -3.05 -12.84 -20.57
C GLN D 156 -2.04 -11.70 -20.61
N LEU D 157 -2.46 -10.49 -21.05
CA LEU D 157 -1.60 -9.30 -21.08
C LEU D 157 -1.16 -8.92 -19.68
N SER D 158 -2.13 -8.86 -18.74
CA SER D 158 -1.92 -8.46 -17.35
C SER D 158 -1.00 -9.40 -16.60
N LEU D 159 -1.06 -10.73 -16.87
CA LEU D 159 -0.16 -11.70 -16.23
C LEU D 159 1.30 -11.41 -16.61
N ARG D 160 1.54 -11.03 -17.88
CA ARG D 160 2.86 -10.67 -18.42
C ARG D 160 3.35 -9.34 -17.88
N ILE D 161 2.43 -8.37 -17.74
CA ILE D 161 2.75 -7.05 -17.21
C ILE D 161 3.12 -7.21 -15.71
N LEU D 162 2.43 -8.10 -14.96
CA LEU D 162 2.76 -8.37 -13.56
C LEU D 162 4.17 -8.93 -13.43
N ASP D 163 4.63 -9.73 -14.41
CA ASP D 163 6.00 -10.28 -14.46
C ASP D 163 7.02 -9.15 -14.66
N ILE D 164 6.73 -8.22 -15.60
CA ILE D 164 7.56 -7.05 -15.92
C ILE D 164 7.66 -6.14 -14.69
N LEU D 165 6.51 -5.81 -14.09
CA LEU D 165 6.42 -4.93 -12.93
C LEU D 165 7.14 -5.53 -11.73
N GLU D 166 6.94 -6.83 -11.41
CA GLU D 166 7.67 -7.47 -10.32
C GLU D 166 9.20 -7.34 -10.52
N TYR D 167 9.68 -7.60 -11.76
CA TYR D 167 11.10 -7.51 -12.12
C TYR D 167 11.67 -6.11 -11.88
N ILE D 168 11.07 -5.06 -12.49
CA ILE D 168 11.57 -3.70 -12.38
C ILE D 168 11.49 -3.19 -10.93
N HIS D 169 10.41 -3.55 -10.19
CA HIS D 169 10.22 -3.18 -8.79
C HIS D 169 11.30 -3.80 -7.91
N GLU D 170 11.68 -5.06 -8.20
CA GLU D 170 12.74 -5.77 -7.49
C GLU D 170 14.12 -5.22 -7.84
N HIS D 171 14.20 -4.43 -8.92
CA HIS D 171 15.43 -3.77 -9.37
C HIS D 171 15.38 -2.25 -9.09
N GLU D 172 14.62 -1.86 -8.02
CA GLU D 172 14.47 -0.52 -7.44
C GLU D 172 13.75 0.52 -8.32
N TYR D 173 13.06 0.09 -9.39
CA TYR D 173 12.36 1.02 -10.29
C TYR D 173 10.87 0.81 -10.42
N VAL D 174 10.16 1.90 -10.73
CA VAL D 174 8.72 1.90 -11.06
C VAL D 174 8.59 2.59 -12.42
N HIS D 175 7.63 2.13 -13.27
CA HIS D 175 7.41 2.65 -14.62
C HIS D 175 6.57 3.95 -14.58
N GLY D 176 5.42 3.91 -13.90
CA GLY D 176 4.53 5.05 -13.74
C GLY D 176 3.76 5.51 -14.96
N ASP D 177 3.87 4.78 -16.10
CA ASP D 177 3.20 5.16 -17.34
C ASP D 177 2.83 3.95 -18.21
N ILE D 178 2.25 2.91 -17.58
CA ILE D 178 1.78 1.71 -18.29
C ILE D 178 0.51 2.08 -19.08
N LYS D 179 0.50 1.76 -20.38
CA LYS D 179 -0.62 1.99 -21.33
C LYS D 179 -0.36 1.17 -22.59
N ALA D 180 -1.39 0.96 -23.43
CA ALA D 180 -1.33 0.17 -24.66
C ALA D 180 -0.29 0.68 -25.68
N SER D 181 -0.06 2.02 -25.74
CA SER D 181 0.92 2.61 -26.66
C SER D 181 2.38 2.34 -26.21
N ASN D 182 2.60 1.94 -24.93
CA ASN D 182 3.91 1.62 -24.36
C ASN D 182 4.11 0.10 -24.27
N LEU D 183 3.19 -0.66 -24.89
CA LEU D 183 3.24 -2.11 -24.94
C LEU D 183 3.37 -2.54 -26.38
N LEU D 184 4.55 -3.04 -26.73
CA LEU D 184 4.90 -3.45 -28.09
C LEU D 184 5.09 -4.97 -28.17
N LEU D 185 4.61 -5.57 -29.25
CA LEU D 185 4.73 -7.01 -29.46
C LEU D 185 6.10 -7.35 -30.01
N ASN D 186 6.59 -8.56 -29.70
CA ASN D 186 7.84 -9.08 -30.23
C ASN D 186 7.68 -9.18 -31.76
N TYR D 187 8.66 -8.64 -32.51
CA TYR D 187 8.65 -8.59 -33.97
C TYR D 187 8.47 -9.98 -34.59
N LYS D 188 9.05 -11.02 -33.95
CA LYS D 188 8.99 -12.42 -34.39
C LYS D 188 7.85 -13.22 -33.71
N ASN D 189 7.41 -12.81 -32.49
CA ASN D 189 6.35 -13.52 -31.75
C ASN D 189 5.22 -12.58 -31.32
N PRO D 190 4.01 -12.70 -31.92
CA PRO D 190 2.89 -11.82 -31.52
C PRO D 190 2.23 -12.20 -30.19
N ASP D 191 2.76 -13.20 -29.47
CA ASP D 191 2.23 -13.62 -28.17
C ASP D 191 3.13 -13.13 -27.03
N GLN D 192 4.18 -12.36 -27.36
CA GLN D 192 5.11 -11.78 -26.38
C GLN D 192 5.01 -10.25 -26.38
N VAL D 193 4.53 -9.68 -25.26
CA VAL D 193 4.36 -8.24 -25.10
C VAL D 193 5.51 -7.68 -24.22
N TYR D 194 6.02 -6.50 -24.60
CA TYR D 194 7.11 -5.81 -23.94
C TYR D 194 6.70 -4.41 -23.52
N LEU D 195 7.15 -3.97 -22.33
CA LEU D 195 6.86 -2.63 -21.81
C LEU D 195 8.06 -1.72 -22.14
N VAL D 196 7.78 -0.61 -22.86
CA VAL D 196 8.82 0.34 -23.29
C VAL D 196 8.61 1.70 -22.57
N ASP D 197 9.55 2.65 -22.80
CA ASP D 197 9.60 4.02 -22.30
C ASP D 197 9.90 4.09 -20.80
N TYR D 198 11.18 4.32 -20.48
CA TYR D 198 11.66 4.46 -19.10
C TYR D 198 12.29 5.83 -18.91
N GLY D 199 11.94 6.75 -19.79
CA GLY D 199 12.39 8.15 -19.76
C GLY D 199 11.89 8.89 -18.54
N LEU D 200 10.74 8.45 -17.99
CA LEU D 200 10.12 9.02 -16.80
C LEU D 200 10.06 7.98 -15.67
N ALA D 201 10.81 6.86 -15.79
CA ALA D 201 10.86 5.80 -14.78
C ALA D 201 11.46 6.36 -13.49
N TYR D 202 11.11 5.77 -12.35
CA TYR D 202 11.56 6.32 -11.08
C TYR D 202 12.18 5.28 -10.18
N ARG D 203 13.36 5.61 -9.62
CA ARG D 203 14.09 4.76 -8.69
C ARG D 203 13.55 5.05 -7.28
N TYR D 204 12.46 4.35 -6.93
CA TYR D 204 11.71 4.50 -5.68
C TYR D 204 12.46 3.96 -4.44
N CYS D 205 13.39 2.99 -4.61
CA CYS D 205 14.14 2.56 -3.42
C CYS D 205 15.64 2.35 -3.74
N PRO D 206 16.38 3.48 -3.90
CA PRO D 206 17.83 3.38 -4.12
C PRO D 206 18.53 2.73 -2.93
N GLU D 207 19.34 1.69 -3.20
CA GLU D 207 20.12 0.91 -2.21
C GLU D 207 19.20 0.27 -1.15
N GLY D 208 18.00 -0.13 -1.56
CA GLY D 208 17.01 -0.76 -0.70
C GLY D 208 16.30 0.16 0.29
N VAL D 209 16.46 1.49 0.13
CA VAL D 209 15.83 2.48 1.00
C VAL D 209 14.66 3.14 0.24
N HIS D 210 13.41 2.83 0.63
CA HIS D 210 12.22 3.38 -0.02
C HIS D 210 12.10 4.88 0.22
N LYS D 211 11.73 5.60 -0.85
CA LYS D 211 11.48 7.03 -0.85
C LYS D 211 10.29 7.30 0.07
N ALA D 212 10.42 8.26 0.99
CA ALA D 212 9.38 8.60 1.95
C ALA D 212 8.20 9.28 1.25
N TYR D 213 6.98 9.10 1.81
CA TYR D 213 5.76 9.72 1.26
C TYR D 213 5.84 11.23 1.46
N ALA D 214 5.76 11.99 0.37
CA ALA D 214 5.75 13.47 0.38
C ALA D 214 5.01 13.98 -0.83
N ALA D 215 4.12 14.96 -0.63
CA ALA D 215 3.38 15.57 -1.73
C ALA D 215 4.16 16.77 -2.25
N ASP D 216 4.62 16.71 -3.52
CA ASP D 216 5.38 17.79 -4.15
C ASP D 216 4.51 18.46 -5.24
N PRO D 217 4.23 19.79 -5.14
CA PRO D 217 3.41 20.46 -6.16
C PRO D 217 3.99 20.41 -7.58
N LYS D 218 5.32 20.24 -7.68
CA LYS D 218 6.03 20.15 -8.96
C LYS D 218 5.78 18.79 -9.65
N ARG D 219 5.39 17.76 -8.89
CA ARG D 219 5.13 16.39 -9.39
C ARG D 219 3.65 16.12 -9.69
N CYS D 220 2.75 17.07 -9.42
CA CYS D 220 1.31 16.85 -9.56
C CYS D 220 0.89 16.54 -10.98
N HIS D 221 0.17 15.41 -11.12
CA HIS D 221 -0.46 14.89 -12.34
C HIS D 221 0.58 14.37 -13.36
N ASP D 222 1.65 13.74 -12.87
CA ASP D 222 2.68 13.05 -13.66
C ASP D 222 2.06 11.80 -14.28
N GLY D 223 2.58 11.36 -15.43
CA GLY D 223 2.07 10.19 -16.15
C GLY D 223 0.97 10.57 -17.13
N THR D 224 0.26 9.56 -17.67
CA THR D 224 -0.86 9.78 -18.60
C THR D 224 -2.12 9.96 -17.76
N ILE D 225 -2.72 11.17 -17.81
CA ILE D 225 -3.85 11.63 -17.00
C ILE D 225 -4.96 10.58 -16.80
N GLU D 226 -5.43 9.89 -17.87
CA GLU D 226 -6.50 8.86 -17.80
C GLU D 226 -6.14 7.67 -16.94
N PHE D 227 -4.88 7.24 -17.01
CA PHE D 227 -4.42 6.02 -16.36
C PHE D 227 -3.55 6.22 -15.14
N THR D 228 -3.05 7.46 -14.90
CA THR D 228 -2.12 7.71 -13.80
C THR D 228 -2.73 7.42 -12.41
N SER D 229 -1.85 7.14 -11.43
CA SER D 229 -2.25 6.79 -10.07
C SER D 229 -2.70 8.01 -9.27
N ILE D 230 -3.45 7.77 -8.17
CA ILE D 230 -3.91 8.82 -7.23
C ILE D 230 -2.66 9.50 -6.62
N ASP D 231 -1.63 8.69 -6.29
CA ASP D 231 -0.35 9.18 -5.75
C ASP D 231 0.25 10.24 -6.68
N ALA D 232 0.34 9.94 -8.00
CA ALA D 232 0.87 10.87 -9.02
C ALA D 232 0.01 12.13 -9.09
N HIS D 233 -1.35 12.00 -9.05
CA HIS D 233 -2.29 13.13 -9.04
C HIS D 233 -2.05 14.02 -7.83
N ASN D 234 -1.63 13.41 -6.69
CA ASN D 234 -1.37 14.09 -5.42
C ASN D 234 0.04 14.70 -5.35
N GLY D 235 0.86 14.46 -6.38
CA GLY D 235 2.23 14.97 -6.48
C GLY D 235 3.22 14.14 -5.70
N VAL D 236 2.83 12.91 -5.38
CA VAL D 236 3.64 11.98 -4.62
C VAL D 236 4.46 11.17 -5.62
N ALA D 237 5.79 11.05 -5.38
CA ALA D 237 6.71 10.27 -6.21
C ALA D 237 6.11 8.87 -6.43
N PRO D 238 6.13 8.31 -7.66
CA PRO D 238 5.48 7.01 -7.89
C PRO D 238 6.11 5.86 -7.11
N SER D 239 5.28 4.93 -6.62
CA SER D 239 5.76 3.73 -5.94
C SER D 239 5.08 2.49 -6.59
N ARG D 240 5.31 1.32 -6.02
CA ARG D 240 4.84 0.05 -6.57
C ARG D 240 3.32 -0.04 -6.69
N ARG D 241 2.56 0.41 -5.65
CA ARG D 241 1.10 0.38 -5.67
C ARG D 241 0.54 1.19 -6.85
N GLY D 242 1.19 2.32 -7.18
CA GLY D 242 0.83 3.18 -8.30
C GLY D 242 0.84 2.46 -9.63
N ASP D 243 1.91 1.67 -9.91
CA ASP D 243 2.05 0.89 -11.15
C ASP D 243 0.93 -0.13 -11.31
N LEU D 244 0.54 -0.77 -10.20
CA LEU D 244 -0.51 -1.77 -10.15
C LEU D 244 -1.89 -1.15 -10.33
N GLU D 245 -2.06 0.10 -9.83
CA GLU D 245 -3.28 0.89 -9.96
C GLU D 245 -3.46 1.27 -11.44
N ILE D 246 -2.39 1.77 -12.08
CA ILE D 246 -2.35 2.15 -13.50
C ILE D 246 -2.80 0.94 -14.36
N LEU D 247 -2.27 -0.28 -14.07
CA LEU D 247 -2.64 -1.51 -14.76
C LEU D 247 -4.14 -1.80 -14.60
N GLY D 248 -4.68 -1.58 -13.40
CA GLY D 248 -6.09 -1.73 -13.09
C GLY D 248 -6.97 -0.91 -14.01
N TYR D 249 -6.65 0.39 -14.19
CA TYR D 249 -7.37 1.32 -15.08
C TYR D 249 -7.25 0.88 -16.54
N CYS D 250 -6.06 0.37 -16.93
CA CYS D 250 -5.78 -0.16 -18.27
C CYS D 250 -6.71 -1.32 -18.57
N MET D 251 -6.85 -2.27 -17.60
CA MET D 251 -7.70 -3.46 -17.73
C MET D 251 -9.16 -3.08 -18.00
N ILE D 252 -9.71 -2.10 -17.25
CA ILE D 252 -11.08 -1.61 -17.41
C ILE D 252 -11.26 -0.98 -18.81
N GLN D 253 -10.32 -0.09 -19.20
CA GLN D 253 -10.29 0.60 -20.50
C GLN D 253 -10.27 -0.43 -21.64
N TRP D 254 -9.46 -1.49 -21.53
CA TRP D 254 -9.33 -2.51 -22.57
C TRP D 254 -10.59 -3.37 -22.67
N LEU D 255 -11.20 -3.70 -21.52
CA LEU D 255 -12.40 -4.53 -21.45
C LEU D 255 -13.67 -3.80 -21.91
N THR D 256 -13.83 -2.51 -21.55
CA THR D 256 -15.05 -1.73 -21.80
C THR D 256 -14.96 -0.68 -22.89
N GLY D 257 -13.75 -0.29 -23.26
CA GLY D 257 -13.52 0.76 -24.25
C GLY D 257 -13.61 2.16 -23.67
N HIS D 258 -13.85 2.27 -22.33
CA HIS D 258 -14.01 3.56 -21.66
C HIS D 258 -13.47 3.57 -20.22
N LEU D 259 -13.37 4.77 -19.64
CA LEU D 259 -13.03 5.07 -18.26
C LEU D 259 -14.02 6.16 -17.81
N PRO D 260 -14.54 6.10 -16.55
CA PRO D 260 -15.59 7.08 -16.16
C PRO D 260 -15.23 8.56 -16.30
N TRP D 261 -13.96 8.92 -16.11
CA TRP D 261 -13.46 10.30 -16.13
C TRP D 261 -12.93 10.77 -17.50
N GLU D 262 -13.08 9.95 -18.58
CA GLU D 262 -12.52 10.26 -19.91
C GLU D 262 -13.14 11.51 -20.60
N ASP D 263 -14.32 11.97 -20.18
CA ASP D 263 -14.94 13.11 -20.83
C ASP D 263 -14.47 14.46 -20.24
N ASN D 264 -13.56 14.44 -19.25
CA ASN D 264 -13.07 15.70 -18.69
C ASN D 264 -11.59 15.55 -18.26
N LEU D 265 -10.74 15.11 -19.20
CA LEU D 265 -9.31 14.90 -18.99
C LEU D 265 -8.51 16.22 -18.93
N LYS D 266 -9.17 17.34 -19.30
CA LYS D 266 -8.60 18.69 -19.28
C LYS D 266 -8.75 19.31 -17.88
N ASP D 267 -9.48 18.64 -16.97
CA ASP D 267 -9.65 19.04 -15.57
C ASP D 267 -8.93 18.00 -14.70
N PRO D 268 -7.67 18.27 -14.33
CA PRO D 268 -6.89 17.29 -13.55
C PRO D 268 -7.47 16.99 -12.16
N LYS D 269 -8.01 18.01 -11.47
CA LYS D 269 -8.64 17.86 -10.15
C LYS D 269 -9.84 16.91 -10.25
N TYR D 270 -10.71 17.07 -11.29
CA TYR D 270 -11.88 16.22 -11.52
C TYR D 270 -11.45 14.76 -11.68
N VAL D 271 -10.43 14.49 -12.54
CA VAL D 271 -9.90 13.15 -12.81
C VAL D 271 -9.41 12.51 -11.50
N ARG D 272 -8.61 13.26 -10.70
CA ARG D 272 -8.08 12.87 -9.38
C ARG D 272 -9.23 12.55 -8.40
N ASP D 273 -10.22 13.44 -8.29
CA ASP D 273 -11.37 13.30 -7.39
C ASP D 273 -12.26 12.11 -7.78
N SER D 274 -12.41 11.87 -9.09
CA SER D 274 -13.18 10.76 -9.64
C SER D 274 -12.51 9.43 -9.24
N LYS D 275 -11.17 9.35 -9.36
CA LYS D 275 -10.39 8.16 -9.01
C LYS D 275 -10.40 7.88 -7.50
N ILE D 276 -10.39 8.92 -6.66
CA ILE D 276 -10.42 8.80 -5.18
C ILE D 276 -11.78 8.20 -4.77
N ARG D 277 -12.88 8.73 -5.33
CA ARG D 277 -14.26 8.30 -5.08
C ARG D 277 -14.47 6.84 -5.53
N TYR D 278 -13.94 6.46 -6.71
CA TYR D 278 -14.09 5.10 -7.24
C TYR D 278 -13.18 4.10 -6.52
N ARG D 279 -12.10 4.58 -5.86
CA ARG D 279 -11.22 3.73 -5.05
C ARG D 279 -11.93 3.45 -3.71
N GLU D 280 -12.60 4.49 -3.16
CA GLU D 280 -13.36 4.44 -1.91
C GLU D 280 -14.58 3.51 -2.07
N ASN D 281 -15.16 3.44 -3.28
CA ASN D 281 -16.30 2.58 -3.59
C ASN D 281 -16.07 1.91 -4.95
N ILE D 282 -15.37 0.75 -4.92
CA ILE D 282 -14.99 -0.05 -6.10
C ILE D 282 -16.27 -0.67 -6.73
N ALA D 283 -17.29 -0.98 -5.92
CA ALA D 283 -18.58 -1.52 -6.40
C ALA D 283 -19.27 -0.54 -7.35
N SER D 284 -19.19 0.78 -7.04
CA SER D 284 -19.78 1.83 -7.89
C SER D 284 -18.96 1.98 -9.17
N LEU D 285 -17.64 1.71 -9.12
CA LEU D 285 -16.77 1.72 -10.30
C LEU D 285 -17.16 0.58 -11.24
N MET D 286 -17.43 -0.63 -10.66
CA MET D 286 -17.84 -1.80 -11.43
C MET D 286 -19.21 -1.56 -12.05
N ASP D 287 -20.14 -0.93 -11.32
CA ASP D 287 -21.48 -0.60 -11.78
C ASP D 287 -21.45 0.43 -12.91
N LYS D 288 -20.52 1.39 -12.85
CA LYS D 288 -20.36 2.45 -13.84
C LYS D 288 -19.75 1.93 -15.15
N CYS D 289 -18.71 1.08 -15.05
CA CYS D 289 -17.97 0.55 -16.20
C CYS D 289 -18.61 -0.67 -16.85
N PHE D 290 -19.36 -1.47 -16.08
CA PHE D 290 -20.07 -2.65 -16.56
C PHE D 290 -21.55 -2.42 -16.19
N PRO D 291 -22.26 -1.54 -16.95
CA PRO D 291 -23.66 -1.21 -16.58
C PRO D 291 -24.66 -2.38 -16.63
N ALA D 292 -24.43 -3.41 -17.46
CA ALA D 292 -25.35 -4.55 -17.55
C ALA D 292 -25.15 -5.54 -16.39
N ALA D 293 -24.50 -5.09 -15.28
CA ALA D 293 -24.19 -5.82 -14.03
C ALA D 293 -23.51 -7.19 -14.33
N ASN D 294 -22.54 -7.18 -15.25
CA ASN D 294 -21.80 -8.37 -15.68
C ASN D 294 -20.30 -8.11 -15.58
N ALA D 295 -19.86 -7.60 -14.41
CA ALA D 295 -18.46 -7.27 -14.13
C ALA D 295 -17.65 -8.52 -13.84
N PRO D 296 -16.45 -8.64 -14.45
CA PRO D 296 -15.56 -9.78 -14.15
C PRO D 296 -15.04 -9.64 -12.72
N GLY D 297 -15.33 -10.66 -11.90
CA GLY D 297 -14.99 -10.70 -10.49
C GLY D 297 -13.53 -10.48 -10.15
N GLU D 298 -12.62 -10.95 -11.02
CA GLU D 298 -11.18 -10.81 -10.81
C GLU D 298 -10.75 -9.33 -10.87
N ILE D 299 -11.45 -8.48 -11.67
CA ILE D 299 -11.13 -7.06 -11.80
C ILE D 299 -11.41 -6.36 -10.46
N ALA D 300 -12.57 -6.62 -9.85
CA ALA D 300 -12.95 -6.05 -8.56
C ALA D 300 -12.01 -6.53 -7.45
N LYS D 301 -11.69 -7.84 -7.44
CA LYS D 301 -10.77 -8.47 -6.48
C LYS D 301 -9.38 -7.86 -6.61
N TYR D 302 -8.89 -7.65 -7.85
CA TYR D 302 -7.61 -7.03 -8.14
C TYR D 302 -7.58 -5.59 -7.59
N MET D 303 -8.62 -4.78 -7.88
CA MET D 303 -8.73 -3.39 -7.44
C MET D 303 -8.76 -3.29 -5.91
N GLU D 304 -9.49 -4.20 -5.24
CA GLU D 304 -9.61 -4.28 -3.78
C GLU D 304 -8.26 -4.63 -3.13
N THR D 305 -7.46 -5.48 -3.79
CA THR D 305 -6.16 -5.91 -3.28
C THR D 305 -5.14 -4.77 -3.39
N VAL D 306 -5.15 -4.04 -4.51
CA VAL D 306 -4.25 -2.90 -4.76
C VAL D 306 -4.61 -1.76 -3.79
N LYS D 307 -5.91 -1.60 -3.48
CA LYS D 307 -6.44 -0.60 -2.54
C LYS D 307 -5.85 -0.80 -1.13
N LEU D 308 -5.60 -2.07 -0.75
CA LEU D 308 -5.04 -2.43 0.56
C LEU D 308 -3.55 -2.12 0.69
N LEU D 309 -2.87 -1.81 -0.43
CA LEU D 309 -1.46 -1.51 -0.41
C LEU D 309 -1.15 -0.13 0.14
N ASP D 310 -0.16 -0.09 1.04
CA ASP D 310 0.38 1.14 1.57
C ASP D 310 1.42 1.66 0.58
N TYR D 311 1.79 2.94 0.69
CA TYR D 311 2.72 3.60 -0.21
C TYR D 311 4.06 2.86 -0.34
N THR D 312 4.65 2.39 0.79
CA THR D 312 5.96 1.72 0.80
C THR D 312 5.86 0.18 0.79
N GLU D 313 4.63 -0.35 0.83
CA GLU D 313 4.37 -1.79 0.89
C GLU D 313 4.78 -2.57 -0.36
N LYS D 314 5.43 -3.72 -0.14
CA LYS D 314 5.80 -4.65 -1.20
C LYS D 314 4.56 -5.44 -1.58
N PRO D 315 4.13 -5.38 -2.86
CA PRO D 315 2.94 -6.16 -3.27
C PRO D 315 3.18 -7.67 -3.21
N LEU D 316 2.12 -8.42 -2.96
CA LEU D 316 2.14 -9.88 -3.00
C LEU D 316 1.74 -10.25 -4.42
N TYR D 317 2.73 -10.19 -5.34
CA TYR D 317 2.59 -10.41 -6.78
C TYR D 317 1.95 -11.76 -7.12
N GLU D 318 2.29 -12.82 -6.37
CA GLU D 318 1.75 -14.17 -6.58
C GLU D 318 0.24 -14.21 -6.32
N ASN D 319 -0.22 -13.49 -5.28
CA ASN D 319 -1.64 -13.38 -4.92
C ASN D 319 -2.42 -12.64 -6.03
N LEU D 320 -1.82 -11.60 -6.63
CA LEU D 320 -2.43 -10.85 -7.74
C LEU D 320 -2.53 -11.74 -9.00
N ARG D 321 -1.51 -12.59 -9.23
CA ARG D 321 -1.49 -13.55 -10.34
C ARG D 321 -2.59 -14.60 -10.18
N ASP D 322 -2.81 -15.11 -8.95
CA ASP D 322 -3.85 -16.10 -8.65
C ASP D 322 -5.23 -15.53 -8.93
N ILE D 323 -5.45 -14.24 -8.61
CA ILE D 323 -6.71 -13.52 -8.87
C ILE D 323 -6.99 -13.56 -10.38
N LEU D 324 -5.99 -13.22 -11.21
CA LEU D 324 -6.14 -13.21 -12.66
C LEU D 324 -6.27 -14.61 -13.24
N LEU D 325 -5.57 -15.62 -12.66
CA LEU D 325 -5.64 -17.02 -13.05
C LEU D 325 -7.03 -17.62 -12.77
N GLN D 326 -7.71 -17.14 -11.70
CA GLN D 326 -9.07 -17.56 -11.34
C GLN D 326 -10.05 -17.07 -12.41
N GLY D 327 -9.78 -15.90 -12.98
CA GLY D 327 -10.55 -15.31 -14.08
C GLY D 327 -10.45 -16.14 -15.34
N LEU D 328 -9.25 -16.72 -15.61
CA LEU D 328 -8.99 -17.59 -16.76
C LEU D 328 -9.74 -18.92 -16.62
N LYS D 329 -9.77 -19.46 -15.39
CA LYS D 329 -10.48 -20.70 -15.05
C LYS D 329 -12.00 -20.49 -15.20
N ALA D 330 -12.49 -19.28 -14.80
CA ALA D 330 -13.89 -18.87 -14.88
C ALA D 330 -14.41 -18.85 -16.32
N ILE D 331 -13.56 -18.46 -17.29
CA ILE D 331 -13.91 -18.41 -18.72
C ILE D 331 -13.58 -19.72 -19.47
N GLY D 332 -13.22 -20.76 -18.71
CA GLY D 332 -12.90 -22.08 -19.23
C GLY D 332 -11.56 -22.19 -19.93
N SER D 333 -10.66 -21.22 -19.69
CA SER D 333 -9.33 -21.18 -20.29
C SER D 333 -8.26 -21.42 -19.21
N LYS D 334 -6.99 -21.19 -19.56
CA LYS D 334 -5.81 -21.35 -18.71
C LYS D 334 -4.70 -20.43 -19.23
N ASP D 335 -3.63 -20.26 -18.44
CA ASP D 335 -2.50 -19.46 -18.87
C ASP D 335 -1.64 -20.29 -19.83
N ASP D 336 -1.97 -20.19 -21.13
CA ASP D 336 -1.26 -20.87 -22.21
C ASP D 336 -0.35 -19.88 -22.94
N GLY D 337 -0.32 -18.64 -22.46
CA GLY D 337 0.47 -17.54 -23.04
C GLY D 337 -0.01 -17.07 -24.39
N LYS D 338 -1.27 -17.37 -24.73
CA LYS D 338 -1.84 -16.96 -26.01
C LYS D 338 -2.59 -15.64 -25.85
N LEU D 339 -2.05 -14.56 -26.48
CA LEU D 339 -2.67 -13.23 -26.53
C LEU D 339 -3.61 -13.31 -27.74
N ASP D 340 -4.93 -13.16 -27.58
CA ASP D 340 -5.80 -13.35 -28.74
C ASP D 340 -6.01 -12.02 -29.49
N LEU D 341 -4.99 -11.62 -30.26
CA LEU D 341 -4.97 -10.36 -31.03
C LEU D 341 -5.10 -10.63 -32.53
C10 REB E . 24.82 -42.37 18.84
N12 REB E . 26.84 -42.55 19.53
C15 REB E . 24.64 -42.03 22.42
C20 REB E . 20.10 -40.39 20.02
C21 REB E . 21.20 -39.55 20.32
C22 REB E . 22.32 -39.39 19.34
C24 REB E . 21.09 -38.86 21.67
C02 REB E . 23.79 -43.74 14.44
C03 REB E . 22.49 -43.58 13.94
N04 REB E . 21.50 -42.92 14.72
C05 REB E . 21.74 -42.46 15.92
N06 REB E . 23.02 -42.67 16.41
C07 REB E . 24.04 -43.26 15.75
N08 REB E . 25.29 -43.30 16.51
C09 REB E . 25.68 -42.91 17.79
C11 REB E . 25.67 -42.17 19.89
N13 REB E . 26.87 -43.01 18.26
C14 REB E . 25.42 -41.66 21.24
C16 REB E . 24.29 -40.80 21.65
N17 REB E . 20.88 -41.81 16.73
C18 REB E . 21.04 -41.01 17.89
C19 REB E . 20.02 -41.10 18.82
C23 REB E . 22.21 -40.17 18.10
C25 REB E . 21.23 -39.91 22.71
N26 REB E . 21.17 -40.79 23.42
C1 EDO F . 20.72 -26.01 16.14
O1 EDO F . 20.91 -25.94 14.72
C2 EDO F . 21.40 -24.87 16.89
O2 EDO F . 20.59 -24.50 18.01
C1 GOL G . 6.92 -46.70 6.16
O1 GOL G . 8.26 -46.67 6.70
C2 GOL G . 6.79 -47.47 4.85
O2 GOL G . 6.76 -46.50 3.77
C3 GOL G . 5.52 -48.34 4.83
O3 GOL G . 5.31 -48.90 3.53
C10 REB H . -14.25 -12.17 19.32
N12 REB H . -14.13 -13.92 20.55
C15 REB H . -17.57 -12.76 19.27
C20 REB H . -16.80 -8.96 19.72
C21 REB H . -17.94 -8.84 18.84
C22 REB H . -17.75 -8.46 17.41
C24 REB H . -19.31 -9.16 19.47
C02 REB H . -10.27 -9.94 17.99
C03 REB H . -10.35 -8.71 17.30
N04 REB H . -11.58 -8.05 17.10
C05 REB H . -12.71 -8.57 17.54
N06 REB H . -12.65 -9.80 18.19
C07 REB H . -11.51 -10.49 18.43
N08 REB H . -11.79 -11.72 19.18
C09 REB H . -12.89 -12.45 19.65
C11 REB H . -14.96 -13.17 19.94
N13 REB H . -12.86 -13.51 20.38
C14 REB H . -16.40 -13.36 19.95
C16 REB H . -17.31 -12.48 20.73
N17 REB H . -13.97 -8.06 17.44
C18 REB H . -15.29 -8.33 17.90
C19 REB H . -15.49 -8.69 19.24
C23 REB H . -16.39 -8.19 16.96
C25 REB H . -19.94 -10.21 18.62
N26 REB H . -20.25 -11.03 17.88
C1 GOL I . -5.91 5.14 4.98
O1 GOL I . -6.26 3.88 4.39
C2 GOL I . -7.03 5.70 5.86
O2 GOL I . -6.55 6.91 6.47
C3 GOL I . -7.50 4.72 6.93
O3 GOL I . -8.11 3.53 6.38
C1 EDO J . -11.41 17.34 24.50
O1 EDO J . -12.35 16.51 23.80
C2 EDO J . -12.08 18.66 24.86
O2 EDO J . -11.14 19.44 25.61
C10 REB K . -27.38 33.59 -16.84
N12 REB K . -28.88 34.40 -18.15
C15 REB K . -27.90 30.75 -18.58
C20 REB K . -23.40 29.61 -15.57
C21 REB K . -23.82 29.92 -16.90
C22 REB K . -24.35 31.27 -17.23
C24 REB K . -23.66 28.75 -17.87
C02 REB K . -25.93 36.36 -13.19
C03 REB K . -24.93 36.01 -12.27
N04 REB K . -24.27 34.79 -12.42
C05 REB K . -24.56 33.95 -13.43
N06 REB K . -25.56 34.32 -14.33
C07 REB K . -26.24 35.45 -14.24
N08 REB K . -27.22 35.57 -15.33
C09 REB K . -27.74 34.91 -16.41
C11 REB K . -28.15 33.36 -17.93
N13 REB K . -28.64 35.35 -17.21
C14 REB K . -28.18 32.18 -18.76
C16 REB K . -26.95 31.62 -19.32
N17 REB K . -24.00 32.73 -13.72
C18 REB K . -23.96 31.85 -14.83
C19 REB K . -23.48 30.58 -14.55
C23 REB K . -24.40 32.23 -16.15
C25 REB K . -25.03 28.26 -18.09
N26 REB K . -26.15 28.06 -18.19
C1 EDO L . 3.27 34.70 -12.90
O1 EDO L . 4.62 34.20 -12.78
C2 EDO L . 2.37 33.57 -12.41
O2 EDO L . 0.97 33.86 -12.50
C1 EDO M . 8.57 44.53 -7.02
O1 EDO M . 7.72 44.29 -8.15
C2 EDO M . 7.79 44.69 -5.72
O2 EDO M . 7.37 46.06 -5.59
C1 EDO N . 5.25 43.68 -3.16
O1 EDO N . 5.16 43.11 -4.46
C2 EDO N . 4.53 45.03 -3.14
O2 EDO N . 5.15 45.92 -4.10
C10 REB O . 10.33 0.88 -31.35
N12 REB O . 10.28 -0.29 -33.13
C15 REB O . 8.63 2.47 -34.47
C20 REB O . 8.63 5.45 -28.91
C21 REB O . 7.69 4.72 -29.71
C22 REB O . 7.69 3.24 -29.69
C24 REB O . 6.73 5.61 -30.51
C02 REB O . 12.97 -0.59 -27.68
C03 REB O . 13.03 0.13 -26.46
N04 REB O . 12.24 1.29 -26.30
C05 REB O . 11.44 1.73 -27.28
N06 REB O . 11.42 1.02 -28.46
C07 REB O . 12.15 -0.09 -28.71
N08 REB O . 11.90 -0.62 -30.06
C09 REB O . 11.16 -0.29 -31.21
C11 REB O . 9.81 0.80 -32.59
N13 REB O . 11.11 -0.97 -32.31
C14 REB O . 8.87 1.73 -33.24
C16 REB O . 8.93 3.21 -33.21
N17 REB O . 10.62 2.82 -27.27
C18 REB O . 9.62 3.38 -28.10
C19 REB O . 9.59 4.78 -28.13
C23 REB O . 8.68 2.57 -28.88
C25 REB O . 7.47 6.62 -31.29
N26 REB O . 8.06 7.50 -31.73
#